data_8TBO
# 
_entry.id   8TBO 
# 
_audit_conform.dict_name       mmcif_pdbx.dic 
_audit_conform.dict_version    5.383 
_audit_conform.dict_location   http://mmcif.pdb.org/dictionaries/ascii/mmcif_pdbx.dic 
# 
loop_
_database_2.database_id 
_database_2.database_code 
_database_2.pdbx_database_accession 
_database_2.pdbx_DOI 
PDB   8TBO         pdb_00008tbo 10.2210/pdb8tbo/pdb 
WWPDB D_1000275300 ?            ?                   
# 
_pdbx_database_status.status_code                     REL 
_pdbx_database_status.status_code_sf                  REL 
_pdbx_database_status.status_code_mr                  ? 
_pdbx_database_status.entry_id                        8TBO 
_pdbx_database_status.recvd_initial_deposition_date   2023-06-29 
_pdbx_database_status.SG_entry                        N 
_pdbx_database_status.deposit_site                    RCSB 
_pdbx_database_status.process_site                    RCSB 
_pdbx_database_status.status_code_cs                  ? 
_pdbx_database_status.status_code_nmr_data            ? 
_pdbx_database_status.methods_development_category    ? 
_pdbx_database_status.pdb_format_compatible           Y 
# 
loop_
_audit_author.name 
_audit_author.pdbx_ordinal 
_audit_author.identifier_ORCID 
'Simmons, C.R.'      1 0000-0002-2290-6132 
'MacCulloch, T.'     2 0000-0001-5875-3361 
'Stephanopoulos, N.' 3 0000-0001-7859-410X 
'Yan, H.'            4 0000-0001-7397-9852 
# 
_citation.abstract                  ? 
_citation.abstract_id_CAS           ? 
_citation.book_id_ISBN              ? 
_citation.book_publisher            ? 
_citation.book_publisher_city       ? 
_citation.book_title                ? 
_citation.coordinate_linkage        ? 
_citation.country                   US 
_citation.database_id_Medline       ? 
_citation.details                   ? 
_citation.id                        primary 
_citation.journal_abbrev            J.Am.Chem.Soc. 
_citation.journal_id_ASTM           JACSAT 
_citation.journal_id_CSD            ? 
_citation.journal_id_ISSN           1520-5126 
_citation.journal_full              ? 
_citation.journal_issue             ? 
_citation.journal_volume            145 
_citation.language                  ? 
_citation.page_first                26075 
_citation.page_last                 26085 
_citation.title                     
;Site-Specific Arrangement and Structure Determination of Minor Groove Binding Molecules in Self-Assembled Three-Dimensional DNA Crystals.
;
_citation.year                      2023 
_citation.database_id_CSD           ? 
_citation.pdbx_database_id_DOI      10.1021/jacs.3c07802 
_citation.pdbx_database_id_PubMed   37987645 
_citation.pdbx_database_id_patent   ? 
_citation.unpublished_flag          ? 
# 
loop_
_citation_author.citation_id 
_citation_author.name 
_citation_author.ordinal 
_citation_author.identifier_ORCID 
primary 'Simmons, C.R.'      1 0000-0002-2290-6132 
primary 'Buchberger, A.'     2 ?                   
primary 'Henry, S.J.W.'      3 0000-0002-5132-3948 
primary 'Novacek, A.'        4 ?                   
primary 'Fahmi, N.E.'        5 ?                   
primary 'MacCulloch, T.'     6 ?                   
primary 'Stephanopoulos, N.' 7 0000-0001-7859-410X 
primary 'Yan, H.'            8 0000-0001-7397-9852 
# 
_cell.angle_alpha                  90.00 
_cell.angle_alpha_esd              ? 
_cell.angle_beta                   90.00 
_cell.angle_beta_esd               ? 
_cell.angle_gamma                  120.00 
_cell.angle_gamma_esd              ? 
_cell.entry_id                     8TBO 
_cell.details                      ? 
_cell.formula_units_Z              ? 
_cell.length_a                     68.164 
_cell.length_a_esd                 ? 
_cell.length_b                     68.164 
_cell.length_b_esd                 ? 
_cell.length_c                     63.053 
_cell.length_c_esd                 ? 
_cell.volume                       ? 
_cell.volume_esd                   ? 
_cell.Z_PDB                        6 
_cell.reciprocal_angle_alpha       ? 
_cell.reciprocal_angle_beta        ? 
_cell.reciprocal_angle_gamma       ? 
_cell.reciprocal_angle_alpha_esd   ? 
_cell.reciprocal_angle_beta_esd    ? 
_cell.reciprocal_angle_gamma_esd   ? 
_cell.reciprocal_length_a          ? 
_cell.reciprocal_length_b          ? 
_cell.reciprocal_length_c          ? 
_cell.reciprocal_length_a_esd      ? 
_cell.reciprocal_length_b_esd      ? 
_cell.reciprocal_length_c_esd      ? 
_cell.pdbx_unique_axis             ? 
_cell.pdbx_esd_method              ? 
# 
_symmetry.entry_id                         8TBO 
_symmetry.cell_setting                     ? 
_symmetry.Int_Tables_number                154 
_symmetry.space_group_name_Hall            ? 
_symmetry.space_group_name_H-M             'P 32 2 1' 
_symmetry.pdbx_full_space_group_name_H-M   ? 
# 
loop_
_entity.id 
_entity.type 
_entity.src_method 
_entity.pdbx_description 
_entity.formula_weight 
_entity.pdbx_number_of_molecules 
_entity.pdbx_ec 
_entity.pdbx_mutation 
_entity.pdbx_fragment 
_entity.details 
1 polymer     syn 
;DNA (5'-D(*GP*AP*CP*AP*AP*TP*TP*GP*CP*TP*GP*AP*CP*GP*AP*CP*AP*CP*TP*CP*A)-3')
;
6416.175 1 ? ? ? ? 
2 polymer     syn 
;DNA (5'-D(P*CP*GP*TP*CP*A)-3')
;
1480.012 1 ? ? ? ? 
3 polymer     syn 
;DNA (5'-D(*TP*CP*TP*GP*AP*GP*TP*GP*T)-3')
;
2761.820 1 ? ? ? ? 
4 polymer     syn 
;DNA (5'-D(P*GP*CP*AP*AP*TP*TP*G)-3')
;
2137.435 1 ? ? ? ? 
5 non-polymer syn NETROPSIN                                                                       430.464  1 ? ? ? ? 
6 non-polymer syn 'CACODYLATE ION'                                                                136.989  4 ? ? ? ? 
7 water       nat water                                                                           18.015   3 ? ? ? ? 
# 
loop_
_entity_poly.entity_id 
_entity_poly.type 
_entity_poly.nstd_linkage 
_entity_poly.nstd_monomer 
_entity_poly.pdbx_seq_one_letter_code 
_entity_poly.pdbx_seq_one_letter_code_can 
_entity_poly.pdbx_strand_id 
_entity_poly.pdbx_target_identifier 
1 polydeoxyribonucleotide no no 
;(DG)(DA)(DC)(DA)(DA)(DT)(DT)(DG)(DC)(DT)(DG)(DA)(DC)(DG)(DA)(DC)(DA)(DC)(DT)(DC)
(DA)
;
GACAATTGCTGACGACACTCA A ? 
2 polydeoxyribonucleotide no no '(DC)(DG)(DT)(DC)(DA)'                                                                  CGTCA B ? 
3 polydeoxyribonucleotide no no '(DT)(DC)(DT)(DG)(DA)(DG)(DT)(DG)(DT)'                                                  TCTGAGTGT 
C ? 
4 polydeoxyribonucleotide no no '(DG)(DC)(DA)(DA)(DT)(DT)(DG)'                                                          GCAATTG D 
? 
# 
loop_
_entity_poly_seq.entity_id 
_entity_poly_seq.num 
_entity_poly_seq.mon_id 
_entity_poly_seq.hetero 
1 1  DG n 
1 2  DA n 
1 3  DC n 
1 4  DA n 
1 5  DA n 
1 6  DT n 
1 7  DT n 
1 8  DG n 
1 9  DC n 
1 10 DT n 
1 11 DG n 
1 12 DA n 
1 13 DC n 
1 14 DG n 
1 15 DA n 
1 16 DC n 
1 17 DA n 
1 18 DC n 
1 19 DT n 
1 20 DC n 
1 21 DA n 
2 1  DC n 
2 2  DG n 
2 3  DT n 
2 4  DC n 
2 5  DA n 
3 1  DT n 
3 2  DC n 
3 3  DT n 
3 4  DG n 
3 5  DA n 
3 6  DG n 
3 7  DT n 
3 8  DG n 
3 9  DT n 
4 1  DG n 
4 2  DC n 
4 3  DA n 
4 4  DA n 
4 5  DT n 
4 6  DT n 
4 7  DG n 
# 
loop_
_pdbx_entity_src_syn.entity_id 
_pdbx_entity_src_syn.pdbx_src_id 
_pdbx_entity_src_syn.pdbx_alt_source_flag 
_pdbx_entity_src_syn.pdbx_beg_seq_num 
_pdbx_entity_src_syn.pdbx_end_seq_num 
_pdbx_entity_src_syn.organism_scientific 
_pdbx_entity_src_syn.organism_common_name 
_pdbx_entity_src_syn.ncbi_taxonomy_id 
_pdbx_entity_src_syn.details 
1 1 sample 1 21 'synthetic construct' ? 32630 ? 
2 1 sample 1 5  'synthetic construct' ? 32630 ? 
3 1 sample 1 9  'synthetic construct' ? 32630 ? 
4 1 sample 1 7  'synthetic construct' ? 32630 ? 
# 
loop_
_struct_ref.id 
_struct_ref.db_name 
_struct_ref.db_code 
_struct_ref.pdbx_db_accession 
_struct_ref.pdbx_db_isoform 
_struct_ref.entity_id 
_struct_ref.pdbx_seq_one_letter_code 
_struct_ref.pdbx_align_begin 
1 PDB 8TBO 8TBO ? 1 ? 1 
2 PDB 8TBO 8TBO ? 2 ? 1 
3 PDB 8TBO 8TBO ? 3 ? 1 
4 PDB 8TBO 8TBO ? 4 ? 1 
# 
loop_
_struct_ref_seq.align_id 
_struct_ref_seq.ref_id 
_struct_ref_seq.pdbx_PDB_id_code 
_struct_ref_seq.pdbx_strand_id 
_struct_ref_seq.seq_align_beg 
_struct_ref_seq.pdbx_seq_align_beg_ins_code 
_struct_ref_seq.seq_align_end 
_struct_ref_seq.pdbx_seq_align_end_ins_code 
_struct_ref_seq.pdbx_db_accession 
_struct_ref_seq.db_align_beg 
_struct_ref_seq.pdbx_db_align_beg_ins_code 
_struct_ref_seq.db_align_end 
_struct_ref_seq.pdbx_db_align_end_ins_code 
_struct_ref_seq.pdbx_auth_seq_align_beg 
_struct_ref_seq.pdbx_auth_seq_align_end 
1 1 8TBO A 1 ? 21 ? 8TBO 1  ? 21 ? 1  21 
2 2 8TBO B 1 ? 5  ? 8TBO 1  ? 5  ? 1  5  
3 3 8TBO C 1 ? 9  ? 8TBO 1  ? 9  ? 1  9  
4 4 8TBO D 1 ? 7  ? 8TBO 10 ? 16 ? 10 16 
# 
loop_
_chem_comp.id 
_chem_comp.type 
_chem_comp.mon_nstd_flag 
_chem_comp.name 
_chem_comp.pdbx_synonyms 
_chem_comp.formula 
_chem_comp.formula_weight 
CAC non-polymer   . 'CACODYLATE ION'                     dimethylarsinate 'C2 H6 As O2 -1'  136.989 
DA  'DNA linking' y "2'-DEOXYADENOSINE-5'-MONOPHOSPHATE" ?                'C10 H14 N5 O6 P' 331.222 
DC  'DNA linking' y "2'-DEOXYCYTIDINE-5'-MONOPHOSPHATE"  ?                'C9 H14 N3 O7 P'  307.197 
DG  'DNA linking' y "2'-DEOXYGUANOSINE-5'-MONOPHOSPHATE" ?                'C10 H14 N5 O7 P' 347.221 
DT  'DNA linking' y "THYMIDINE-5'-MONOPHOSPHATE"         ?                'C10 H15 N2 O8 P' 322.208 
HOH non-polymer   . WATER                                ?                'H2 O'            18.015  
NT  non-polymer   . NETROPSIN                            ?                'C18 H26 N10 O3'  430.464 
# 
_exptl.absorpt_coefficient_mu     ? 
_exptl.absorpt_correction_T_max   ? 
_exptl.absorpt_correction_T_min   ? 
_exptl.absorpt_correction_type    ? 
_exptl.absorpt_process_details    ? 
_exptl.entry_id                   8TBO 
_exptl.crystals_number            1 
_exptl.details                    ? 
_exptl.method                     'X-RAY DIFFRACTION' 
_exptl.method_details             ? 
# 
_exptl_crystal.colour                       ? 
_exptl_crystal.density_diffrn               ? 
_exptl_crystal.density_Matthews             3.30 
_exptl_crystal.density_method               ? 
_exptl_crystal.density_percent_sol          62.78 
_exptl_crystal.description                  ? 
_exptl_crystal.F_000                        ? 
_exptl_crystal.id                           1 
_exptl_crystal.preparation                  ? 
_exptl_crystal.size_max                     ? 
_exptl_crystal.size_mid                     ? 
_exptl_crystal.size_min                     ? 
_exptl_crystal.size_rad                     ? 
_exptl_crystal.colour_lustre                ? 
_exptl_crystal.colour_modifier              ? 
_exptl_crystal.colour_primary               ? 
_exptl_crystal.density_meas                 ? 
_exptl_crystal.density_meas_esd             ? 
_exptl_crystal.density_meas_gt              ? 
_exptl_crystal.density_meas_lt              ? 
_exptl_crystal.density_meas_temp            ? 
_exptl_crystal.density_meas_temp_esd        ? 
_exptl_crystal.density_meas_temp_gt         ? 
_exptl_crystal.density_meas_temp_lt         ? 
_exptl_crystal.pdbx_crystal_image_url       ? 
_exptl_crystal.pdbx_crystal_image_format    ? 
_exptl_crystal.pdbx_mosaicity               ? 
_exptl_crystal.pdbx_mosaicity_esd           ? 
_exptl_crystal.pdbx_mosaic_method           ? 
_exptl_crystal.pdbx_mosaic_block_size       ? 
_exptl_crystal.pdbx_mosaic_block_size_esd   ? 
# 
_exptl_crystal_grow.apparatus       ? 
_exptl_crystal_grow.atmosphere      ? 
_exptl_crystal_grow.crystal_id      1 
_exptl_crystal_grow.details         ? 
_exptl_crystal_grow.method          'VAPOR DIFFUSION, SITTING DROP' 
_exptl_crystal_grow.method_ref      ? 
_exptl_crystal_grow.pH              ? 
_exptl_crystal_grow.pressure        ? 
_exptl_crystal_grow.pressure_esd    ? 
_exptl_crystal_grow.seeding         ? 
_exptl_crystal_grow.seeding_ref     ? 
_exptl_crystal_grow.temp_details    'temperature gradient generated from 60 to 25 C at 0.3 degrees per hour' 
_exptl_crystal_grow.temp_esd        ? 
_exptl_crystal_grow.time            ? 
_exptl_crystal_grow.pdbx_details    
;0.5 mL of 0.05 M Na Cacodylate pH 7.0, with 18 mM MgCl2, 2.25 mM spermine, 0.9 mM CoH18N6, and 4.5% MPD was added to the reservoir with 2 uL added to the drop containing 4 uL of DNA stock.
;
_exptl_crystal_grow.pdbx_pH_range   ? 
_exptl_crystal_grow.temp            298 
# 
_diffrn.ambient_environment              ? 
_diffrn.ambient_temp                     100 
_diffrn.ambient_temp_details             ? 
_diffrn.ambient_temp_esd                 ? 
_diffrn.crystal_id                       1 
_diffrn.crystal_support                  ? 
_diffrn.crystal_treatment                ? 
_diffrn.details                          ? 
_diffrn.id                               1 
_diffrn.ambient_pressure                 ? 
_diffrn.ambient_pressure_esd             ? 
_diffrn.ambient_pressure_gt              ? 
_diffrn.ambient_pressure_lt              ? 
_diffrn.ambient_temp_gt                  ? 
_diffrn.ambient_temp_lt                  ? 
_diffrn.pdbx_serial_crystal_experiment   N 
# 
_diffrn_detector.details                      ? 
_diffrn_detector.detector                     PIXEL 
_diffrn_detector.diffrn_id                    1 
_diffrn_detector.type                         'DECTRIS EIGER X 16M' 
_diffrn_detector.area_resol_mean              ? 
_diffrn_detector.dtime                        ? 
_diffrn_detector.pdbx_frames_total            ? 
_diffrn_detector.pdbx_collection_time_total   ? 
_diffrn_detector.pdbx_collection_date         2019-11-16 
_diffrn_detector.pdbx_frequency               ? 
_diffrn_detector.id                           ? 
_diffrn_detector.number_of_axes               ? 
# 
_diffrn_radiation.collimation                      ? 
_diffrn_radiation.diffrn_id                        1 
_diffrn_radiation.filter_edge                      ? 
_diffrn_radiation.inhomogeneity                    ? 
_diffrn_radiation.monochromator                    ? 
_diffrn_radiation.polarisn_norm                    ? 
_diffrn_radiation.polarisn_ratio                   ? 
_diffrn_radiation.probe                            ? 
_diffrn_radiation.type                             ? 
_diffrn_radiation.xray_symbol                      ? 
_diffrn_radiation.wavelength_id                    1 
_diffrn_radiation.pdbx_monochromatic_or_laue_m_l   M 
_diffrn_radiation.pdbx_wavelength_list             ? 
_diffrn_radiation.pdbx_wavelength                  ? 
_diffrn_radiation.pdbx_diffrn_protocol             'SINGLE WAVELENGTH' 
_diffrn_radiation.pdbx_analyzer                    ? 
_diffrn_radiation.pdbx_scattering_type             x-ray 
# 
_diffrn_radiation_wavelength.id           1 
_diffrn_radiation_wavelength.wavelength   0.98 
_diffrn_radiation_wavelength.wt           1.0 
# 
_diffrn_source.current                     ? 
_diffrn_source.details                     ? 
_diffrn_source.diffrn_id                   1 
_diffrn_source.power                       ? 
_diffrn_source.size                        ? 
_diffrn_source.source                      SYNCHROTRON 
_diffrn_source.target                      ? 
_diffrn_source.type                        'NSLS-II BEAMLINE 17-ID-2' 
_diffrn_source.voltage                     ? 
_diffrn_source.take-off_angle              ? 
_diffrn_source.pdbx_wavelength_list        0.98 
_diffrn_source.pdbx_wavelength             ? 
_diffrn_source.pdbx_synchrotron_beamline   17-ID-2 
_diffrn_source.pdbx_synchrotron_site       NSLS-II 
# 
_reflns.B_iso_Wilson_estimate                          ? 
_reflns.entry_id                                       8TBO 
_reflns.data_reduction_details                         ? 
_reflns.data_reduction_method                          ? 
_reflns.d_resolution_high                              2.599 
_reflns.d_resolution_low                               50.00 
_reflns.details                                        ? 
_reflns.limit_h_max                                    ? 
_reflns.limit_h_min                                    ? 
_reflns.limit_k_max                                    ? 
_reflns.limit_k_min                                    ? 
_reflns.limit_l_max                                    ? 
_reflns.limit_l_min                                    ? 
_reflns.number_all                                     ? 
_reflns.number_obs                                     5449 
_reflns.observed_criterion                             ? 
_reflns.observed_criterion_F_max                       ? 
_reflns.observed_criterion_F_min                       ? 
_reflns.observed_criterion_I_max                       ? 
_reflns.observed_criterion_I_min                       ? 
_reflns.observed_criterion_sigma_F                     ? 
_reflns.observed_criterion_sigma_I                     ? 
_reflns.percent_possible_obs                           99.1 
_reflns.R_free_details                                 ? 
_reflns.Rmerge_F_all                                   ? 
_reflns.Rmerge_F_obs                                   ? 
_reflns.Friedel_coverage                               ? 
_reflns.number_gt                                      ? 
_reflns.threshold_expression                           ? 
_reflns.pdbx_redundancy                                16.7 
_reflns.pdbx_netI_over_av_sigmaI                       ? 
_reflns.pdbx_netI_over_sigmaI                          12.6 
_reflns.pdbx_res_netI_over_av_sigmaI_2                 ? 
_reflns.pdbx_res_netI_over_sigmaI_2                    ? 
_reflns.pdbx_chi_squared                               3.097 
_reflns.pdbx_scaling_rejects                           ? 
_reflns.pdbx_d_res_high_opt                            ? 
_reflns.pdbx_d_res_low_opt                             ? 
_reflns.pdbx_d_res_opt_method                          ? 
_reflns.phase_calculation_details                      ? 
_reflns.pdbx_Rrim_I_all                                0.089 
_reflns.pdbx_Rpim_I_all                                0.023 
_reflns.pdbx_d_opt                                     ? 
_reflns.pdbx_number_measured_all                       ? 
_reflns.pdbx_diffrn_id                                 1 
_reflns.pdbx_ordinal                                   1 
_reflns.pdbx_CC_half                                   0.956 
_reflns.pdbx_CC_star                                   0.989 
_reflns.pdbx_R_split                                   ? 
_reflns.pdbx_Rmerge_I_obs                              0.085 
_reflns.pdbx_Rmerge_I_all                              ? 
_reflns.pdbx_Rsym_value                                ? 
_reflns.pdbx_CC_split_method                           ? 
_reflns.pdbx_aniso_diffraction_limit_axis_1_ortho[1]   ? 
_reflns.pdbx_aniso_diffraction_limit_axis_1_ortho[2]   ? 
_reflns.pdbx_aniso_diffraction_limit_axis_1_ortho[3]   ? 
_reflns.pdbx_aniso_diffraction_limit_axis_2_ortho[1]   ? 
_reflns.pdbx_aniso_diffraction_limit_axis_2_ortho[2]   ? 
_reflns.pdbx_aniso_diffraction_limit_axis_2_ortho[3]   ? 
_reflns.pdbx_aniso_diffraction_limit_axis_3_ortho[1]   ? 
_reflns.pdbx_aniso_diffraction_limit_axis_3_ortho[2]   ? 
_reflns.pdbx_aniso_diffraction_limit_axis_3_ortho[3]   ? 
_reflns.pdbx_aniso_diffraction_limit_1                 ? 
_reflns.pdbx_aniso_diffraction_limit_2                 ? 
_reflns.pdbx_aniso_diffraction_limit_3                 ? 
_reflns.pdbx_aniso_B_tensor_eigenvector_1_ortho[1]     ? 
_reflns.pdbx_aniso_B_tensor_eigenvector_1_ortho[2]     ? 
_reflns.pdbx_aniso_B_tensor_eigenvector_1_ortho[3]     ? 
_reflns.pdbx_aniso_B_tensor_eigenvector_2_ortho[1]     ? 
_reflns.pdbx_aniso_B_tensor_eigenvector_2_ortho[2]     ? 
_reflns.pdbx_aniso_B_tensor_eigenvector_2_ortho[3]     ? 
_reflns.pdbx_aniso_B_tensor_eigenvector_3_ortho[1]     ? 
_reflns.pdbx_aniso_B_tensor_eigenvector_3_ortho[2]     ? 
_reflns.pdbx_aniso_B_tensor_eigenvector_3_ortho[3]     ? 
_reflns.pdbx_aniso_B_tensor_eigenvalue_1               ? 
_reflns.pdbx_aniso_B_tensor_eigenvalue_2               ? 
_reflns.pdbx_aniso_B_tensor_eigenvalue_3               ? 
_reflns.pdbx_orthogonalization_convention              ? 
_reflns.pdbx_percent_possible_ellipsoidal              ? 
_reflns.pdbx_percent_possible_spherical                ? 
_reflns.pdbx_percent_possible_ellipsoidal_anomalous    ? 
_reflns.pdbx_percent_possible_spherical_anomalous      ? 
_reflns.pdbx_redundancy_anomalous                      ? 
_reflns.pdbx_CC_half_anomalous                         ? 
_reflns.pdbx_absDiff_over_sigma_anomalous              ? 
_reflns.pdbx_percent_possible_anomalous                ? 
_reflns.pdbx_observed_signal_threshold                 ? 
_reflns.pdbx_signal_type                               ? 
_reflns.pdbx_signal_details                            ? 
_reflns.pdbx_signal_software_id                        ? 
# 
loop_
_reflns_shell.d_res_high 
_reflns_shell.d_res_low 
_reflns_shell.meanI_over_sigI_all 
_reflns_shell.meanI_over_sigI_obs 
_reflns_shell.number_measured_all 
_reflns_shell.number_measured_obs 
_reflns_shell.number_possible 
_reflns_shell.number_unique_all 
_reflns_shell.number_unique_obs 
_reflns_shell.percent_possible_obs 
_reflns_shell.Rmerge_F_all 
_reflns_shell.Rmerge_F_obs 
_reflns_shell.meanI_over_sigI_gt 
_reflns_shell.meanI_over_uI_all 
_reflns_shell.meanI_over_uI_gt 
_reflns_shell.number_measured_gt 
_reflns_shell.number_unique_gt 
_reflns_shell.percent_possible_gt 
_reflns_shell.Rmerge_F_gt 
_reflns_shell.Rmerge_I_gt 
_reflns_shell.pdbx_redundancy 
_reflns_shell.pdbx_chi_squared 
_reflns_shell.pdbx_netI_over_sigmaI_all 
_reflns_shell.pdbx_netI_over_sigmaI_obs 
_reflns_shell.pdbx_Rrim_I_all 
_reflns_shell.pdbx_Rpim_I_all 
_reflns_shell.pdbx_rejects 
_reflns_shell.pdbx_ordinal 
_reflns_shell.pdbx_diffrn_id 
_reflns_shell.pdbx_CC_half 
_reflns_shell.pdbx_CC_star 
_reflns_shell.pdbx_R_split 
_reflns_shell.percent_possible_all 
_reflns_shell.Rmerge_I_all 
_reflns_shell.Rmerge_I_obs 
_reflns_shell.pdbx_Rsym_value 
_reflns_shell.pdbx_percent_possible_ellipsoidal 
_reflns_shell.pdbx_percent_possible_spherical 
_reflns_shell.pdbx_percent_possible_ellipsoidal_anomalous 
_reflns_shell.pdbx_percent_possible_spherical_anomalous 
_reflns_shell.pdbx_redundancy_anomalous 
_reflns_shell.pdbx_CC_half_anomalous 
_reflns_shell.pdbx_absDiff_over_sigma_anomalous 
_reflns_shell.pdbx_percent_possible_anomalous 
2.60 2.64  ? ? ? ? ? ? 280 ? ? ? ? ? ? ? ? ? ? ? 12.0 0.415 ? ? 1.321 0.353 ? 1  1 0.755 0.927 ? 96.9  ? 1.269 ? ? ? ? ? ? ? ? ? 
2.64 2.69  ? ? ? ? ? ? 258 ? ? ? ? ? ? ? ? ? ? ? 14.1 0.547 ? ? 1.000 0.251 ? 2  1 0.854 0.960 ? 100.0 ? 0.966 ? ? ? ? ? ? ? ? ? 
2.69 2.74  ? ? ? ? ? ? 269 ? ? ? ? ? ? ? ? ? ? ? 16.3 0.463 ? ? 0.757 0.180 ? 3  1 0.944 0.986 ? 98.2  ? 0.734 ? ? ? ? ? ? ? ? ? 
2.74 2.80  ? ? ? ? ? ? 258 ? ? ? ? ? ? ? ? ? ? ? 17.2 0.474 ? ? 0.626 0.147 ? 4  1 0.960 0.990 ? 100.0 ? 0.608 ? ? ? ? ? ? ? ? ? 
2.80 2.86  ? ? ? ? ? ? 272 ? ? ? ? ? ? ? ? ? ? ? 18.0 0.491 ? ? 0.521 0.119 ? 5  1 0.970 0.992 ? 99.3  ? 0.507 ? ? ? ? ? ? ? ? ? 
2.86 2.93  ? ? ? ? ? ? 265 ? ? ? ? ? ? ? ? ? ? ? 18.5 0.549 ? ? 0.363 0.083 ? 6  1 0.981 0.995 ? 99.6  ? 0.353 ? ? ? ? ? ? ? ? ? 
2.93 3.00  ? ? ? ? ? ? 271 ? ? ? ? ? ? ? ? ? ? ? 18.5 0.890 ? ? 0.259 0.059 ? 7  1 0.986 0.996 ? 98.9  ? 0.252 ? ? ? ? ? ? ? ? ? 
3.00 3.08  ? ? ? ? ? ? 262 ? ? ? ? ? ? ? ? ? ? ? 18.6 1.015 ? ? 0.161 0.036 ? 8  1 0.998 1.000 ? 100.0 ? 0.156 ? ? ? ? ? ? ? ? ? 
3.08 3.17  ? ? ? ? ? ? 264 ? ? ? ? ? ? ? ? ? ? ? 17.4 1.551 ? ? 0.132 0.032 ? 9  1 0.993 0.998 ? 98.9  ? 0.127 ? ? ? ? ? ? ? ? ? 
3.17 3.28  ? ? ? ? ? ? 262 ? ? ? ? ? ? ? ? ? ? ? 15.9 2.056 ? ? 0.119 0.032 ? 10 1 0.996 0.999 ? 96.0  ? 0.114 ? ? ? ? ? ? ? ? ? 
3.28 3.39  ? ? ? ? ? ? 272 ? ? ? ? ? ? ? ? ? ? ? 18.0 3.696 ? ? 0.112 0.026 ? 11 1 0.999 1.000 ? 99.3  ? 0.109 ? ? ? ? ? ? ? ? ? 
3.39 3.53  ? ? ? ? ? ? 272 ? ? ? ? ? ? ? ? ? ? ? 17.0 3.888 ? ? 0.113 0.028 ? 12 1 0.997 0.999 ? 99.6  ? 0.109 ? ? ? ? ? ? ? ? ? 
3.53 3.69  ? ? ? ? ? ? 273 ? ? ? ? ? ? ? ? ? ? ? 17.6 4.202 ? ? 0.113 0.027 ? 13 1 0.998 0.999 ? 100.0 ? 0.110 ? ? ? ? ? ? ? ? ? 
3.69 3.88  ? ? ? ? ? ? 266 ? ? ? ? ? ? ? ? ? ? ? 19.0 4.259 ? ? 0.102 0.023 ? 14 1 0.998 0.999 ? 99.6  ? 0.099 ? ? ? ? ? ? ? ? ? 
3.88 4.13  ? ? ? ? ? ? 271 ? ? ? ? ? ? ? ? ? ? ? 18.1 5.424 ? ? 0.099 0.024 ? 15 1 0.998 1.000 ? 99.6  ? 0.096 ? ? ? ? ? ? ? ? ? 
4.13 4.45  ? ? ? ? ? ? 281 ? ? ? ? ? ? ? ? ? ? ? 17.6 5.255 ? ? 0.094 0.023 ? 16 1 0.997 0.999 ? 99.6  ? 0.091 ? ? ? ? ? ? ? ? ? 
4.45 4.89  ? ? ? ? ? ? 284 ? ? ? ? ? ? ? ? ? ? ? 16.6 5.188 ? ? 0.085 0.022 ? 17 1 0.997 0.999 ? 99.3  ? 0.082 ? ? ? ? ? ? ? ? ? 
4.89 5.60  ? ? ? ? ? ? 272 ? ? ? ? ? ? ? ? ? ? ? 15.5 5.849 ? ? 0.077 0.020 ? 18 1 0.997 0.999 ? 99.6  ? 0.074 ? ? ? ? ? ? ? ? ? 
5.60 7.05  ? ? ? ? ? ? 292 ? ? ? ? ? ? ? ? ? ? ? 13.8 7.060 ? ? 0.072 0.020 ? 19 1 0.998 0.999 ? 99.7  ? 0.069 ? ? ? ? ? ? ? ? ? 
7.05 50.00 ? ? ? ? ? ? 305 ? ? ? ? ? ? ? ? ? ? ? 15.3 7.857 ? ? 0.069 0.020 ? 20 1 0.989 0.997 ? 98.1  ? 0.066 ? ? ? ? ? ? ? ? ? 
# 
_refine.aniso_B[1][1]                            ? 
_refine.aniso_B[1][2]                            ? 
_refine.aniso_B[1][3]                            ? 
_refine.aniso_B[2][2]                            ? 
_refine.aniso_B[2][3]                            ? 
_refine.aniso_B[3][3]                            ? 
_refine.B_iso_max                                ? 
_refine.B_iso_mean                               ? 
_refine.B_iso_min                                ? 
_refine.correlation_coeff_Fo_to_Fc               ? 
_refine.correlation_coeff_Fo_to_Fc_free          ? 
_refine.details                                  ? 
_refine.diff_density_max                         ? 
_refine.diff_density_max_esd                     ? 
_refine.diff_density_min                         ? 
_refine.diff_density_min_esd                     ? 
_refine.diff_density_rms                         ? 
_refine.diff_density_rms_esd                     ? 
_refine.entry_id                                 8TBO 
_refine.pdbx_refine_id                           'X-RAY DIFFRACTION' 
_refine.ls_abs_structure_details                 ? 
_refine.ls_abs_structure_Flack                   ? 
_refine.ls_abs_structure_Flack_esd               ? 
_refine.ls_abs_structure_Rogers                  ? 
_refine.ls_abs_structure_Rogers_esd              ? 
_refine.ls_d_res_high                            2.599 
_refine.ls_d_res_low                             43.093 
_refine.ls_extinction_coef                       ? 
_refine.ls_extinction_coef_esd                   ? 
_refine.ls_extinction_expression                 ? 
_refine.ls_extinction_method                     ? 
_refine.ls_goodness_of_fit_all                   ? 
_refine.ls_goodness_of_fit_all_esd               ? 
_refine.ls_goodness_of_fit_obs                   ? 
_refine.ls_goodness_of_fit_obs_esd               ? 
_refine.ls_hydrogen_treatment                    ? 
_refine.ls_matrix_type                           ? 
_refine.ls_number_constraints                    ? 
_refine.ls_number_parameters                     ? 
_refine.ls_number_reflns_all                     ? 
_refine.ls_number_reflns_obs                     5389 
_refine.ls_number_reflns_R_free                  269 
_refine.ls_number_reflns_R_work                  ? 
_refine.ls_number_restraints                     ? 
_refine.ls_percent_reflns_obs                    98.05 
_refine.ls_percent_reflns_R_free                 4.99 
_refine.ls_R_factor_all                          ? 
_refine.ls_R_factor_obs                          0.2138 
_refine.ls_R_factor_R_free                       0.2430 
_refine.ls_R_factor_R_free_error                 ? 
_refine.ls_R_factor_R_free_error_details         ? 
_refine.ls_R_factor_R_work                       0.2119 
_refine.ls_R_Fsqd_factor_obs                     ? 
_refine.ls_R_I_factor_obs                        ? 
_refine.ls_redundancy_reflns_all                 ? 
_refine.ls_redundancy_reflns_obs                 ? 
_refine.ls_restrained_S_all                      ? 
_refine.ls_restrained_S_obs                      ? 
_refine.ls_shift_over_esd_max                    ? 
_refine.ls_shift_over_esd_mean                   ? 
_refine.ls_structure_factor_coef                 ? 
_refine.ls_weighting_details                     ? 
_refine.ls_weighting_scheme                      ? 
_refine.ls_wR_factor_all                         ? 
_refine.ls_wR_factor_obs                         ? 
_refine.ls_wR_factor_R_free                      ? 
_refine.ls_wR_factor_R_work                      ? 
_refine.occupancy_max                            ? 
_refine.occupancy_min                            ? 
_refine.solvent_model_details                    'FLAT BULK SOLVENT MODEL' 
_refine.solvent_model_param_bsol                 ? 
_refine.solvent_model_param_ksol                 ? 
_refine.pdbx_R_complete                          ? 
_refine.ls_R_factor_gt                           ? 
_refine.ls_goodness_of_fit_gt                    ? 
_refine.ls_goodness_of_fit_ref                   ? 
_refine.ls_shift_over_su_max                     ? 
_refine.ls_shift_over_su_max_lt                  ? 
_refine.ls_shift_over_su_mean                    ? 
_refine.ls_shift_over_su_mean_lt                 ? 
_refine.pdbx_ls_sigma_I                          ? 
_refine.pdbx_ls_sigma_F                          1.39 
_refine.pdbx_ls_sigma_Fsqd                       ? 
_refine.pdbx_data_cutoff_high_absF               ? 
_refine.pdbx_data_cutoff_high_rms_absF           ? 
_refine.pdbx_data_cutoff_low_absF                ? 
_refine.pdbx_isotropic_thermal_model             ? 
_refine.pdbx_ls_cross_valid_method               THROUGHOUT 
_refine.pdbx_method_to_determine_struct          'MOLECULAR REPLACEMENT' 
_refine.pdbx_starting_model                      ? 
_refine.pdbx_stereochemistry_target_values       ML 
_refine.pdbx_R_Free_selection_details            ? 
_refine.pdbx_stereochem_target_val_spec_case     ? 
_refine.pdbx_overall_ESU_R                       ? 
_refine.pdbx_overall_ESU_R_Free                  ? 
_refine.pdbx_solvent_vdw_probe_radii             1.11 
_refine.pdbx_solvent_ion_probe_radii             ? 
_refine.pdbx_solvent_shrinkage_radii             0.90 
_refine.pdbx_real_space_R                        ? 
_refine.pdbx_density_correlation                 ? 
_refine.pdbx_pd_number_of_powder_patterns        ? 
_refine.pdbx_pd_number_of_points                 ? 
_refine.pdbx_pd_meas_number_of_points            ? 
_refine.pdbx_pd_proc_ls_prof_R_factor            ? 
_refine.pdbx_pd_proc_ls_prof_wR_factor           ? 
_refine.pdbx_pd_Marquardt_correlation_coeff      ? 
_refine.pdbx_pd_Fsqrd_R_factor                   ? 
_refine.pdbx_pd_ls_matrix_band_width             ? 
_refine.pdbx_overall_phase_error                 27.07 
_refine.pdbx_overall_SU_R_free_Cruickshank_DPI   ? 
_refine.pdbx_overall_SU_R_free_Blow_DPI          ? 
_refine.pdbx_overall_SU_R_Blow_DPI               ? 
_refine.pdbx_TLS_residual_ADP_flag               ? 
_refine.pdbx_diffrn_id                           1 
_refine.overall_SU_B                             ? 
_refine.overall_SU_ML                            0.33 
_refine.overall_SU_R_Cruickshank_DPI             ? 
_refine.overall_SU_R_free                        ? 
_refine.overall_FOM_free_R_set                   ? 
_refine.overall_FOM_work_R_set                   ? 
_refine.pdbx_average_fsc_overall                 ? 
_refine.pdbx_average_fsc_work                    ? 
_refine.pdbx_average_fsc_free                    ? 
# 
_refine_hist.pdbx_refine_id                   'X-RAY DIFFRACTION' 
_refine_hist.cycle_id                         LAST 
_refine_hist.pdbx_number_atoms_protein        0 
_refine_hist.pdbx_number_atoms_nucleic_acid   855 
_refine_hist.pdbx_number_atoms_ligand         35 
_refine_hist.number_atoms_solvent             3 
_refine_hist.number_atoms_total               893 
_refine_hist.d_res_high                       2.599 
_refine_hist.d_res_low                        43.093 
# 
loop_
_refine_ls_restr.pdbx_refine_id 
_refine_ls_restr.criterion 
_refine_ls_restr.dev_ideal 
_refine_ls_restr.dev_ideal_target 
_refine_ls_restr.number 
_refine_ls_restr.rejects 
_refine_ls_restr.type 
_refine_ls_restr.weight 
_refine_ls_restr.pdbx_restraint_function 
'X-RAY DIFFRACTION' ? 0.010  ? 988  ? f_bond_d           ? ? 
'X-RAY DIFFRACTION' ? 1.120  ? 1511 ? f_angle_d          ? ? 
'X-RAY DIFFRACTION' ? 34.596 ? 417  ? f_dihedral_angle_d ? ? 
'X-RAY DIFFRACTION' ? 0.059  ? 166  ? f_chiral_restr     ? ? 
'X-RAY DIFFRACTION' ? 0.007  ? 49   ? f_plane_restr      ? ? 
# 
loop_
_refine_ls_shell.pdbx_refine_id 
_refine_ls_shell.d_res_high 
_refine_ls_shell.d_res_low 
_refine_ls_shell.number_reflns_all 
_refine_ls_shell.number_reflns_obs 
_refine_ls_shell.number_reflns_R_free 
_refine_ls_shell.number_reflns_R_work 
_refine_ls_shell.percent_reflns_obs 
_refine_ls_shell.percent_reflns_R_free 
_refine_ls_shell.R_factor_all 
_refine_ls_shell.R_factor_obs 
_refine_ls_shell.R_factor_R_free_error 
_refine_ls_shell.R_factor_R_work 
_refine_ls_shell.redundancy_reflns_all 
_refine_ls_shell.redundancy_reflns_obs 
_refine_ls_shell.wR_factor_all 
_refine_ls_shell.wR_factor_obs 
_refine_ls_shell.wR_factor_R_free 
_refine_ls_shell.wR_factor_R_work 
_refine_ls_shell.pdbx_R_complete 
_refine_ls_shell.pdbx_total_number_of_bins_used 
_refine_ls_shell.pdbx_phase_error 
_refine_ls_shell.pdbx_fsc_work 
_refine_ls_shell.pdbx_fsc_free 
_refine_ls_shell.R_factor_R_free 
'X-RAY DIFFRACTION' 2.599  3.2740 . . 134 2491 97.00 . . . . 0.3769 . . . . . . . . . . . 0.3696 
'X-RAY DIFFRACTION' 3.2740 43.093 . . 135 2629 99.00 . . . . 0.1850 . . . . . . . . . . . 0.2207 
# 
_struct.entry_id                     8TBO 
_struct.title                        
;Sequence specific (AATT) orientation of netropsin molecules at a unique minor groove binding site (position1) within a self-assembled 3D DNA lattice (4x5)
;
_struct.pdbx_model_details           ? 
_struct.pdbx_formula_weight          ? 
_struct.pdbx_formula_weight_method   ? 
_struct.pdbx_model_type_details      ? 
_struct.pdbx_CASP_flag               N 
# 
_struct_keywords.entry_id        8TBO 
_struct_keywords.text            
;Self-Assembly, DNA Nanotechnology, DNA Scaffold, Crystal Lattice, DNA, Minor Groove Binders, Netropsin, DAPI, Hoechst, ImPyPy, polyamide, host-guest
;
_struct_keywords.pdbx_keywords   DNA 
# 
loop_
_struct_asym.id 
_struct_asym.pdbx_blank_PDB_chainid_flag 
_struct_asym.pdbx_modified 
_struct_asym.entity_id 
_struct_asym.details 
A N N 1 ? 
B N N 2 ? 
C N N 3 ? 
D N N 4 ? 
E N N 5 ? 
F N N 6 ? 
G N N 6 ? 
H N N 6 ? 
I N N 6 ? 
J N N 7 ? 
K N N 7 ? 
# 
loop_
_struct_conn.id 
_struct_conn.conn_type_id 
_struct_conn.pdbx_leaving_atom_flag 
_struct_conn.pdbx_PDB_id 
_struct_conn.ptnr1_label_asym_id 
_struct_conn.ptnr1_label_comp_id 
_struct_conn.ptnr1_label_seq_id 
_struct_conn.ptnr1_label_atom_id 
_struct_conn.pdbx_ptnr1_label_alt_id 
_struct_conn.pdbx_ptnr1_PDB_ins_code 
_struct_conn.pdbx_ptnr1_standard_comp_id 
_struct_conn.ptnr1_symmetry 
_struct_conn.ptnr2_label_asym_id 
_struct_conn.ptnr2_label_comp_id 
_struct_conn.ptnr2_label_seq_id 
_struct_conn.ptnr2_label_atom_id 
_struct_conn.pdbx_ptnr2_label_alt_id 
_struct_conn.pdbx_ptnr2_PDB_ins_code 
_struct_conn.ptnr1_auth_asym_id 
_struct_conn.ptnr1_auth_comp_id 
_struct_conn.ptnr1_auth_seq_id 
_struct_conn.ptnr2_auth_asym_id 
_struct_conn.ptnr2_auth_comp_id 
_struct_conn.ptnr2_auth_seq_id 
_struct_conn.ptnr2_symmetry 
_struct_conn.pdbx_ptnr3_label_atom_id 
_struct_conn.pdbx_ptnr3_label_seq_id 
_struct_conn.pdbx_ptnr3_label_comp_id 
_struct_conn.pdbx_ptnr3_label_asym_id 
_struct_conn.pdbx_ptnr3_label_alt_id 
_struct_conn.pdbx_ptnr3_PDB_ins_code 
_struct_conn.details 
_struct_conn.pdbx_dist_value 
_struct_conn.pdbx_value_order 
_struct_conn.pdbx_role 
hydrog1  hydrog ? ? A DC 3  N3 ? ? ? 1_555 D DG 7 N1 ? ? A DC 3  D DG 16 1_555 ? ? ? ? ? ? WATSON-CRICK ? ? ? 
hydrog2  hydrog ? ? A DC 3  N4 ? ? ? 1_555 D DG 7 O6 ? ? A DC 3  D DG 16 1_555 ? ? ? ? ? ? WATSON-CRICK ? ? ? 
hydrog3  hydrog ? ? A DC 3  O2 ? ? ? 1_555 D DG 7 N2 ? ? A DC 3  D DG 16 1_555 ? ? ? ? ? ? WATSON-CRICK ? ? ? 
hydrog4  hydrog ? ? A DA 4  N1 ? ? ? 1_555 D DT 6 N3 ? ? A DA 4  D DT 15 1_555 ? ? ? ? ? ? WATSON-CRICK ? ? ? 
hydrog5  hydrog ? ? A DA 4  N6 ? ? ? 1_555 D DT 6 O4 ? ? A DA 4  D DT 15 1_555 ? ? ? ? ? ? WATSON-CRICK ? ? ? 
hydrog6  hydrog ? ? A DA 5  N1 ? ? ? 1_555 D DT 5 N3 ? ? A DA 5  D DT 14 1_555 ? ? ? ? ? ? WATSON-CRICK ? ? ? 
hydrog7  hydrog ? ? A DA 5  N6 ? ? ? 1_555 D DT 5 O4 ? ? A DA 5  D DT 14 1_555 ? ? ? ? ? ? WATSON-CRICK ? ? ? 
hydrog8  hydrog ? ? A DT 6  N3 ? ? ? 1_555 D DA 4 N1 ? ? A DT 6  D DA 13 1_555 ? ? ? ? ? ? WATSON-CRICK ? ? ? 
hydrog9  hydrog ? ? A DT 6  O4 ? ? ? 1_555 D DA 4 N6 ? ? A DT 6  D DA 13 1_555 ? ? ? ? ? ? WATSON-CRICK ? ? ? 
hydrog10 hydrog ? ? A DT 7  N3 ? ? ? 1_555 D DA 3 N1 ? ? A DT 7  D DA 12 1_555 ? ? ? ? ? ? WATSON-CRICK ? ? ? 
hydrog11 hydrog ? ? A DT 7  O4 ? ? ? 1_555 D DA 3 N6 ? ? A DT 7  D DA 12 1_555 ? ? ? ? ? ? WATSON-CRICK ? ? ? 
hydrog12 hydrog ? ? A DG 8  N1 ? ? ? 1_555 D DC 2 N3 ? ? A DG 8  D DC 11 1_555 ? ? ? ? ? ? WATSON-CRICK ? ? ? 
hydrog13 hydrog ? ? A DG 8  N2 ? ? ? 1_555 D DC 2 O2 ? ? A DG 8  D DC 11 1_555 ? ? ? ? ? ? WATSON-CRICK ? ? ? 
hydrog14 hydrog ? ? A DG 8  O6 ? ? ? 1_555 D DC 2 N4 ? ? A DG 8  D DC 11 1_555 ? ? ? ? ? ? WATSON-CRICK ? ? ? 
hydrog15 hydrog ? ? A DC 9  N3 ? ? ? 1_555 D DG 1 N1 ? ? A DC 9  D DG 10 1_555 ? ? ? ? ? ? WATSON-CRICK ? ? ? 
hydrog16 hydrog ? ? A DC 9  N4 ? ? ? 1_555 D DG 1 O6 ? ? A DC 9  D DG 10 1_555 ? ? ? ? ? ? WATSON-CRICK ? ? ? 
hydrog17 hydrog ? ? A DC 9  O2 ? ? ? 1_555 D DG 1 N2 ? ? A DC 9  D DG 10 1_555 ? ? ? ? ? ? WATSON-CRICK ? ? ? 
hydrog18 hydrog ? ? A DT 10 N3 ? ? ? 1_555 B DA 5 N1 ? ? A DT 10 B DA 5  1_555 ? ? ? ? ? ? WATSON-CRICK ? ? ? 
hydrog19 hydrog ? ? A DT 10 O4 ? ? ? 1_555 B DA 5 N6 ? ? A DT 10 B DA 5  1_555 ? ? ? ? ? ? WATSON-CRICK ? ? ? 
hydrog20 hydrog ? ? A DG 11 N1 ? ? ? 1_555 B DC 4 N3 ? ? A DG 11 B DC 4  1_555 ? ? ? ? ? ? WATSON-CRICK ? ? ? 
hydrog21 hydrog ? ? A DG 11 N2 ? ? ? 1_555 B DC 4 O2 ? ? A DG 11 B DC 4  1_555 ? ? ? ? ? ? WATSON-CRICK ? ? ? 
hydrog22 hydrog ? ? A DG 11 O6 ? ? ? 1_555 B DC 4 N4 ? ? A DG 11 B DC 4  1_555 ? ? ? ? ? ? WATSON-CRICK ? ? ? 
hydrog23 hydrog ? ? A DA 12 N1 ? ? ? 1_555 B DT 3 N3 ? ? A DA 12 B DT 3  1_555 ? ? ? ? ? ? WATSON-CRICK ? ? ? 
hydrog24 hydrog ? ? A DA 12 N6 ? ? ? 1_555 B DT 3 O4 ? ? A DA 12 B DT 3  1_555 ? ? ? ? ? ? WATSON-CRICK ? ? ? 
hydrog25 hydrog ? ? A DC 13 N3 ? ? ? 1_555 B DG 2 N1 ? ? A DC 13 B DG 2  1_555 ? ? ? ? ? ? WATSON-CRICK ? ? ? 
hydrog26 hydrog ? ? A DC 13 N4 ? ? ? 1_555 B DG 2 O6 ? ? A DC 13 B DG 2  1_555 ? ? ? ? ? ? WATSON-CRICK ? ? ? 
hydrog27 hydrog ? ? A DC 13 O2 ? ? ? 1_555 B DG 2 N2 ? ? A DC 13 B DG 2  1_555 ? ? ? ? ? ? WATSON-CRICK ? ? ? 
hydrog28 hydrog ? ? A DG 14 N1 ? ? ? 1_555 B DC 1 N3 ? ? A DG 14 B DC 1  1_555 ? ? ? ? ? ? WATSON-CRICK ? ? ? 
hydrog29 hydrog ? ? A DG 14 N2 ? ? ? 1_555 B DC 1 O2 ? ? A DG 14 B DC 1  1_555 ? ? ? ? ? ? WATSON-CRICK ? ? ? 
hydrog30 hydrog ? ? A DG 14 O6 ? ? ? 1_555 B DC 1 N4 ? ? A DG 14 B DC 1  1_555 ? ? ? ? ? ? WATSON-CRICK ? ? ? 
hydrog31 hydrog ? ? A DA 15 N1 ? ? ? 1_555 C DT 9 N3 ? ? A DA 15 C DT 9  1_555 ? ? ? ? ? ? WATSON-CRICK ? ? ? 
hydrog32 hydrog ? ? A DA 15 N6 ? ? ? 1_555 C DT 9 O4 ? ? A DA 15 C DT 9  1_555 ? ? ? ? ? ? WATSON-CRICK ? ? ? 
hydrog33 hydrog ? ? A DC 16 N3 ? ? ? 1_555 C DG 8 N1 ? ? A DC 16 C DG 8  1_555 ? ? ? ? ? ? WATSON-CRICK ? ? ? 
hydrog34 hydrog ? ? A DC 16 N4 ? ? ? 1_555 C DG 8 O6 ? ? A DC 16 C DG 8  1_555 ? ? ? ? ? ? WATSON-CRICK ? ? ? 
hydrog35 hydrog ? ? A DC 16 O2 ? ? ? 1_555 C DG 8 N2 ? ? A DC 16 C DG 8  1_555 ? ? ? ? ? ? WATSON-CRICK ? ? ? 
hydrog36 hydrog ? ? A DA 17 N1 ? ? ? 1_555 C DT 7 N3 ? ? A DA 17 C DT 7  1_555 ? ? ? ? ? ? WATSON-CRICK ? ? ? 
hydrog37 hydrog ? ? A DA 17 N6 ? ? ? 1_555 C DT 7 O4 ? ? A DA 17 C DT 7  1_555 ? ? ? ? ? ? WATSON-CRICK ? ? ? 
hydrog38 hydrog ? ? A DC 18 N3 ? ? ? 1_555 C DG 6 N1 ? ? A DC 18 C DG 6  1_555 ? ? ? ? ? ? WATSON-CRICK ? ? ? 
hydrog39 hydrog ? ? A DC 18 N4 ? ? ? 1_555 C DG 6 O6 ? ? A DC 18 C DG 6  1_555 ? ? ? ? ? ? WATSON-CRICK ? ? ? 
hydrog40 hydrog ? ? A DC 18 O2 ? ? ? 1_555 C DG 6 N2 ? ? A DC 18 C DG 6  1_555 ? ? ? ? ? ? WATSON-CRICK ? ? ? 
hydrog41 hydrog ? ? A DT 19 N3 ? ? ? 1_555 C DA 5 N1 ? ? A DT 19 C DA 5  1_555 ? ? ? ? ? ? WATSON-CRICK ? ? ? 
hydrog42 hydrog ? ? A DT 19 O4 ? ? ? 1_555 C DA 5 N6 ? ? A DT 19 C DA 5  1_555 ? ? ? ? ? ? WATSON-CRICK ? ? ? 
hydrog43 hydrog ? ? A DC 20 N3 ? ? ? 1_555 C DG 4 N1 ? ? A DC 20 C DG 4  1_555 ? ? ? ? ? ? WATSON-CRICK ? ? ? 
hydrog44 hydrog ? ? A DC 20 N4 ? ? ? 1_555 C DG 4 O6 ? ? A DC 20 C DG 4  1_555 ? ? ? ? ? ? WATSON-CRICK ? ? ? 
hydrog45 hydrog ? ? A DC 20 O2 ? ? ? 1_555 C DG 4 N2 ? ? A DC 20 C DG 4  1_555 ? ? ? ? ? ? WATSON-CRICK ? ? ? 
hydrog46 hydrog ? ? A DA 21 N1 ? ? ? 1_555 C DT 3 N3 ? ? A DA 21 C DT 3  1_555 ? ? ? ? ? ? WATSON-CRICK ? ? ? 
hydrog47 hydrog ? ? A DA 21 N6 ? ? ? 1_555 C DT 3 O4 ? ? A DA 21 C DT 3  1_555 ? ? ? ? ? ? WATSON-CRICK ? ? ? 
# 
_struct_conn_type.id          hydrog 
_struct_conn_type.criteria    ? 
_struct_conn_type.reference   ? 
# 
_atom_sites.entry_id                    8TBO 
_atom_sites.Cartn_transf_matrix[1][1]   ? 
_atom_sites.Cartn_transf_matrix[1][2]   ? 
_atom_sites.Cartn_transf_matrix[1][3]   ? 
_atom_sites.Cartn_transf_matrix[2][1]   ? 
_atom_sites.Cartn_transf_matrix[2][2]   ? 
_atom_sites.Cartn_transf_matrix[2][3]   ? 
_atom_sites.Cartn_transf_matrix[3][1]   ? 
_atom_sites.Cartn_transf_matrix[3][2]   ? 
_atom_sites.Cartn_transf_matrix[3][3]   ? 
_atom_sites.Cartn_transf_vector[1]      ? 
_atom_sites.Cartn_transf_vector[2]      ? 
_atom_sites.Cartn_transf_vector[3]      ? 
_atom_sites.fract_transf_matrix[1][1]   -0.01109106 
_atom_sites.fract_transf_matrix[1][2]   0.01055586 
_atom_sites.fract_transf_matrix[1][3]   -0.00724854 
_atom_sites.fract_transf_matrix[2][1]   -0.01551818 
_atom_sites.fract_transf_matrix[2][2]   -0.00547448 
_atom_sites.fract_transf_matrix[2][3]   -0.00402242 
_atom_sites.fract_transf_matrix[3][1]   -0.00524199 
_atom_sites.fract_transf_matrix[3][2]   0.00433128 
_atom_sites.fract_transf_matrix[3][3]   0.01432834 
_atom_sites.fract_transf_vector[1]      -0.267595 
_atom_sites.fract_transf_vector[2]      0.372771 
_atom_sites.fract_transf_vector[3]      0.322115 
_atom_sites.solution_primary            ? 
_atom_sites.solution_secondary          ? 
_atom_sites.solution_hydrogens          ? 
_atom_sites.special_details             ? 
# 
loop_
_atom_type.symbol 
AS 
C  
N  
O  
P  
# 
loop_
_atom_site.group_PDB 
_atom_site.id 
_atom_site.type_symbol 
_atom_site.label_atom_id 
_atom_site.label_alt_id 
_atom_site.label_comp_id 
_atom_site.label_asym_id 
_atom_site.label_entity_id 
_atom_site.label_seq_id 
_atom_site.pdbx_PDB_ins_code 
_atom_site.Cartn_x 
_atom_site.Cartn_y 
_atom_site.Cartn_z 
_atom_site.occupancy 
_atom_site.B_iso_or_equiv 
_atom_site.pdbx_formal_charge 
_atom_site.auth_seq_id 
_atom_site.auth_comp_id 
_atom_site.auth_asym_id 
_atom_site.auth_atom_id 
_atom_site.pdbx_PDB_model_num 
ATOM   1   O  "O5'" . DG  A 1 1  ? -19.472 -27.429 6.186   1.00 89.15  ?  1   DG  A "O5'" 1 
ATOM   2   C  "C5'" . DG  A 1 1  ? -19.013 -28.762 5.933   1.00 99.84  ?  1   DG  A "C5'" 1 
ATOM   3   C  "C4'" . DG  A 1 1  ? -19.344 -29.189 4.512   1.00 89.16  ?  1   DG  A "C4'" 1 
ATOM   4   O  "O4'" . DG  A 1 1  ? -20.734 -28.920 4.252   1.00 83.09  ?  1   DG  A "O4'" 1 
ATOM   5   C  "C3'" . DG  A 1 1  ? -18.559 -28.449 3.447   1.00 97.73  ?  1   DG  A "C3'" 1 
ATOM   6   O  "O3'" . DG  A 1 1  ? -17.467 -29.251 3.028   1.00 110.13 ?  1   DG  A "O3'" 1 
ATOM   7   C  "C2'" . DG  A 1 1  ? -19.551 -28.236 2.307   1.00 93.03  ?  1   DG  A "C2'" 1 
ATOM   8   C  "C1'" . DG  A 1 1  ? -20.915 -28.449 2.942   1.00 84.18  ?  1   DG  A "C1'" 1 
ATOM   9   N  N9    . DG  A 1 1  ? -21.720 -27.254 3.021   1.00 78.86  ?  1   DG  A N9    1 
ATOM   10  C  C8    . DG  A 1 1  ? -21.908 -26.470 4.124   1.00 78.51  ?  1   DG  A C8    1 
ATOM   11  N  N7    . DG  A 1 1  ? -22.720 -25.473 3.914   1.00 78.54  ?  1   DG  A N7    1 
ATOM   12  C  C5    . DG  A 1 1  ? -23.096 -25.615 2.586   1.00 74.90  ?  1   DG  A C5    1 
ATOM   13  C  C6    . DG  A 1 1  ? -23.971 -24.825 1.791   1.00 83.56  ?  1   DG  A C6    1 
ATOM   14  O  O6    . DG  A 1 1  ? -24.610 -23.804 2.112   1.00 81.00  ?  1   DG  A O6    1 
ATOM   15  N  N1    . DG  A 1 1  ? -24.076 -25.328 0.502   1.00 81.31  ?  1   DG  A N1    1 
ATOM   16  C  C2    . DG  A 1 1  ? -23.422 -26.446 0.040   1.00 86.93  ?  1   DG  A C2    1 
ATOM   17  N  N2    . DG  A 1 1  ? -23.643 -26.774 -1.244  1.00 90.10  ?  1   DG  A N2    1 
ATOM   18  N  N3    . DG  A 1 1  ? -22.602 -27.187 0.776   1.00 81.26  ?  1   DG  A N3    1 
ATOM   19  C  C4    . DG  A 1 1  ? -22.487 -26.711 2.028   1.00 72.69  ?  1   DG  A C4    1 
ATOM   20  P  P     . DA  A 1 2  ? -16.155 -28.569 2.398   1.00 115.98 ?  2   DA  A P     1 
ATOM   21  O  OP1   . DA  A 1 2  ? -15.057 -29.558 2.477   1.00 102.18 ?  2   DA  A OP1   1 
ATOM   22  O  OP2   . DA  A 1 2  ? -15.986 -27.240 3.036   1.00 113.38 -1 2   DA  A OP2   1 
ATOM   23  O  "O5'" . DA  A 1 2  ? -16.554 -28.306 0.874   1.00 97.02  ?  2   DA  A "O5'" 1 
ATOM   24  C  "C5'" . DA  A 1 2  ? -17.132 -29.328 0.094   1.00 87.45  ?  2   DA  A "C5'" 1 
ATOM   25  C  "C4'" . DA  A 1 2  ? -17.778 -28.717 -1.129  1.00 97.17  ?  2   DA  A "C4'" 1 
ATOM   26  O  "O4'" . DA  A 1 2  ? -18.892 -27.877 -0.712  1.00 91.68  ?  2   DA  A "O4'" 1 
ATOM   27  C  "C3'" . DA  A 1 2  ? -16.846 -27.819 -1.937  1.00 98.30  ?  2   DA  A "C3'" 1 
ATOM   28  O  "O3'" . DA  A 1 2  ? -16.945 -28.112 -3.317  1.00 97.82  ?  2   DA  A "O3'" 1 
ATOM   29  C  "C2'" . DA  A 1 2  ? -17.330 -26.402 -1.623  1.00 87.72  ?  2   DA  A "C2'" 1 
ATOM   30  C  "C1'" . DA  A 1 2  ? -18.805 -26.617 -1.325  1.00 84.79  ?  2   DA  A "C1'" 1 
ATOM   31  N  N9    . DA  A 1 2  ? -19.344 -25.623 -0.402  1.00 85.88  ?  2   DA  A N9    1 
ATOM   32  C  C8    . DA  A 1 2  ? -18.927 -25.379 0.877   1.00 89.71  ?  2   DA  A C8    1 
ATOM   33  N  N7    . DA  A 1 2  ? -19.590 -24.412 1.478   1.00 89.67  ?  2   DA  A N7    1 
ATOM   34  C  C5    . DA  A 1 2  ? -20.498 -23.985 0.519   1.00 81.75  ?  2   DA  A C5    1 
ATOM   35  C  C6    . DA  A 1 2  ? -21.495 -22.976 0.525   1.00 81.53  ?  2   DA  A C6    1 
ATOM   36  N  N6    . DA  A 1 2  ? -21.745 -22.188 1.578   1.00 72.67  ?  2   DA  A N6    1 
ATOM   37  N  N1    . DA  A 1 2  ? -22.226 -22.812 -0.599  1.00 82.30  ?  2   DA  A N1    1 
ATOM   38  C  C2    . DA  A 1 2  ? -21.969 -23.598 -1.652  1.00 81.79  ?  2   DA  A C2    1 
ATOM   39  N  N3    . DA  A 1 2  ? -21.067 -24.577 -1.776  1.00 79.59  ?  2   DA  A N3    1 
ATOM   40  C  C4    . DA  A 1 2  ? -20.358 -24.719 -0.647  1.00 77.02  ?  2   DA  A C4    1 
ATOM   41  P  P     . DC  A 1 3  ? -15.923 -27.414 -4.338  1.00 105.55 ?  3   DC  A P     1 
ATOM   42  O  OP1   . DC  A 1 3  ? -15.762 -28.284 -5.525  1.00 116.48 ?  3   DC  A OP1   1 
ATOM   43  O  OP2   . DC  A 1 3  ? -14.742 -27.049 -3.523  1.00 93.99  -1 3   DC  A OP2   1 
ATOM   44  O  "O5'" . DC  A 1 3  ? -16.680 -26.082 -4.803  1.00 87.84  ?  3   DC  A "O5'" 1 
ATOM   45  C  "C5'" . DC  A 1 3  ? -17.957 -26.172 -5.384  1.00 81.62  ?  3   DC  A "C5'" 1 
ATOM   46  C  "C4'" . DC  A 1 3  ? -18.533 -24.791 -5.602  1.00 93.14  ?  3   DC  A "C4'" 1 
ATOM   47  O  "O4'" . DC  A 1 3  ? -18.942 -24.220 -4.339  1.00 92.97  ?  3   DC  A "O4'" 1 
ATOM   48  C  "C3'" . DC  A 1 3  ? -17.568 -23.782 -6.228  1.00 100.78 ?  3   DC  A "C3'" 1 
ATOM   49  O  "O3'" . DC  A 1 3  ? -18.123 -23.292 -7.425  1.00 103.53 ?  3   DC  A "O3'" 1 
ATOM   50  C  "C2'" . DC  A 1 3  ? -17.438 -22.663 -5.173  1.00 96.43  ?  3   DC  A "C2'" 1 
ATOM   51  C  "C1'" . DC  A 1 3  ? -18.721 -22.828 -4.377  1.00 87.70  ?  3   DC  A "C1'" 1 
ATOM   52  N  N1    . DC  A 1 3  ? -18.628 -22.358 -2.968  1.00 83.01  ?  3   DC  A N1    1 
ATOM   53  C  C2    . DC  A 1 3  ? -19.467 -21.322 -2.503  1.00 79.45  ?  3   DC  A C2    1 
ATOM   54  O  O2    . DC  A 1 3  ? -20.269 -20.788 -3.287  1.00 70.04  ?  3   DC  A O2    1 
ATOM   55  N  N3    . DC  A 1 3  ? -19.363 -20.939 -1.198  1.00 76.50  ?  3   DC  A N3    1 
ATOM   56  C  C4    . DC  A 1 3  ? -18.482 -21.549 -0.385  1.00 86.10  ?  3   DC  A C4    1 
ATOM   57  N  N4    . DC  A 1 3  ? -18.405 -21.147 0.893   1.00 82.07  ?  3   DC  A N4    1 
ATOM   58  C  C5    . DC  A 1 3  ? -17.636 -22.598 -0.847  1.00 77.21  ?  3   DC  A C5    1 
ATOM   59  C  C6    . DC  A 1 3  ? -17.745 -22.965 -2.126  1.00 81.03  ?  3   DC  A C6    1 
ATOM   60  P  P     . DA  A 1 4  ? -17.254 -22.344 -8.376  1.00 99.83  ?  4   DA  A P     1 
ATOM   61  O  OP1   . DA  A 1 4  ? -17.723 -22.599 -9.766  1.00 94.93  ?  4   DA  A OP1   1 
ATOM   62  O  OP2   . DA  A 1 4  ? -15.837 -22.535 -7.964  1.00 82.67  -1 4   DA  A OP2   1 
ATOM   63  O  "O5'" . DA  A 1 4  ? -17.743 -20.877 -8.001  1.00 77.47  ?  4   DA  A "O5'" 1 
ATOM   64  C  "C5'" . DA  A 1 4  ? -19.064 -20.509 -8.312  1.00 81.71  ?  4   DA  A "C5'" 1 
ATOM   65  C  "C4'" . DA  A 1 4  ? -19.299 -19.042 -8.016  1.00 94.37  ?  4   DA  A "C4'" 1 
ATOM   66  O  "O4'" . DA  A 1 4  ? -19.299 -18.807 -6.585  1.00 96.35  ?  4   DA  A "O4'" 1 
ATOM   67  C  "C3'" . DA  A 1 4  ? -18.273 -18.097 -8.610  1.00 94.63  ?  4   DA  A "C3'" 1 
ATOM   68  O  "O3'" . DA  A 1 4  ? -18.947 -17.004 -9.157  1.00 98.12  ?  4   DA  A "O3'" 1 
ATOM   69  C  "C2'" . DA  A 1 4  ? -17.394 -17.694 -7.418  1.00 86.04  ?  4   DA  A "C2'" 1 
ATOM   70  C  "C1'" . DA  A 1 4  ? -18.345 -17.823 -6.237  1.00 85.76  ?  4   DA  A "C1'" 1 
ATOM   71  N  N9    . DA  A 1 4  ? -17.700 -18.263 -4.999  1.00 81.30  ?  4   DA  A N9    1 
ATOM   72  C  C8    . DA  A 1 4  ? -16.744 -19.233 -4.860  1.00 80.30  ?  4   DA  A C8    1 
ATOM   73  N  N7    . DA  A 1 4  ? -16.367 -19.431 -3.612  1.00 73.46  ?  4   DA  A N7    1 
ATOM   74  C  C5    . DA  A 1 4  ? -17.142 -18.543 -2.886  1.00 72.83  ?  4   DA  A C5    1 
ATOM   75  C  C6    . DA  A 1 4  ? -17.230 -18.260 -1.502  1.00 72.69  ?  4   DA  A C6    1 
ATOM   76  N  N6    . DA  A 1 4  ? -16.490 -18.877 -0.566  1.00 65.53  ?  4   DA  A N6    1 
ATOM   77  N  N1    . DA  A 1 4  ? -18.110 -17.309 -1.119  1.00 74.75  ?  4   DA  A N1    1 
ATOM   78  C  C2    . DA  A 1 4  ? -18.848 -16.688 -2.051  1.00 75.38  ?  4   DA  A C2    1 
ATOM   79  N  N3    . DA  A 1 4  ? -18.858 -16.870 -3.370  1.00 78.58  ?  4   DA  A N3    1 
ATOM   80  C  C4    . DA  A 1 4  ? -17.971 -17.818 -3.726  1.00 78.38  ?  4   DA  A C4    1 
ATOM   81  P  P     . DA  A 1 5  ? -18.124 -15.751 -9.705  1.00 102.24 ?  5   DA  A P     1 
ATOM   82  O  OP1   . DA  A 1 5  ? -18.806 -15.266 -10.931 1.00 100.21 ?  5   DA  A OP1   1 
ATOM   83  O  OP2   . DA  A 1 5  ? -16.681 -16.109 -9.697  1.00 95.02  -1 5   DA  A OP2   1 
ATOM   84  O  "O5'" . DA  A 1 5  ? -18.381 -14.673 -8.585  1.00 88.33  ?  5   DA  A "O5'" 1 
ATOM   85  C  "C5'" . DA  A 1 5  ? -19.678 -14.487 -8.136  1.00 90.60  ?  5   DA  A "C5'" 1 
ATOM   86  C  "C4'" . DA  A 1 5  ? -19.715 -13.344 -7.168  1.00 87.07  ?  5   DA  A "C4'" 1 
ATOM   87  O  "O4'" . DA  A 1 5  ? -19.158 -13.769 -5.908  1.00 79.75  ?  5   DA  A "O4'" 1 
ATOM   88  C  "C3'" . DA  A 1 5  ? -18.921 -12.132 -7.603  1.00 84.20  ?  5   DA  A "C3'" 1 
ATOM   89  O  "O3'" . DA  A 1 5  ? -19.653 -10.977 -7.266  1.00 82.54  ?  5   DA  A "O3'" 1 
ATOM   90  C  "C2'" . DA  A 1 5  ? -17.606 -12.261 -6.815  1.00 81.85  ?  5   DA  A "C2'" 1 
ATOM   91  C  "C1'" . DA  A 1 5  ? -18.054 -12.977 -5.555  1.00 78.08  ?  5   DA  A "C1'" 1 
ATOM   92  N  N9    . DA  A 1 5  ? -17.076 -13.881 -4.968  1.00 70.10  ?  5   DA  A N9    1 
ATOM   93  C  C8    . DA  A 1 5  ? -16.300 -14.800 -5.603  1.00 76.27  ?  5   DA  A C8    1 
ATOM   94  N  N7    . DA  A 1 5  ? -15.549 -15.503 -4.786  1.00 69.35  ?  5   DA  A N7    1 
ATOM   95  C  C5    . DA  A 1 5  ? -15.900 -15.040 -3.538  1.00 63.99  ?  5   DA  A C5    1 
ATOM   96  C  C6    . DA  A 1 5  ? -15.480 -15.379 -2.233  1.00 70.40  ?  5   DA  A C6    1 
ATOM   97  N  N6    . DA  A 1 5  ? -14.565 -16.319 -1.962  1.00 65.34  ?  5   DA  A N6    1 
ATOM   98  N  N1    . DA  A 1 5  ? -16.032 -14.711 -1.212  1.00 68.49  ?  5   DA  A N1    1 
ATOM   99  C  C2    . DA  A 1 5  ? -16.943 -13.776 -1.473  1.00 72.35  ?  5   DA  A C2    1 
ATOM   100 N  N3    . DA  A 1 5  ? -17.416 -13.375 -2.643  1.00 76.15  ?  5   DA  A N3    1 
ATOM   101 C  C4    . DA  A 1 5  ? -16.849 -14.050 -3.638  1.00 71.85  ?  5   DA  A C4    1 
ATOM   102 P  P     . DT  A 1 6  ? -18.984 -9.530  -7.358  1.00 100.45 ?  6   DT  A P     1 
ATOM   103 O  OP1   . DT  A 1 6  ? -20.075 -8.539  -7.555  1.00 97.07  ?  6   DT  A OP1   1 
ATOM   104 O  OP2   . DT  A 1 6  ? -17.865 -9.656  -8.320  1.00 88.17  -1 6   DT  A OP2   1 
ATOM   105 O  "O5'" . DT  A 1 6  ? -18.414 -9.306  -5.891  1.00 83.64  ?  6   DT  A "O5'" 1 
ATOM   106 C  "C5'" . DT  A 1 6  ? -19.300 -9.392  -4.824  1.00 81.14  ?  6   DT  A "C5'" 1 
ATOM   107 C  "C4'" . DT  A 1 6  ? -18.593 -9.123  -3.525  1.00 85.49  ?  6   DT  A "C4'" 1 
ATOM   108 O  "O4'" . DT  A 1 6  ? -17.687 -10.195 -3.225  1.00 83.56  ?  6   DT  A "O4'" 1 
ATOM   109 C  "C3'" . DT  A 1 6  ? -17.763 -7.846  -3.500  1.00 90.90  ?  6   DT  A "C3'" 1 
ATOM   110 O  "O3'" . DT  A 1 6  ? -18.239 -7.042  -2.466  1.00 95.08  ?  6   DT  A "O3'" 1 
ATOM   111 C  "C2'" . DT  A 1 6  ? -16.327 -8.328  -3.229  1.00 85.03  ?  6   DT  A "C2'" 1 
ATOM   112 C  "C1'" . DT  A 1 6  ? -16.573 -9.664  -2.564  1.00 81.07  ?  6   DT  A "C1'" 1 
ATOM   113 N  N1    . DT  A 1 6  ? -15.498 -10.626 -2.732  1.00 71.79  ?  6   DT  A N1    1 
ATOM   114 C  C2    . DT  A 1 6  ? -14.889 -11.148 -1.624  1.00 77.16  ?  6   DT  A C2    1 
ATOM   115 O  O2    . DT  A 1 6  ? -15.164 -10.814 -0.490  1.00 82.34  ?  6   DT  A O2    1 
ATOM   116 N  N3    . DT  A 1 6  ? -13.924 -12.064 -1.885  1.00 72.44  ?  6   DT  A N3    1 
ATOM   117 C  C4    . DT  A 1 6  ? -13.528 -12.511 -3.115  1.00 68.82  ?  6   DT  A C4    1 
ATOM   118 O  O4    . DT  A 1 6  ? -12.654 -13.341 -3.245  1.00 69.59  ?  6   DT  A O4    1 
ATOM   119 C  C5    . DT  A 1 6  ? -14.219 -11.939 -4.235  1.00 72.34  ?  6   DT  A C5    1 
ATOM   120 C  C7    . DT  A 1 6  ? -13.863 -12.351 -5.625  1.00 72.64  ?  6   DT  A C7    1 
ATOM   121 C  C6    . DT  A 1 6  ? -15.168 -11.039 -3.992  1.00 71.76  ?  6   DT  A C6    1 
ATOM   122 P  P     . DT  A 1 7  ? -17.903 -5.482  -2.434  1.00 108.89 ?  7   DT  A P     1 
ATOM   123 O  OP1   . DT  A 1 7  ? -19.139 -4.797  -1.977  1.00 107.59 ?  7   DT  A OP1   1 
ATOM   124 O  OP2   . DT  A 1 7  ? -17.322 -5.137  -3.756  1.00 98.11  -1 7   DT  A OP2   1 
ATOM   125 O  "O5'" . DT  A 1 7  ? -16.789 -5.394  -1.288  1.00 94.39  ?  7   DT  A "O5'" 1 
ATOM   126 C  "C5'" . DT  A 1 7  ? -17.027 -6.055  -0.066  1.00 81.25  ?  7   DT  A "C5'" 1 
ATOM   127 C  "C4'" . DT  A 1 7  ? -15.734 -6.398  0.640   1.00 82.00  ?  7   DT  A "C4'" 1 
ATOM   128 O  "O4'" . DT  A 1 7  ? -15.045 -7.460  -0.047  1.00 88.77  ?  7   DT  A "O4'" 1 
ATOM   129 C  "C3'" . DT  A 1 7  ? -14.720 -5.261  0.747   1.00 85.09  ?  7   DT  A "C3'" 1 
ATOM   130 O  "O3'" . DT  A 1 7  ? -14.432 -5.043  2.097   1.00 90.53  ?  7   DT  A "O3'" 1 
ATOM   131 C  "C2'" . DT  A 1 7  ? -13.483 -5.797  0.011   1.00 80.72  ?  7   DT  A "C2'" 1 
ATOM   132 C  "C1'" . DT  A 1 7  ? -13.676 -7.280  0.204   1.00 84.47  ?  7   DT  A "C1'" 1 
ATOM   133 N  N1    . DT  A 1 7  ? -12.894 -8.142  -0.731  1.00 76.82  ?  7   DT  A N1    1 
ATOM   134 C  C2    . DT  A 1 7  ? -12.011 -9.080  -0.224  1.00 76.63  ?  7   DT  A C2    1 
ATOM   135 O  O2    . DT  A 1 7  ? -11.808 -9.243  0.963   1.00 82.50  ?  7   DT  A O2    1 
ATOM   136 N  N3    . DT  A 1 7  ? -11.366 -9.821  -1.167  1.00 73.99  ?  7   DT  A N3    1 
ATOM   137 C  C4    . DT  A 1 7  ? -11.508 -9.733  -2.523  1.00 72.07  ?  7   DT  A C4    1 
ATOM   138 O  O4    . DT  A 1 7  ? -10.881 -10.443 -3.280  1.00 71.04  ?  7   DT  A O4    1 
ATOM   139 C  C5    . DT  A 1 7  ? -12.450 -8.741  -2.990  1.00 71.68  ?  7   DT  A C5    1 
ATOM   140 C  C7    . DT  A 1 7  ? -12.688 -8.552  -4.453  1.00 71.57  ?  7   DT  A C7    1 
ATOM   141 C  C6    . DT  A 1 7  ? -13.091 -8.007  -2.080  1.00 77.37  ?  7   DT  A C6    1 
ATOM   142 P  P     . DG  A 1 8  ? -13.562 -3.770  2.519   1.00 105.59 ?  8   DG  A P     1 
ATOM   143 O  OP1   . DG  A 1 8  ? -14.247 -3.082  3.634   1.00 98.75  ?  8   DG  A OP1   1 
ATOM   144 O  OP2   . DG  A 1 8  ? -13.245 -3.040  1.265   1.00 107.17 -1 8   DG  A OP2   1 
ATOM   145 O  "O5'" . DG  A 1 8  ? -12.237 -4.402  3.111   1.00 81.02  ?  8   DG  A "O5'" 1 
ATOM   146 C  "C5'" . DG  A 1 8  ? -12.298 -5.095  4.302   1.00 73.82  ?  8   DG  A "C5'" 1 
ATOM   147 C  "C4'" . DG  A 1 8  ? -11.073 -5.948  4.458   1.00 83.54  ?  8   DG  A "C4'" 1 
ATOM   148 O  "O4'" . DG  A 1 8  ? -10.861 -6.727  3.245   1.00 84.23  ?  8   DG  A "O4'" 1 
ATOM   149 C  "C3'" . DG  A 1 8  ? -9.768  -5.180  4.694   1.00 83.05  ?  8   DG  A "C3'" 1 
ATOM   150 O  "O3'" . DG  A 1 8  ? -9.030  -5.874  5.658   1.00 82.78  ?  8   DG  A "O3'" 1 
ATOM   151 C  "C2'" . DG  A 1 8  ? -9.076  -5.261  3.329   1.00 88.66  ?  8   DG  A "C2'" 1 
ATOM   152 C  "C1'" . DG  A 1 8  ? -9.488  -6.662  2.921   1.00 87.76  ?  8   DG  A "C1'" 1 
ATOM   153 N  N9    . DG  A 1 8  ? -9.307  -7.002  1.500   1.00 82.51  ?  8   DG  A N9    1 
ATOM   154 C  C8    . DG  A 1 8  ? -9.954  -6.452  0.419   1.00 80.15  ?  8   DG  A C8    1 
ATOM   155 N  N7    . DG  A 1 8  ? -9.603  -6.988  -0.722  1.00 72.37  ?  8   DG  A N7    1 
ATOM   156 C  C5    . DG  A 1 8  ? -8.673  -7.958  -0.368  1.00 66.24  ?  8   DG  A C5    1 
ATOM   157 C  C6    . DG  A 1 8  ? -7.959  -8.863  -1.179  1.00 70.25  ?  8   DG  A C6    1 
ATOM   158 O  O6    . DG  A 1 8  ? -8.006  -8.983  -2.410  1.00 72.07  ?  8   DG  A O6    1 
ATOM   159 N  N1    . DG  A 1 8  ? -7.121  -9.683  -0.426  1.00 64.45  ?  8   DG  A N1    1 
ATOM   160 C  C2    . DG  A 1 8  ? -6.996  -9.634  0.941   1.00 67.97  ?  8   DG  A C2    1 
ATOM   161 N  N2    . DG  A 1 8  ? -6.137  -10.507 1.501   1.00 62.41  ?  8   DG  A N2    1 
ATOM   162 N  N3    . DG  A 1 8  ? -7.670  -8.793  1.708   1.00 66.46  ?  8   DG  A N3    1 
ATOM   163 C  C4    . DG  A 1 8  ? -8.489  -7.990  0.988   1.00 63.98  ?  8   DG  A C4    1 
ATOM   164 P  P     . DC  A 1 9  ? -7.777  -5.189  6.365   1.00 94.42  ?  9   DC  A P     1 
ATOM   165 O  OP1   . DC  A 1 9  ? -7.890  -5.455  7.815   1.00 96.27  ?  9   DC  A OP1   1 
ATOM   166 O  OP2   . DC  A 1 9  ? -7.656  -3.830  5.786   1.00 101.80 -1 9   DC  A OP2   1 
ATOM   167 O  "O5'" . DC  A 1 9  ? -6.551  -6.048  5.871   1.00 78.91  ?  9   DC  A "O5'" 1 
ATOM   168 C  "C5'" . DC  A 1 9  ? -6.752  -7.386  5.594   1.00 82.99  ?  9   DC  A "C5'" 1 
ATOM   169 C  "C4'" . DC  A 1 9  ? -5.462  -8.138  5.742   1.00 86.36  ?  9   DC  A "C4'" 1 
ATOM   170 O  "O4'" . DC  A 1 9  ? -5.049  -8.649  4.451   1.00 83.61  ?  9   DC  A "O4'" 1 
ATOM   171 C  "C3'" . DC  A 1 9  ? -4.301  -7.300  6.203   1.00 81.25  ?  9   DC  A "C3'" 1 
ATOM   172 O  "O3'" . DC  A 1 9  ? -3.333  -8.165  6.726   1.00 84.76  ?  9   DC  A "O3'" 1 
ATOM   173 C  "C2'" . DC  A 1 9  ? -3.840  -6.659  4.893   1.00 75.17  ?  9   DC  A "C2'" 1 
ATOM   174 C  "C1'" . DC  A 1 9  ? -4.074  -7.793  3.891   1.00 78.51  ?  9   DC  A "C1'" 1 
ATOM   175 N  N1    . DC  A 1 9  ? -4.567  -7.350  2.530   1.00 74.42  ?  9   DC  A N1    1 
ATOM   176 C  C2    . DC  A 1 9  ? -3.990  -7.909  1.387   1.00 66.45  ?  9   DC  A C2    1 
ATOM   177 O  O2    . DC  A 1 9  ? -3.075  -8.739  1.531   1.00 66.21  ?  9   DC  A O2    1 
ATOM   178 N  N3    . DC  A 1 9  ? -4.437  -7.515  0.168   1.00 58.96  ?  9   DC  A N3    1 
ATOM   179 C  C4    . DC  A 1 9  ? -5.422  -6.615  0.071   1.00 64.16  ?  9   DC  A C4    1 
ATOM   180 N  N4    . DC  A 1 9  ? -5.828  -6.264  -1.148  1.00 56.09  ?  9   DC  A N4    1 
ATOM   181 C  C5    . DC  A 1 9  ? -6.024  -6.036  1.223   1.00 67.08  ?  9   DC  A C5    1 
ATOM   182 C  C6    . DC  A 1 9  ? -5.580  -6.438  2.423   1.00 75.14  ?  9   DC  A C6    1 
ATOM   183 P  P     . DT  A 1 10 ? -1.889  -7.610  7.123   1.00 103.74 ?  10  DT  A P     1 
ATOM   184 O  OP1   . DT  A 1 10 ? -1.317  -8.478  8.183   1.00 102.47 ?  10  DT  A OP1   1 
ATOM   185 O  OP2   . DT  A 1 10 ? -2.075  -6.159  7.358   1.00 102.07 -1 10  DT  A OP2   1 
ATOM   186 O  "O5'" . DT  A 1 10 ? -1.039  -7.829  5.790   1.00 94.99  ?  10  DT  A "O5'" 1 
ATOM   187 C  "C5'" . DT  A 1 10 ? -0.951  -9.129  5.208   1.00 95.66  ?  10  DT  A "C5'" 1 
ATOM   188 C  "C4'" . DT  A 1 10 ? 0.350   -9.277  4.443   1.00 90.74  ?  10  DT  A "C4'" 1 
ATOM   189 O  "O4'" . DT  A 1 10 ? 0.109   -9.048  3.027   1.00 76.09  ?  10  DT  A "O4'" 1 
ATOM   190 C  "C3'" . DT  A 1 10 ? 1.408   -8.268  4.844   1.00 98.68  ?  10  DT  A "C3'" 1 
ATOM   191 O  "O3'" . DT  A 1 10 ? 2.704   -8.818  4.714   1.00 99.31  ?  10  DT  A "O3'" 1 
ATOM   192 C  "C2'" . DT  A 1 10 ? 1.179   -7.136  3.856   1.00 95.06  ?  10  DT  A "C2'" 1 
ATOM   193 C  "C1'" . DT  A 1 10 ? 0.825   -7.911  2.600   1.00 77.44  ?  10  DT  A "C1'" 1 
ATOM   194 N  N1    . DT  A 1 10 ? -0.025  -7.155  1.654   1.00 77.78  ?  10  DT  A N1    1 
ATOM   195 C  C2    . DT  A 1 10 ? 0.150   -7.353  0.307   1.00 75.96  ?  10  DT  A C2    1 
ATOM   196 O  O2    . DT  A 1 10 ? 0.976   -8.127  -0.148  1.00 74.88  ?  10  DT  A O2    1 
ATOM   197 N  N3    . DT  A 1 10 ? -0.675  -6.612  -0.490  1.00 59.72  ?  10  DT  A N3    1 
ATOM   198 C  C4    . DT  A 1 10 ? -1.632  -5.722  -0.084  1.00 59.73  ?  10  DT  A C4    1 
ATOM   199 O  O4    . DT  A 1 10 ? -2.329  -5.101  -0.875  1.00 62.07  ?  10  DT  A O4    1 
ATOM   200 C  C5    . DT  A 1 10 ? -1.760  -5.556  1.338   1.00 58.72  ?  10  DT  A C5    1 
ATOM   201 C  C7    . DT  A 1 10 ? -2.768  -4.604  1.880   1.00 61.26  ?  10  DT  A C7    1 
ATOM   202 C  C6    . DT  A 1 10 ? -0.964  -6.273  2.133   1.00 62.82  ?  10  DT  A C6    1 
ATOM   203 P  P     . DG  A 1 11 ? 3.817   -8.396  5.785   1.00 113.97 ?  11  DG  A P     1 
ATOM   204 O  OP1   . DG  A 1 11 ? 3.714   -9.359  6.906   1.00 107.77 ?  11  DG  A OP1   1 
ATOM   205 O  OP2   . DG  A 1 11 ? 3.664   -6.928  5.998   1.00 102.99 -1 11  DG  A OP2   1 
ATOM   206 O  "O5'" . DG  A 1 11 ? 5.202   -8.645  5.049   1.00 97.04  ?  11  DG  A "O5'" 1 
ATOM   207 C  "C5'" . DG  A 1 11 ? 5.267   -9.517  3.973   1.00 94.83  ?  11  DG  A "C5'" 1 
ATOM   208 C  "C4'" . DG  A 1 11 ? 5.886   -8.815  2.790   1.00 101.85 ?  11  DG  A "C4'" 1 
ATOM   209 O  "O4'" . DG  A 1 11 ? 4.868   -8.109  2.038   1.00 100.62 ?  11  DG  A "O4'" 1 
ATOM   210 C  "C3'" . DG  A 1 11 ? 6.953   -7.785  3.141   1.00 98.19  ?  11  DG  A "C3'" 1 
ATOM   211 O  "O3'" . DG  A 1 11 ? 8.092   -8.075  2.362   1.00 106.47 ?  11  DG  A "O3'" 1 
ATOM   212 C  "C2'" . DG  A 1 11 ? 6.301   -6.435  2.768   1.00 95.07  ?  11  DG  A "C2'" 1 
ATOM   213 C  "C1'" . DG  A 1 11 ? 5.359   -6.854  1.646   1.00 90.36  ?  11  DG  A "C1'" 1 
ATOM   214 N  N9    . DG  A 1 11 ? 4.197   -5.981  1.434   1.00 80.97  ?  11  DG  A N9    1 
ATOM   215 C  C8    . DG  A 1 11 ? 3.410   -5.381  2.392   1.00 84.81  ?  11  DG  A C8    1 
ATOM   216 N  N7    . DG  A 1 11 ? 2.401   -4.698  1.891   1.00 83.07  ?  11  DG  A N7    1 
ATOM   217 C  C5    . DG  A 1 11 ? 2.532   -4.867  0.510   1.00 78.21  ?  11  DG  A C5    1 
ATOM   218 C  C6    . DG  A 1 11 ? 1.738   -4.366  -0.556  1.00 74.03  ?  11  DG  A C6    1 
ATOM   219 O  O6    . DG  A 1 11 ? 0.736   -3.643  -0.498  1.00 79.27  ?  11  DG  A O6    1 
ATOM   220 N  N1    . DG  A 1 11 ? 2.219   -4.779  -1.804  1.00 73.13  ?  11  DG  A N1    1 
ATOM   221 C  C2    . DG  A 1 11 ? 3.326   -5.578  -1.987  1.00 81.10  ?  11  DG  A C2    1 
ATOM   222 N  N2    . DG  A 1 11 ? 3.644   -5.883  -3.255  1.00 74.13  ?  11  DG  A N2    1 
ATOM   223 N  N3    . DG  A 1 11 ? 4.074   -6.054  -0.995  1.00 79.98  ?  11  DG  A N3    1 
ATOM   224 C  C4    . DG  A 1 11 ? 3.625   -5.661  0.216   1.00 75.25  ?  11  DG  A C4    1 
ATOM   225 P  P     . DA  A 1 12 ? 9.422   -7.186  2.450   1.00 126.15 ?  12  DA  A P     1 
ATOM   226 O  OP1   . DA  A 1 12 ? 10.551  -8.145  2.585   1.00 106.34 ?  12  DA  A OP1   1 
ATOM   227 O  OP2   . DA  A 1 12 ? 9.199   -6.096  3.434   1.00 106.64 -1 12  DA  A OP2   1 
ATOM   228 O  "O5'" . DA  A 1 12 ? 9.508   -6.541  0.991   1.00 113.20 ?  12  DA  A "O5'" 1 
ATOM   229 C  "C5'" . DA  A 1 12 ? 9.273   -7.365  -0.149  1.00 98.18  ?  12  DA  A "C5'" 1 
ATOM   230 C  "C4'" . DA  A 1 12 ? 9.302   -6.546  -1.423  1.00 98.47  ?  12  DA  A "C4'" 1 
ATOM   231 O  "O4'" . DA  A 1 12 ? 8.015   -5.912  -1.639  1.00 91.43  ?  12  DA  A "O4'" 1 
ATOM   232 C  "C3'" . DA  A 1 12 ? 10.342  -5.438  -1.444  1.00 91.06  ?  12  DA  A "C3'" 1 
ATOM   233 O  "O3'" . DA  A 1 12 ? 10.976  -5.432  -2.678  1.00 95.36  ?  12  DA  A "O3'" 1 
ATOM   234 C  "C2'" . DA  A 1 12 ? 9.530   -4.164  -1.222  1.00 89.43  ?  12  DA  A "C2'" 1 
ATOM   235 C  "C1'" . DA  A 1 12 ? 8.173   -4.524  -1.805  1.00 81.73  ?  12  DA  A "C1'" 1 
ATOM   236 N  N9    . DA  A 1 12 ? 7.062   -3.878  -1.118  1.00 77.54  ?  12  DA  A N9    1 
ATOM   237 C  C8    . DA  A 1 12 ? 6.861   -3.799  0.233   1.00 80.82  ?  12  DA  A C8    1 
ATOM   238 N  N7    . DA  A 1 12 ? 5.754   -3.160  0.568   1.00 79.14  ?  12  DA  A N7    1 
ATOM   239 C  C5    . DA  A 1 12 ? 5.194   -2.810  -0.650  1.00 74.72  ?  12  DA  A C5    1 
ATOM   240 C  C6    . DA  A 1 12 ? 4.017   -2.116  -0.992  1.00 72.07  ?  12  DA  A C6    1 
ATOM   241 N  N6    . DA  A 1 12 ? 3.160   -1.642  -0.093  1.00 69.25  ?  12  DA  A N6    1 
ATOM   242 N  N1    . DA  A 1 12 ? 3.756   -1.936  -2.307  1.00 76.44  ?  12  DA  A N1    1 
ATOM   243 C  C2    . DA  A 1 12 ? 4.619   -2.419  -3.210  1.00 75.51  ?  12  DA  A C2    1 
ATOM   244 N  N3    . DA  A 1 12 ? 5.753   -3.085  -3.010  1.00 76.10  ?  12  DA  A N3    1 
ATOM   245 C  C4    . DA  A 1 12 ? 5.987   -3.249  -1.700  1.00 76.92  ?  12  DA  A C4    1 
ATOM   246 P  P     . DC  A 1 13 ? 12.162  -4.397  -2.955  1.00 113.96 ?  13  DC  A P     1 
ATOM   247 O  OP1   . DC  A 1 13 ? 13.019  -5.031  -3.983  1.00 102.43 ?  13  DC  A OP1   1 
ATOM   248 O  OP2   . DC  A 1 13 ? 12.716  -3.945  -1.655  1.00 111.99 -1 13  DC  A OP2   1 
ATOM   249 O  "O5'" . DC  A 1 13 ? 11.414  -3.149  -3.606  1.00 104.62 ?  13  DC  A "O5'" 1 
ATOM   250 C  "C5'" . DC  A 1 13 ? 10.511  -3.359  -4.669  1.00 95.45  ?  13  DC  A "C5'" 1 
ATOM   251 C  "C4'" . DC  A 1 13 ? 9.741   -2.094  -4.950  1.00 93.40  ?  13  DC  A "C4'" 1 
ATOM   252 O  "O4'" . DC  A 1 13 ? 8.705   -1.918  -3.950  1.00 94.47  ?  13  DC  A "O4'" 1 
ATOM   253 C  "C3'" . DC  A 1 13 ? 10.590  -0.820  -4.898  1.00 96.98  ?  13  DC  A "C3'" 1 
ATOM   254 O  "O3'" . DC  A 1 13 ? 10.513  -0.132  -6.127  1.00 96.23  ?  13  DC  A "O3'" 1 
ATOM   255 C  "C2'" . DC  A 1 13 ? 9.964   -0.005  -3.763  1.00 96.81  ?  13  DC  A "C2'" 1 
ATOM   256 C  "C1'" . DC  A 1 13 ? 8.550   -0.544  -3.757  1.00 89.05  ?  13  DC  A "C1'" 1 
ATOM   257 N  N1    . DC  A 1 13 ? 7.823   -0.275  -2.493  1.00 73.91  ?  13  DC  A N1    1 
ATOM   258 C  C2    . DC  A 1 13 ? 6.609   0.407   -2.552  1.00 78.10  ?  13  DC  A C2    1 
ATOM   259 O  O2    . DC  A 1 13 ? 6.164   0.722   -3.658  1.00 82.29  ?  13  DC  A O2    1 
ATOM   260 N  N3    . DC  A 1 13 ? 5.950   0.685   -1.404  1.00 72.98  ?  13  DC  A N3    1 
ATOM   261 C  C4    . DC  A 1 13 ? 6.468   0.314   -0.236  1.00 72.80  ?  13  DC  A C4    1 
ATOM   262 N  N4    . DC  A 1 13 ? 5.783   0.613   0.866   1.00 64.51  ?  13  DC  A N4    1 
ATOM   263 C  C5    . DC  A 1 13 ? 7.718   -0.375  -0.149  1.00 74.17  ?  13  DC  A C5    1 
ATOM   264 C  C6    . DC  A 1 13 ? 8.362   -0.639  -1.297  1.00 71.80  ?  13  DC  A C6    1 
ATOM   265 P  P     . DG  A 1 14 ? 11.365  1.214   -6.339  1.00 114.91 ?  14  DG  A P     1 
ATOM   266 O  OP1   . DG  A 1 14 ? 12.256  0.993   -7.506  1.00 125.35 ?  14  DG  A OP1   1 
ATOM   267 O  OP2   . DG  A 1 14 ? 11.954  1.620   -5.042  1.00 93.13  -1 14  DG  A OP2   1 
ATOM   268 O  "O5'" . DG  A 1 14 ? 10.257  2.291   -6.718  1.00 95.96  ?  14  DG  A "O5'" 1 
ATOM   269 C  "C5'" . DG  A 1 14 ? 9.059   1.865   -7.348  1.00 94.05  ?  14  DG  A "C5'" 1 
ATOM   270 C  "C4'" . DG  A 1 14 ? 8.068   3.003   -7.402  1.00 93.84  ?  14  DG  A "C4'" 1 
ATOM   271 O  "O4'" . DG  A 1 14 ? 7.261   3.025   -6.188  1.00 97.43  ?  14  DG  A "O4'" 1 
ATOM   272 C  "C3'" . DG  A 1 14 ? 8.694   4.384   -7.503  1.00 90.88  ?  14  DG  A "C3'" 1 
ATOM   273 O  "O3'" . DG  A 1 14 ? 7.847   5.203   -8.280  1.00 98.58  ?  14  DG  A "O3'" 1 
ATOM   274 C  "C2'" . DG  A 1 14 ? 8.730   4.841   -6.041  1.00 89.64  ?  14  DG  A "C2'" 1 
ATOM   275 C  "C1'" . DG  A 1 14 ? 7.409   4.277   -5.536  1.00 83.70  ?  14  DG  A "C1'" 1 
ATOM   276 N  N9    . DG  A 1 14 ? 7.347   4.065   -4.080  1.00 79.71  ?  14  DG  A N9    1 
ATOM   277 C  C8    . DG  A 1 14 ? 8.212   3.316   -3.309  1.00 80.20  ?  14  DG  A C8    1 
ATOM   278 N  N7    . DG  A 1 14 ? 7.895   3.291   -2.042  1.00 65.98  ?  14  DG  A N7    1 
ATOM   279 C  C5    . DG  A 1 14 ? 6.745   4.067   -1.970  1.00 64.93  ?  14  DG  A C5    1 
ATOM   280 C  C6    . DG  A 1 14 ? 5.952   4.397   -0.848  1.00 64.70  ?  14  DG  A C6    1 
ATOM   281 O  O6    . DG  A 1 14 ? 6.110   4.057   0.334   1.00 53.85  ?  14  DG  A O6    1 
ATOM   282 N  N1    . DG  A 1 14 ? 4.874   5.205   -1.202  1.00 58.22  ?  14  DG  A N1    1 
ATOM   283 C  C2    . DG  A 1 14 ? 4.603   5.634   -2.483  1.00 58.92  ?  14  DG  A C2    1 
ATOM   284 N  N2    . DG  A 1 14 ? 3.522   6.410   -2.626  1.00 56.43  ?  14  DG  A N2    1 
ATOM   285 N  N3    . DG  A 1 14 ? 5.343   5.327   -3.545  1.00 56.62  ?  14  DG  A N3    1 
ATOM   286 C  C4    . DG  A 1 14 ? 6.397   4.549   -3.212  1.00 56.20  ?  14  DG  A C4    1 
ATOM   287 P  P     . DA  A 1 15 ? 8.304   6.678   -8.692  1.00 103.18 ?  15  DA  A P     1 
ATOM   288 O  OP1   . DA  A 1 15 ? 8.061   6.806   -10.150 1.00 109.24 ?  15  DA  A OP1   1 
ATOM   289 O  OP2   . DA  A 1 15 ? 9.620   6.947   -8.043  1.00 85.52  -1 15  DA  A OP2   1 
ATOM   290 O  "O5'" . DA  A 1 15 ? 7.221   7.604   -8.014  1.00 91.32  ?  15  DA  A "O5'" 1 
ATOM   291 C  "C5'" . DA  A 1 15 ? 5.874   7.422   -8.329  1.00 88.58  ?  15  DA  A "C5'" 1 
ATOM   292 C  "C4'" . DA  A 1 15 ? 5.054   8.523   -7.704  1.00 91.65  ?  15  DA  A "C4'" 1 
ATOM   293 O  "O4'" . DA  A 1 15 ? 4.931   8.298   -6.272  1.00 86.77  ?  15  DA  A "O4'" 1 
ATOM   294 C  "C3'" . DA  A 1 15 ? 5.635   9.919   -7.870  1.00 84.92  ?  15  DA  A "C3'" 1 
ATOM   295 O  "O3'" . DA  A 1 15 ? 4.577   10.814  -8.111  1.00 78.38  ?  15  DA  A "O3'" 1 
ATOM   296 C  "C2'" . DA  A 1 15 ? 6.341   10.183  -6.526  1.00 82.00  ?  15  DA  A "C2'" 1 
ATOM   297 C  "C1'" . DA  A 1 15 ? 5.472   9.393   -5.545  1.00 82.96  ?  15  DA  A "C1'" 1 
ATOM   298 N  N9    . DA  A 1 15 ? 6.165   8.827   -4.376  1.00 68.22  ?  15  DA  A N9    1 
ATOM   299 C  C8    . DA  A 1 15 ? 7.267   8.013   -4.372  1.00 75.20  ?  15  DA  A C8    1 
ATOM   300 N  N7    . DA  A 1 15 ? 7.624   7.602   -3.169  1.00 63.96  ?  15  DA  A N7    1 
ATOM   301 C  C5    . DA  A 1 15 ? 6.680   8.174   -2.340  1.00 62.39  ?  15  DA  A C5    1 
ATOM   302 C  C6    . DA  A 1 15 ? 6.497   8.127   -0.946  1.00 57.27  ?  15  DA  A C6    1 
ATOM   303 N  N6    . DA  A 1 15 ? 7.301   7.444   -0.123  1.00 51.80  ?  15  DA  A N6    1 
ATOM   304 N  N1    . DA  A 1 15 ? 5.455   8.801   -0.431  1.00 54.71  ?  15  DA  A N1    1 
ATOM   305 C  C2    . DA  A 1 15 ? 4.649   9.481   -1.259  1.00 63.57  ?  15  DA  A C2    1 
ATOM   306 N  N3    . DA  A 1 15 ? 4.720   9.600   -2.586  1.00 68.44  ?  15  DA  A N3    1 
ATOM   307 C  C4    . DA  A 1 15 ? 5.766   8.917   -3.068  1.00 56.64  ?  15  DA  A C4    1 
ATOM   308 P  P     . DC  A 1 16 ? 4.870   12.298  -8.634  1.00 104.70 ?  16  DC  A P     1 
ATOM   309 O  OP1   . DC  A 1 16 ? 3.685   12.677  -9.444  1.00 89.43  ?  16  DC  A OP1   1 
ATOM   310 O  OP2   . DC  A 1 16 ? 6.248   12.341  -9.190  1.00 103.50 -1 16  DC  A OP2   1 
ATOM   311 O  "O5'" . DC  A 1 16 ? 4.839   13.158  -7.291  1.00 97.31  ?  16  DC  A "O5'" 1 
ATOM   312 C  "C5'" . DC  A 1 16 ? 3.722   13.034  -6.429  1.00 92.17  ?  16  DC  A "C5'" 1 
ATOM   313 C  "C4'" . DC  A 1 16 ? 3.993   13.698  -5.100  1.00 88.61  ?  16  DC  A "C4'" 1 
ATOM   314 O  "O4'" . DC  A 1 16 ? 4.727   12.799  -4.224  1.00 82.57  ?  16  DC  A "O4'" 1 
ATOM   315 C  "C3'" . DC  A 1 16 ? 4.820   14.983  -5.177  1.00 86.47  ?  16  DC  A "C3'" 1 
ATOM   316 O  "O3'" . DC  A 1 16 ? 4.134   15.996  -4.459  1.00 93.27  ?  16  DC  A "O3'" 1 
ATOM   317 C  "C2'" . DC  A 1 16 ? 6.154   14.592  -4.506  1.00 74.47  ?  16  DC  A "C2'" 1 
ATOM   318 C  "C1'" . DC  A 1 16 ? 5.659   13.564  -3.509  1.00 72.61  ?  16  DC  A "C1'" 1 
ATOM   319 N  N1    . DC  A 1 16 ? 6.684   12.657  -2.941  1.00 63.28  ?  16  DC  A N1    1 
ATOM   320 C  C2    . DC  A 1 16 ? 6.667   12.408  -1.564  1.00 69.42  ?  16  DC  A C2    1 
ATOM   321 O  O2    . DC  A 1 16 ? 5.813   12.980  -0.873  1.00 73.57  ?  16  DC  A O2    1 
ATOM   322 N  N3    . DC  A 1 16 ? 7.587   11.563  -1.027  1.00 63.48  ?  16  DC  A N3    1 
ATOM   323 C  C4    . DC  A 1 16 ? 8.481   10.966  -1.821  1.00 67.53  ?  16  DC  A C4    1 
ATOM   324 N  N4    . DC  A 1 16 ? 9.368   10.135  -1.254  1.00 58.03  ?  16  DC  A N4    1 
ATOM   325 C  C5    . DC  A 1 16 ? 8.509   11.203  -3.234  1.00 64.08  ?  16  DC  A C5    1 
ATOM   326 C  C6    . DC  A 1 16 ? 7.597   12.050  -3.744  1.00 63.81  ?  16  DC  A C6    1 
ATOM   327 P  P     . DA  A 1 17 ? 4.521   17.538  -4.656  1.00 108.90 ?  17  DA  A P     1 
ATOM   328 O  OP1   . DA  A 1 17 ? 3.938   17.948  -5.951  1.00 93.71  ?  17  DA  A OP1   1 
ATOM   329 O  OP2   . DA  A 1 17 ? 5.975   17.665  -4.377  1.00 92.77  -1 17  DA  A OP2   1 
ATOM   330 O  "O5'" . DA  A 1 17 ? 3.714   18.302  -3.498  1.00 97.45  ?  17  DA  A "O5'" 1 
ATOM   331 C  "C5'" . DA  A 1 17 ? 3.128   17.575  -2.434  1.00 84.60  ?  17  DA  A "C5'" 1 
ATOM   332 C  "C4'" . DA  A 1 17 ? 3.921   17.733  -1.138  1.00 84.08  ?  17  DA  A "C4'" 1 
ATOM   333 O  "O4'" . DA  A 1 17 ? 4.916   16.696  -1.018  1.00 74.95  ?  17  DA  A "O4'" 1 
ATOM   334 C  "C3'" . DA  A 1 17 ? 4.670   19.056  -0.937  1.00 85.05  ?  17  DA  A "C3'" 1 
ATOM   335 O  "O3'" . DA  A 1 17 ? 4.277   19.596  0.314   1.00 94.73  ?  17  DA  A "O3'" 1 
ATOM   336 C  "C2'" . DA  A 1 17 ? 6.149   18.635  -0.918  1.00 76.12  ?  17  DA  A "C2'" 1 
ATOM   337 C  "C1'" . DA  A 1 17 ? 6.037   17.230  -0.370  1.00 72.17  ?  17  DA  A "C1'" 1 
ATOM   338 N  N9    . DA  A 1 17 ? 7.144   16.354  -0.685  1.00 74.42  ?  17  DA  A N9    1 
ATOM   339 C  C8    . DA  A 1 17 ? 7.637   16.065  -1.926  1.00 72.96  ?  17  DA  A C8    1 
ATOM   340 N  N7    . DA  A 1 17 ? 8.613   15.181  -1.908  1.00 75.12  ?  17  DA  A N7    1 
ATOM   341 C  C5    . DA  A 1 17 ? 8.746   14.853  -0.567  1.00 60.89  ?  17  DA  A C5    1 
ATOM   342 C  C6    . DA  A 1 17 ? 9.609   13.976  0.121   1.00 67.05  ?  17  DA  A C6    1 
ATOM   343 N  N6    . DA  A 1 17 ? 10.531  13.233  -0.488  1.00 68.67  ?  17  DA  A N6    1 
ATOM   344 N  N1    . DA  A 1 17 ? 9.490   13.898  1.468   1.00 68.24  ?  17  DA  A N1    1 
ATOM   345 C  C2    . DA  A 1 17 ? 8.553   14.640  2.070   1.00 67.33  ?  17  DA  A C2    1 
ATOM   346 N  N3    . DA  A 1 17 ? 7.685   15.498  1.527   1.00 66.81  ?  17  DA  A N3    1 
ATOM   347 C  C4    . DA  A 1 17 ? 7.841   15.562  0.198   1.00 69.29  ?  17  DA  A C4    1 
ATOM   348 P  P     . DC  A 1 18 ? 4.496   21.150  0.645   1.00 91.89  ?  18  DC  A P     1 
ATOM   349 O  OP1   . DC  A 1 18 ? 3.295   21.605  1.381   1.00 90.69  ?  18  DC  A OP1   1 
ATOM   350 O  OP2   . DC  A 1 18 ? 4.893   21.831  -0.607  1.00 101.05 -1 18  DC  A OP2   1 
ATOM   351 O  "O5'" . DC  A 1 18 ? 5.706   21.124  1.683   1.00 87.36  ?  18  DC  A "O5'" 1 
ATOM   352 C  "C5'" . DC  A 1 18 ? 5.521   20.407  2.875   1.00 93.61  ?  18  DC  A "C5'" 1 
ATOM   353 C  "C4'" . DC  A 1 18 ? 6.826   19.900  3.444   1.00 86.45  ?  18  DC  A "C4'" 1 
ATOM   354 O  "O4'" . DC  A 1 18 ? 7.485   19.027  2.526   1.00 85.00  ?  18  DC  A "O4'" 1 
ATOM   355 C  "C3'" . DC  A 1 18 ? 7.864   20.958  3.760   1.00 86.74  ?  18  DC  A "C3'" 1 
ATOM   356 O  "O3'" . DC  A 1 18 ? 7.748   21.334  5.128   1.00 99.21  ?  18  DC  A "O3'" 1 
ATOM   357 C  "C2'" . DC  A 1 18 ? 9.204   20.238  3.479   1.00 84.55  ?  18  DC  A "C2'" 1 
ATOM   358 C  "C1'" . DC  A 1 18 ? 8.760   18.842  3.064   1.00 76.12  ?  18  DC  A "C1'" 1 
ATOM   359 N  N1    . DC  A 1 18 ? 9.626   18.188  2.056   1.00 75.25  ?  18  DC  A N1    1 
ATOM   360 C  C2    . DC  A 1 18 ? 10.542  17.215  2.466   1.00 74.19  ?  18  DC  A C2    1 
ATOM   361 O  O2    . DC  A 1 18 ? 10.614  16.925  3.667   1.00 68.97  ?  18  DC  A O2    1 
ATOM   362 N  N3    . DC  A 1 18 ? 11.329  16.612  1.526   1.00 67.07  ?  18  DC  A N3    1 
ATOM   363 C  C4    . DC  A 1 18 ? 11.218  16.955  0.240   1.00 72.42  ?  18  DC  A C4    1 
ATOM   364 N  N4    . DC  A 1 18 ? 12.014  16.340  -0.651  1.00 67.81  ?  18  DC  A N4    1 
ATOM   365 C  C5    . DC  A 1 18 ? 10.285  17.944  -0.195  1.00 72.64  ?  18  DC  A C5    1 
ATOM   366 C  C6    . DC  A 1 18 ? 9.514   18.525  0.738   1.00 80.92  ?  18  DC  A C6    1 
ATOM   367 P  P     . DT  A 1 19 ? 8.730   22.445  5.751   1.00 114.76 ?  19  DT  A P     1 
ATOM   368 O  OP1   . DT  A 1 19 ? 8.096   22.988  6.977   1.00 99.92  ?  19  DT  A OP1   1 
ATOM   369 O  OP2   . DT  A 1 19 ? 9.155   23.340  4.649   1.00 99.72  -1 19  DT  A OP2   1 
ATOM   370 O  "O5'" . DT  A 1 19 ? 9.990   21.603  6.220   1.00 89.24  ?  19  DT  A "O5'" 1 
ATOM   371 C  "C5'" . DT  A 1 19 ? 9.789   20.492  7.040   1.00 94.04  ?  19  DT  A "C5'" 1 
ATOM   372 C  "C4'" . DT  A 1 19 ? 11.111  19.939  7.476   1.00 93.21  ?  19  DT  A "C4'" 1 
ATOM   373 O  "O4'" . DT  A 1 19 ? 11.716  19.214  6.377   1.00 91.42  ?  19  DT  A "O4'" 1 
ATOM   374 C  "C3'" . DT  A 1 19 ? 12.125  20.989  7.875   1.00 96.14  ?  19  DT  A "C3'" 1 
ATOM   375 O  "O3'" . DT  A 1 19 ? 12.928  20.456  8.884   1.00 105.11 ?  19  DT  A "O3'" 1 
ATOM   376 C  "C2'" . DT  A 1 19 ? 12.920  21.187  6.584   1.00 99.06  ?  19  DT  A "C2'" 1 
ATOM   377 C  "C1'" . DT  A 1 19 ? 12.993  19.752  6.105   1.00 93.56  ?  19  DT  A "C1'" 1 
ATOM   378 N  N1    . DT  A 1 19 ? 13.265  19.567  4.643   1.00 83.30  ?  19  DT  A N1    1 
ATOM   379 C  C2    . DT  A 1 19 ? 14.162  18.596  4.257   1.00 78.19  ?  19  DT  A C2    1 
ATOM   380 O  O2    . DT  A 1 19 ? 14.782  17.901  5.057   1.00 74.09  ?  19  DT  A O2    1 
ATOM   381 N  N3    . DT  A 1 19 ? 14.315  18.467  2.900   1.00 75.89  ?  19  DT  A N3    1 
ATOM   382 C  C4    . DT  A 1 19 ? 13.671  19.197  1.908   1.00 81.75  ?  19  DT  A C4    1 
ATOM   383 O  O4    . DT  A 1 19 ? 13.878  19.013  0.706   1.00 88.76  ?  19  DT  A O4    1 
ATOM   384 C  C5    . DT  A 1 19 ? 12.742  20.191  2.379   1.00 81.02  ?  19  DT  A C5    1 
ATOM   385 C  C7    . DT  A 1 19 ? 11.992  21.037  1.389   1.00 75.09  ?  19  DT  A C7    1 
ATOM   386 C  C6    . DT  A 1 19 ? 12.580  20.326  3.711   1.00 80.76  ?  19  DT  A C6    1 
ATOM   387 P  P     . DC  A 1 20 ? 13.308  21.348  10.153  1.00 113.48 ?  20  DC  A P     1 
ATOM   388 O  OP1   . DC  A 1 20 ? 12.718  20.678  11.335  1.00 112.30 ?  20  DC  A OP1   1 
ATOM   389 O  OP2   . DC  A 1 20 ? 12.971  22.758  9.824   1.00 90.13  -1 20  DC  A OP2   1 
ATOM   390 O  "O5'" . DC  A 1 20 ? 14.898  21.217  10.232  1.00 96.82  ?  20  DC  A "O5'" 1 
ATOM   391 C  "C5'" . DC  A 1 20 ? 15.535  19.988  9.917   1.00 94.33  ?  20  DC  A "C5'" 1 
ATOM   392 C  "C4'" . DC  A 1 20 ? 16.893  20.258  9.297   1.00 102.97 ?  20  DC  A "C4'" 1 
ATOM   393 O  "O4'" . DC  A 1 20 ? 16.797  20.197  7.839   1.00 100.56 ?  20  DC  A "O4'" 1 
ATOM   394 C  "C3'" . DC  A 1 20 ? 17.469  21.652  9.610   1.00 103.84 ?  20  DC  A "C3'" 1 
ATOM   395 O  "O3'" . DC  A 1 20 ? 18.894  21.580  9.741   1.00 104.70 ?  20  DC  A "O3'" 1 
ATOM   396 C  "C2'" . DC  A 1 20 ? 17.080  22.441  8.365   1.00 99.42  ?  20  DC  A "C2'" 1 
ATOM   397 C  "C1'" . DC  A 1 20 ? 17.368  21.380  7.321   1.00 96.86  ?  20  DC  A "C1'" 1 
ATOM   398 N  N1    . DC  A 1 20 ? 16.833  21.666  5.957   1.00 88.62  ?  20  DC  A N1    1 
ATOM   399 C  C2    . DC  A 1 20 ? 17.332  20.925  4.885   1.00 86.17  ?  20  DC  A C2    1 
ATOM   400 O  O2    . DC  A 1 20 ? 18.177  20.038  5.123   1.00 83.80  ?  20  DC  A O2    1 
ATOM   401 N  N3    . DC  A 1 20 ? 16.872  21.188  3.631   1.00 82.98  ?  20  DC  A N3    1 
ATOM   402 C  C4    . DC  A 1 20 ? 15.956  22.162  3.443   1.00 83.03  ?  20  DC  A C4    1 
ATOM   403 N  N4    . DC  A 1 20 ? 15.529  22.383  2.191   1.00 82.13  ?  20  DC  A N4    1 
ATOM   404 C  C5    . DC  A 1 20 ? 15.440  22.940  4.531   1.00 74.07  ?  20  DC  A C5    1 
ATOM   405 C  C6    . DC  A 1 20 ? 15.909  22.667  5.758   1.00 83.31  ?  20  DC  A C6    1 
ATOM   406 P  P     . DA  A 1 21 ? 19.571  21.186  11.147  1.00 118.92 ?  21  DA  A P     1 
ATOM   407 O  OP1   . DA  A 1 21 ? 18.486  20.773  12.069  1.00 121.21 ?  21  DA  A OP1   1 
ATOM   408 O  OP2   . DA  A 1 21 ? 20.471  22.293  11.540  1.00 102.38 -1 21  DA  A OP2   1 
ATOM   409 O  "O5'" . DA  A 1 21 ? 20.461  19.898  10.793  1.00 100.60 ?  21  DA  A "O5'" 1 
ATOM   410 C  "C5'" . DA  A 1 21 ? 21.868  19.923  10.987  1.00 99.91  ?  21  DA  A "C5'" 1 
ATOM   411 C  "C4'" . DA  A 1 21 ? 22.583  19.234  9.836   1.00 100.82 ?  21  DA  A "C4'" 1 
ATOM   412 O  "O4'" . DA  A 1 21 ? 21.888  19.516  8.594   1.00 102.19 ?  21  DA  A "O4'" 1 
ATOM   413 C  "C3'" . DA  A 1 21 ? 24.006  19.705  9.596   1.00 99.53  ?  21  DA  A "C3'" 1 
ATOM   414 O  "O3'" . DA  A 1 21 ? 24.740  18.686  8.940   1.00 99.29  ?  21  DA  A "O3'" 1 
ATOM   415 C  "C2'" . DA  A 1 21 ? 23.782  20.901  8.676   1.00 94.64  ?  21  DA  A "C2'" 1 
ATOM   416 C  "C1'" . DA  A 1 21 ? 22.685  20.362  7.778   1.00 93.29  ?  21  DA  A "C1'" 1 
ATOM   417 N  N9    . DA  A 1 21 ? 21.824  21.392  7.225   1.00 87.41  ?  21  DA  A N9    1 
ATOM   418 C  C8    . DA  A 1 21 ? 21.231  22.423  7.900   1.00 83.77  ?  21  DA  A C8    1 
ATOM   419 N  N7    . DA  A 1 21 ? 20.484  23.194  7.136   1.00 89.05  ?  21  DA  A N7    1 
ATOM   420 C  C5    . DA  A 1 21 ? 20.589  22.619  5.874   1.00 84.98  ?  21  DA  A C5    1 
ATOM   421 C  C6    . DA  A 1 21 ? 20.031  22.957  4.621   1.00 79.03  ?  21  DA  A C6    1 
ATOM   422 N  N6    . DA  A 1 21 ? 19.221  24.010  4.432   1.00 77.85  ?  21  DA  A N6    1 
ATOM   423 N  N1    . DA  A 1 21 ? 20.342  22.171  3.568   1.00 81.42  ?  21  DA  A N1    1 
ATOM   424 C  C2    . DA  A 1 21 ? 21.155  21.118  3.761   1.00 83.69  ?  21  DA  A C2    1 
ATOM   425 N  N3    . DA  A 1 21 ? 21.740  20.699  4.885   1.00 77.70  ?  21  DA  A N3    1 
ATOM   426 C  C4    . DA  A 1 21 ? 21.413  21.503  5.914   1.00 85.83  ?  21  DA  A C4    1 
ATOM   427 P  P     . DC  B 2 1  ? -2.283  6.027   4.943   1.00 71.65  ?  1   DC  B P     1 
ATOM   428 O  OP1   . DC  B 2 1  ? -3.597  6.432   5.455   1.00 60.82  ?  1   DC  B OP1   1 
ATOM   429 O  OP2   . DC  B 2 1  ? -1.316  5.308   5.793   1.00 57.71  -1 1   DC  B OP2   1 
ATOM   430 O  "O5'" . DC  B 2 1  ? -1.475  7.347   4.526   1.00 67.74  ?  1   DC  B "O5'" 1 
ATOM   431 C  "C5'" . DC  B 2 1  ? -2.161  8.434   3.896   1.00 64.81  ?  1   DC  B "C5'" 1 
ATOM   432 C  "C4'" . DC  B 2 1  ? -1.613  8.698   2.503   1.00 65.12  ?  1   DC  B "C4'" 1 
ATOM   433 O  "O4'" . DC  B 2 1  ? -0.182  8.794   2.553   1.00 64.25  ?  1   DC  B "O4'" 1 
ATOM   434 C  "C3'" . DC  B 2 1  ? -1.875  7.604   1.497   1.00 63.10  ?  1   DC  B "C3'" 1 
ATOM   435 O  "O3'" . DC  B 2 1  ? -3.127  7.793   0.937   1.00 69.23  ?  1   DC  B "O3'" 1 
ATOM   436 C  "C2'" . DC  B 2 1  ? -0.783  7.848   0.470   1.00 57.04  ?  1   DC  B "C2'" 1 
ATOM   437 C  "C1'" . DC  B 2 1  ? 0.364   8.347   1.332   1.00 50.91  ?  1   DC  B "C1'" 1 
ATOM   438 N  N1    . DC  B 2 1  ? 1.358   7.333   1.641   1.00 50.07  ?  1   DC  B N1    1 
ATOM   439 C  C2    . DC  B 2 1  ? 2.235   6.924   0.654   1.00 50.01  ?  1   DC  B C2    1 
ATOM   440 O  O2    . DC  B 2 1  ? 2.130   7.420   -0.471  1.00 57.16  ?  1   DC  B O2    1 
ATOM   441 N  N3    . DC  B 2 1  ? 3.175   6.002   0.956   1.00 48.51  ?  1   DC  B N3    1 
ATOM   442 C  C4    . DC  B 2 1  ? 3.245   5.504   2.190   1.00 49.10  ?  1   DC  B C4    1 
ATOM   443 N  N4    . DC  B 2 1  ? 4.187   4.601   2.443   1.00 47.29  ?  1   DC  B N4    1 
ATOM   444 C  C5    . DC  B 2 1  ? 2.357   5.914   3.218   1.00 42.64  ?  1   DC  B C5    1 
ATOM   445 C  C6    . DC  B 2 1  ? 1.435   6.824   2.899   1.00 51.61  ?  1   DC  B C6    1 
ATOM   446 P  P     . DG  B 2 2  ? -3.912  6.539   0.342   1.00 79.65  ?  2   DG  B P     1 
ATOM   447 O  OP1   . DG  B 2 2  ? -5.227  7.070   -0.088  1.00 81.96  ?  2   DG  B OP1   1 
ATOM   448 O  OP2   . DG  B 2 2  ? -3.783  5.440   1.334   1.00 70.26  -1 2   DG  B OP2   1 
ATOM   449 O  "O5'" . DG  B 2 2  ? -3.050  6.128   -0.947  1.00 69.98  ?  2   DG  B "O5'" 1 
ATOM   450 C  "C5'" . DG  B 2 2  ? -3.104  6.925   -2.133  1.00 64.41  ?  2   DG  B "C5'" 1 
ATOM   451 C  "C4'" . DG  B 2 2  ? -2.157  6.348   -3.150  1.00 63.14  ?  2   DG  B "C4'" 1 
ATOM   452 O  "O4'" . DG  B 2 2  ? -0.882  6.184   -2.509  1.00 71.15  ?  2   DG  B "O4'" 1 
ATOM   453 C  "C3'" . DG  B 2 2  ? -2.551  4.962   -3.602  1.00 68.80  ?  2   DG  B "C3'" 1 
ATOM   454 O  "O3'" . DG  B 2 2  ? -3.220  5.037   -4.822  1.00 81.03  ?  2   DG  B "O3'" 1 
ATOM   455 C  "C2'" . DG  B 2 2  ? -1.233  4.213   -3.758  1.00 72.80  ?  2   DG  B "C2'" 1 
ATOM   456 C  "C1'" . DG  B 2 2  ? -0.223  5.053   -3.012  1.00 60.10  ?  2   DG  B "C1'" 1 
ATOM   457 N  N9    . DG  B 2 2  ? 0.390   4.337   -1.909  1.00 60.63  ?  2   DG  B N9    1 
ATOM   458 C  C8    . DG  B 2 2  ? -0.010  4.307   -0.590  1.00 57.09  ?  2   DG  B C8    1 
ATOM   459 N  N7    . DG  B 2 2  ? 0.765   3.560   0.161   1.00 49.65  ?  2   DG  B N7    1 
ATOM   460 C  C5    . DG  B 2 2  ? 1.716   3.074   -0.719  1.00 46.59  ?  2   DG  B C5    1 
ATOM   461 C  C6    . DG  B 2 2  ? 2.804   2.214   -0.508  1.00 54.52  ?  2   DG  B C6    1 
ATOM   462 O  O6    . DG  B 2 2  ? 3.173   1.681   0.547   1.00 61.25  ?  2   DG  B O6    1 
ATOM   463 N  N1    . DG  B 2 2  ? 3.500   1.973   -1.675  1.00 62.33  ?  2   DG  B N1    1 
ATOM   464 C  C2    . DG  B 2 2  ? 3.184   2.496   -2.899  1.00 63.25  ?  2   DG  B C2    1 
ATOM   465 N  N2    . DG  B 2 2  ? 3.981   2.148   -3.917  1.00 63.85  ?  2   DG  B N2    1 
ATOM   466 N  N3    . DG  B 2 2  ? 2.165   3.307   -3.112  1.00 51.27  ?  2   DG  B N3    1 
ATOM   467 C  C4    . DG  B 2 2  ? 1.485   3.546   -1.999  1.00 51.13  ?  2   DG  B C4    1 
ATOM   468 P  P     . DT  B 2 3  ? -3.851  3.703   -5.457  1.00 99.93  ?  3   DT  B P     1 
ATOM   469 O  OP1   . DT  B 2 3  ? -4.775  4.157   -6.530  1.00 99.96  ?  3   DT  B OP1   1 
ATOM   470 O  OP2   . DT  B 2 3  ? -4.339  2.884   -4.325  1.00 95.59  -1 3   DT  B OP2   1 
ATOM   471 O  "O5'" . DT  B 2 3  ? -2.599  2.917   -6.098  1.00 81.36  ?  3   DT  B "O5'" 1 
ATOM   472 C  "C5'" . DT  B 2 3  ? -1.786  3.566   -7.093  1.00 80.82  ?  3   DT  B "C5'" 1 
ATOM   473 C  "C4'" . DT  B 2 3  ? -0.662  2.663   -7.582  1.00 79.20  ?  3   DT  B "C4'" 1 
ATOM   474 O  "O4'" . DT  B 2 3  ? 0.206   2.293   -6.475  1.00 72.94  ?  3   DT  B "O4'" 1 
ATOM   475 C  "C3'" . DT  B 2 3  ? -1.101  1.349   -8.240  1.00 68.04  ?  3   DT  B "C3'" 1 
ATOM   476 O  "O3'" . DT  B 2 3  ? -0.253  1.077   -9.333  1.00 77.77  ?  3   DT  B "O3'" 1 
ATOM   477 C  "C2'" . DT  B 2 3  ? -0.899  0.332   -7.125  1.00 71.58  ?  3   DT  B "C2'" 1 
ATOM   478 C  "C1'" . DT  B 2 3  ? 0.349   0.885   -6.447  1.00 71.52  ?  3   DT  B "C1'" 1 
ATOM   479 N  N1    . DT  B 2 3  ? 0.488   0.483   -5.040  1.00 60.34  ?  3   DT  B N1    1 
ATOM   480 C  C2    . DT  B 2 3  ? 1.579   -0.247  -4.654  1.00 63.72  ?  3   DT  B C2    1 
ATOM   481 O  O2    . DT  B 2 3  ? 2.448   -0.600  -5.426  1.00 66.24  ?  3   DT  B O2    1 
ATOM   482 N  N3    . DT  B 2 3  ? 1.617   -0.549  -3.320  1.00 65.74  ?  3   DT  B N3    1 
ATOM   483 C  C4    . DT  B 2 3  ? 0.699   -0.196  -2.364  1.00 61.72  ?  3   DT  B C4    1 
ATOM   484 O  O4    . DT  B 2 3  ? 0.824   -0.511  -1.189  1.00 64.71  ?  3   DT  B O4    1 
ATOM   485 C  C5    . DT  B 2 3  ? -0.417  0.576   -2.842  1.00 55.46  ?  3   DT  B C5    1 
ATOM   486 C  C7    . DT  B 2 3  ? -1.479  1.026   -1.900  1.00 54.73  ?  3   DT  B C7    1 
ATOM   487 C  C6    . DT  B 2 3  ? -0.465  0.873   -4.142  1.00 57.37  ?  3   DT  B C6    1 
ATOM   488 P  P     . DC  B 2 4  ? -0.710  0.095   -10.519 1.00 87.17  ?  4   DC  B P     1 
ATOM   489 O  OP1   . DC  B 2 4  ? -0.124  0.711   -11.740 1.00 79.21  ?  4   DC  B OP1   1 
ATOM   490 O  OP2   . DC  B 2 4  ? -2.158  -0.204  -10.406 1.00 70.66  -1 4   DC  B OP2   1 
ATOM   491 O  "O5'" . DC  B 2 4  ? 0.091   -1.255  -10.221 1.00 69.09  ?  4   DC  B "O5'" 1 
ATOM   492 C  "C5'" . DC  B 2 4  ? 1.490   -1.208  -10.217 1.00 62.56  ?  4   DC  B "C5'" 1 
ATOM   493 C  "C4'" . DC  B 2 4  ? 2.080   -2.506  -9.713  1.00 69.11  ?  4   DC  B "C4'" 1 
ATOM   494 O  "O4'" . DC  B 2 4  ? 1.952   -2.595  -8.273  1.00 65.70  ?  4   DC  B "O4'" 1 
ATOM   495 C  "C3'" . DC  B 2 4  ? 1.468   -3.782  -10.278 1.00 69.52  ?  4   DC  B "C3'" 1 
ATOM   496 O  "O3'" . DC  B 2 4  ? 2.535   -4.665  -10.626 1.00 73.46  ?  4   DC  B "O3'" 1 
ATOM   497 C  "C2'" . DC  B 2 4  ? 0.639   -4.326  -9.096  1.00 66.57  ?  4   DC  B "C2'" 1 
ATOM   498 C  "C1'" . DC  B 2 4  ? 1.488   -3.881  -7.912  1.00 70.55  ?  4   DC  B "C1'" 1 
ATOM   499 N  N1    . DC  B 2 4  ? 0.771   -3.727  -6.574  1.00 66.14  ?  4   DC  B N1    1 
ATOM   500 C  C2    . DC  B 2 4  ? 1.345   -4.261  -5.408  1.00 67.77  ?  4   DC  B C2    1 
ATOM   501 O  O2    . DC  B 2 4  ? 2.387   -4.917  -5.500  1.00 68.25  ?  4   DC  B O2    1 
ATOM   502 N  N3    . DC  B 2 4  ? 0.723   -4.063  -4.209  1.00 70.45  ?  4   DC  B N3    1 
ATOM   503 C  C4    . DC  B 2 4  ? -0.406  -3.346  -4.154  1.00 69.89  ?  4   DC  B C4    1 
ATOM   504 N  N4    . DC  B 2 4  ? -0.983  -3.171  -2.954  1.00 74.75  ?  4   DC  B N4    1 
ATOM   505 C  C5    . DC  B 2 4  ? -0.986  -2.773  -5.324  1.00 65.66  ?  4   DC  B C5    1 
ATOM   506 C  C6    . DC  B 2 4  ? -0.368  -2.980  -6.497  1.00 66.34  ?  4   DC  B C6    1 
ATOM   507 P  P     . DA  B 2 5  ? 2.363   -5.759  -11.780 1.00 65.98  ?  5   DA  B P     1 
ATOM   508 O  OP1   . DA  B 2 5  ? 3.684   -5.938  -12.405 1.00 76.73  ?  5   DA  B OP1   1 
ATOM   509 O  OP2   . DA  B 2 5  ? 1.152   -5.387  -12.561 1.00 63.21  -1 5   DA  B OP2   1 
ATOM   510 O  "O5'" . DA  B 2 5  ? 2.082   -7.123  -10.995 1.00 62.52  ?  5   DA  B "O5'" 1 
ATOM   511 C  "C5'" . DA  B 2 5  ? 3.089   -7.670  -10.181 1.00 54.70  ?  5   DA  B "C5'" 1 
ATOM   512 C  "C4'" . DA  B 2 5  ? 2.529   -8.728  -9.252  1.00 55.13  ?  5   DA  B "C4'" 1 
ATOM   513 O  "O4'" . DA  B 2 5  ? 1.912   -8.125  -8.081  1.00 72.96  ?  5   DA  B "O4'" 1 
ATOM   514 C  "C3'" . DA  B 2 5  ? 1.439   -9.611  -9.852  1.00 71.13  ?  5   DA  B "C3'" 1 
ATOM   515 O  "O3'" . DA  B 2 5  ? 1.585   -10.905 -9.309  1.00 54.25  ?  5   DA  B "O3'" 1 
ATOM   516 C  "C2'" . DA  B 2 5  ? 0.177   -8.969  -9.321  1.00 71.35  ?  5   DA  B "C2'" 1 
ATOM   517 C  "C1'" . DA  B 2 5  ? 0.652   -8.742  -7.913  1.00 73.58  ?  5   DA  B "C1'" 1 
ATOM   518 N  N9    . DA  B 2 5  ? -0.222  -7.907  -7.127  1.00 63.05  ?  5   DA  B N9    1 
ATOM   519 C  C8    . DA  B 2 5  ? -1.235  -7.125  -7.584  1.00 68.15  ?  5   DA  B C8    1 
ATOM   520 N  N7    . DA  B 2 5  ? -1.871  -6.489  -6.638  1.00 65.15  ?  5   DA  B N7    1 
ATOM   521 C  C5    . DA  B 2 5  ? -1.241  -6.906  -5.492  1.00 70.30  ?  5   DA  B C5    1 
ATOM   522 C  C6    . DA  B 2 5  ? -1.439  -6.588  -4.139  1.00 67.64  ?  5   DA  B C6    1 
ATOM   523 N  N6    . DA  B 2 5  ? -2.382  -5.745  -3.725  1.00 57.82  ?  5   DA  B N6    1 
ATOM   524 N  N1    . DA  B 2 5  ? -0.622  -7.171  -3.236  1.00 71.63  ?  5   DA  B N1    1 
ATOM   525 C  C2    . DA  B 2 5  ? 0.326   -8.018  -3.668  1.00 73.13  ?  5   DA  B C2    1 
ATOM   526 N  N3    . DA  B 2 5  ? 0.611   -8.386  -4.919  1.00 75.59  ?  5   DA  B N3    1 
ATOM   527 C  C4    . DA  B 2 5  ? -0.220  -7.786  -5.784  1.00 68.45  ?  5   DA  B C4    1 
ATOM   528 O  "O5'" . DT  C 3 1  ? 20.368  34.596  -0.339  1.00 107.09 ?  1   DT  C "O5'" 1 
ATOM   529 C  "C5'" . DT  C 3 1  ? 19.325  33.947  -1.051  1.00 108.21 ?  1   DT  C "C5'" 1 
ATOM   530 C  "C4'" . DT  C 3 1  ? 19.907  33.093  -2.150  1.00 108.13 ?  1   DT  C "C4'" 1 
ATOM   531 O  "O4'" . DT  C 3 1  ? 21.094  32.423  -1.651  1.00 97.84  ?  1   DT  C "O4'" 1 
ATOM   532 C  "C3'" . DT  C 3 1  ? 18.992  31.993  -2.669  1.00 111.74 ?  1   DT  C "C3'" 1 
ATOM   533 O  "O3'" . DT  C 3 1  ? 19.263  31.747  -4.049  1.00 115.00 ?  1   DT  C "O3'" 1 
ATOM   534 C  "C2'" . DT  C 3 1  ? 19.378  30.806  -1.796  1.00 104.30 ?  1   DT  C "C2'" 1 
ATOM   535 C  "C1'" . DT  C 3 1  ? 20.875  31.028  -1.595  1.00 100.64 ?  1   DT  C "C1'" 1 
ATOM   536 N  N1    . DT  C 3 1  ? 21.374  30.543  -0.284  1.00 93.46  ?  1   DT  C N1    1 
ATOM   537 C  C2    . DT  C 3 1  ? 22.281  29.501  -0.247  1.00 91.26  ?  1   DT  C C2    1 
ATOM   538 O  O2    . DT  C 3 1  ? 22.704  28.942  -1.249  1.00 92.29  ?  1   DT  C O2    1 
ATOM   539 N  N3    . DT  C 3 1  ? 22.685  29.139  1.014   1.00 83.84  ?  1   DT  C N3    1 
ATOM   540 C  C4    . DT  C 3 1  ? 22.277  29.701  2.214   1.00 86.06  ?  1   DT  C C4    1 
ATOM   541 O  O4    . DT  C 3 1  ? 22.701  29.313  3.301   1.00 83.41  ?  1   DT  C O4    1 
ATOM   542 C  C5    . DT  C 3 1  ? 21.325  30.781  2.101   1.00 82.88  ?  1   DT  C C5    1 
ATOM   543 C  C7    . DT  C 3 1  ? 20.811  31.456  3.333   1.00 81.32  ?  1   DT  C C7    1 
ATOM   544 C  C6    . DT  C 3 1  ? 20.926  31.149  0.874   1.00 84.25  ?  1   DT  C C6    1 
ATOM   545 P  P     . DC  C 3 2  ? 18.399  30.673  -4.875  1.00 126.14 ?  2   DC  C P     1 
ATOM   546 O  OP1   . DC  C 3 2  ? 18.433  31.075  -6.301  1.00 128.47 ?  2   DC  C OP1   1 
ATOM   547 O  OP2   . DC  C 3 2  ? 17.105  30.493  -4.179  1.00 127.00 -1 2   DC  C OP2   1 
ATOM   548 O  "O5'" . DC  C 3 2  ? 19.242  29.328  -4.740  1.00 110.64 ?  2   DC  C "O5'" 1 
ATOM   549 C  "C5'" . DC  C 3 2  ? 20.560  29.301  -5.225  1.00 107.39 ?  2   DC  C "C5'" 1 
ATOM   550 C  "C4'" . DC  C 3 2  ? 21.162  27.922  -5.080  1.00 109.05 ?  2   DC  C "C4'" 1 
ATOM   551 O  "O4'" . DC  C 3 2  ? 21.496  27.667  -3.693  1.00 109.16 ?  2   DC  C "O4'" 1 
ATOM   552 C  "C3'" . DC  C 3 2  ? 20.264  26.774  -5.522  1.00 105.21 ?  2   DC  C "C3'" 1 
ATOM   553 O  "O3'" . DC  C 3 2  ? 21.051  25.838  -6.232  1.00 110.77 ?  2   DC  C "O3'" 1 
ATOM   554 C  "C2'" . DC  C 3 2  ? 19.748  26.201  -4.198  1.00 100.16 ?  2   DC  C "C2'" 1 
ATOM   555 C  "C1'" . DC  C 3 2  ? 20.950  26.430  -3.296  1.00 101.27 ?  2   DC  C "C1'" 1 
ATOM   556 N  N1    . DC  C 3 2  ? 20.637  26.527  -1.842  1.00 92.16  ?  2   DC  C N1    1 
ATOM   557 C  C2    . DC  C 3 2  ? 21.343  25.727  -0.937  1.00 88.81  ?  2   DC  C C2    1 
ATOM   558 O  O2    . DC  C 3 2  ? 22.190  24.933  -1.368  1.00 90.29  ?  2   DC  C O2    1 
ATOM   559 N  N3    . DC  C 3 2  ? 21.075  25.837  0.389   1.00 86.98  ?  2   DC  C N3    1 
ATOM   560 C  C4    . DC  C 3 2  ? 20.156  26.704  0.814   1.00 89.29  ?  2   DC  C C4    1 
ATOM   561 N  N4    . DC  C 3 2  ? 19.929  26.775  2.129   1.00 88.14  ?  2   DC  C N4    1 
ATOM   562 C  C5    . DC  C 3 2  ? 19.429  27.537  -0.096  1.00 87.76  ?  2   DC  C C5    1 
ATOM   563 C  C6    . DC  C 3 2  ? 19.703  27.419  -1.402  1.00 88.01  ?  2   DC  C C6    1 
ATOM   564 P  P     . DT  C 3 3  ? 20.415  24.456  -6.714  1.00 110.54 ?  3   DT  C P     1 
ATOM   565 O  OP1   . DT  C 3 3  ? 21.145  23.982  -7.917  1.00 118.14 ?  3   DT  C OP1   1 
ATOM   566 O  OP2   . DT  C 3 3  ? 18.950  24.676  -6.722  1.00 96.34  -1 3   DT  C OP2   1 
ATOM   567 O  "O5'" . DT  C 3 3  ? 20.785  23.457  -5.542  1.00 96.83  ?  3   DT  C "O5'" 1 
ATOM   568 C  "C5'" . DT  C 3 3  ? 22.095  22.987  -5.427  1.00 85.60  ?  3   DT  C "C5'" 1 
ATOM   569 C  "C4'" . DT  C 3 3  ? 22.122  21.776  -4.531  1.00 102.71 ?  3   DT  C "C4'" 1 
ATOM   570 O  "O4'" . DT  C 3 3  ? 21.758  22.162  -3.171  1.00 100.07 ?  3   DT  C "O4'" 1 
ATOM   571 C  "C3'" . DT  C 3 3  ? 21.133  20.679  -4.924  1.00 101.73 ?  3   DT  C "C3'" 1 
ATOM   572 O  "O3'" . DT  C 3 3  ? 21.720  19.414  -4.676  1.00 95.50  ?  3   DT  C "O3'" 1 
ATOM   573 C  "C2'" . DT  C 3 3  ? 19.954  20.941  -3.982  1.00 98.57  ?  3   DT  C "C2'" 1 
ATOM   574 C  "C1'" . DT  C 3 3  ? 20.714  21.315  -2.723  1.00 98.58  ?  3   DT  C "C1'" 1 
ATOM   575 N  N1    . DT  C 3 3  ? 19.909  22.039  -1.665  1.00 93.52  ?  3   DT  C N1    1 
ATOM   576 C  C2    . DT  C 3 3  ? 20.184  21.781  -0.335  1.00 89.81  ?  3   DT  C C2    1 
ATOM   577 O  O2    . DT  C 3 3  ? 21.040  20.984  0.028   1.00 88.64  ?  3   DT  C O2    1 
ATOM   578 N  N3    . DT  C 3 3  ? 19.425  22.495  0.561   1.00 76.93  ?  3   DT  C N3    1 
ATOM   579 C  C4    . DT  C 3 3  ? 18.436  23.419  0.270   1.00 87.30  ?  3   DT  C C4    1 
ATOM   580 O  O4    . DT  C 3 3  ? 17.811  24.014  1.157   1.00 88.54  ?  3   DT  C O4    1 
ATOM   581 C  C5    . DT  C 3 3  ? 18.194  23.642  -1.148  1.00 79.71  ?  3   DT  C C5    1 
ATOM   582 C  C7    . DT  C 3 3  ? 17.150  24.620  -1.589  1.00 79.03  ?  3   DT  C C7    1 
ATOM   583 C  C6    . DT  C 3 3  ? 18.934  22.951  -2.036  1.00 87.86  ?  3   DT  C C6    1 
ATOM   584 P  P     . DG  C 3 4  ? 21.645  18.275  -5.798  1.00 116.30 ?  4   DG  C P     1 
ATOM   585 O  OP1   . DG  C 3 4  ? 22.449  18.731  -6.961  1.00 113.52 ?  4   DG  C OP1   1 
ATOM   586 O  OP2   . DG  C 3 4  ? 20.194  17.976  -5.920  1.00 104.79 -1 4   DG  C OP2   1 
ATOM   587 O  "O5'" . DG  C 3 4  ? 22.374  17.007  -5.142  1.00 99.97  ?  4   DG  C "O5'" 1 
ATOM   588 C  "C5'" . DG  C 3 4  ? 23.284  17.189  -4.085  1.00 93.81  ?  4   DG  C "C5'" 1 
ATOM   589 C  "C4'" . DG  C 3 4  ? 22.807  16.480  -2.822  1.00 104.50 ?  4   DG  C "C4'" 1 
ATOM   590 O  "O4'" . DG  C 3 4  ? 21.873  17.307  -2.073  1.00 106.39 ?  4   DG  C "O4'" 1 
ATOM   591 C  "C3'" . DG  C 3 4  ? 22.110  15.141  -3.027  1.00 98.03  ?  4   DG  C "C3'" 1 
ATOM   592 O  "O3'" . DG  C 3 4  ? 22.634  14.257  -2.083  1.00 103.78 ?  4   DG  C "O3'" 1 
ATOM   593 C  "C2'" . DG  C 3 4  ? 20.630  15.457  -2.737  1.00 89.02  ?  4   DG  C "C2'" 1 
ATOM   594 C  "C1'" . DG  C 3 4  ? 20.768  16.523  -1.660  1.00 95.33  ?  4   DG  C "C1'" 1 
ATOM   595 N  N9    . DG  C 3 4  ? 19.627  17.437  -1.524  1.00 91.61  ?  4   DG  C N9    1 
ATOM   596 C  C8    . DG  C 3 4  ? 18.850  17.955  -2.537  1.00 89.36  ?  4   DG  C C8    1 
ATOM   597 N  N7    . DG  C 3 4  ? 17.932  18.789  -2.120  1.00 77.55  ?  4   DG  C N7    1 
ATOM   598 C  C5    . DG  C 3 4  ? 18.126  18.851  -0.748  1.00 77.28  ?  4   DG  C C5    1 
ATOM   599 C  C6    . DG  C 3 4  ? 17.428  19.599  0.233   1.00 81.29  ?  4   DG  C C6    1 
ATOM   600 O  O6    . DG  C 3 4  ? 16.471  20.385  0.070   1.00 82.52  ?  4   DG  C O6    1 
ATOM   601 N  N1    . DG  C 3 4  ? 17.939  19.373  1.513   1.00 72.70  ?  4   DG  C N1    1 
ATOM   602 C  C2    . DG  C 3 4  ? 18.995  18.529  1.805   1.00 79.82  ?  4   DG  C C2    1 
ATOM   603 N  N2    . DG  C 3 4  ? 19.349  18.442  3.099   1.00 76.42  ?  4   DG  C N2    1 
ATOM   604 N  N3    . DG  C 3 4  ? 19.658  17.817  0.892   1.00 80.69  ?  4   DG  C N3    1 
ATOM   605 C  C4    . DG  C 3 4  ? 19.171  18.032  -0.361  1.00 82.66  ?  4   DG  C C4    1 
ATOM   606 P  P     . DA  C 3 5  ? 22.552  12.679  -2.308  1.00 113.39 ?  5   DA  C P     1 
ATOM   607 O  OP1   . DA  C 3 5  ? 23.914  12.168  -2.605  1.00 105.28 ?  5   DA  C OP1   1 
ATOM   608 O  OP2   . DA  C 3 5  ? 21.419  12.462  -3.241  1.00 114.60 -1 5   DA  C OP2   1 
ATOM   609 O  "O5'" . DA  C 3 5  ? 22.153  12.141  -0.861  1.00 104.89 ?  5   DA  C "O5'" 1 
ATOM   610 C  "C5'" . DA  C 3 5  ? 22.940  12.505  0.252   1.00 97.84  ?  5   DA  C "C5'" 1 
ATOM   611 C  "C4'" . DA  C 3 5  ? 22.119  12.453  1.519   1.00 97.31  ?  5   DA  C "C4'" 1 
ATOM   612 O  "O4'" . DA  C 3 5  ? 21.106  13.490  1.497   1.00 89.47  ?  5   DA  C "O4'" 1 
ATOM   613 C  "C3'" . DA  C 3 5  ? 21.386  11.139  1.760   1.00 92.16  ?  5   DA  C "C3'" 1 
ATOM   614 O  "O3'" . DA  C 3 5  ? 21.558  10.781  3.106   1.00 86.96  ?  5   DA  C "O3'" 1 
ATOM   615 C  "C2'" . DA  C 3 5  ? 19.920  11.468  1.423   1.00 91.26  ?  5   DA  C "C2'" 1 
ATOM   616 C  "C1'" . DA  C 3 5  ? 19.840  12.940  1.801   1.00 87.73  ?  5   DA  C "C1'" 1 
ATOM   617 N  N9    . DA  C 3 5  ? 18.857  13.711  1.049   1.00 78.15  ?  5   DA  C N9    1 
ATOM   618 C  C8    . DA  C 3 5  ? 18.661  13.716  -0.302  1.00 89.10  ?  5   DA  C C8    1 
ATOM   619 N  N7    . DA  C 3 5  ? 17.725  14.554  -0.697  1.00 79.53  ?  5   DA  C N7    1 
ATOM   620 C  C5    . DA  C 3 5  ? 17.308  15.157  0.473   1.00 69.43  ?  5   DA  C C5    1 
ATOM   621 C  C6    . DA  C 3 5  ? 16.337  16.150  0.748   1.00 76.05  ?  5   DA  C C6    1 
ATOM   622 N  N6    . DA  C 3 5  ? 15.579  16.737  -0.191  1.00 66.67  ?  5   DA  C N6    1 
ATOM   623 N  N1    . DA  C 3 5  ? 16.172  16.518  2.030   1.00 70.43  ?  5   DA  C N1    1 
ATOM   624 C  C2    . DA  C 3 5  ? 16.932  15.940  2.968   1.00 72.96  ?  5   DA  C C2    1 
ATOM   625 N  N3    . DA  C 3 5  ? 17.870  15.003  2.830   1.00 74.14  ?  5   DA  C N3    1 
ATOM   626 C  C4    . DA  C 3 5  ? 18.007  14.653  1.554   1.00 68.20  ?  5   DA  C C4    1 
ATOM   627 P  P     . DG  C 3 6  ? 20.856  9.473   3.705   1.00 103.81 ?  6   DG  C P     1 
ATOM   628 O  OP1   . DG  C 3 6  ? 21.709  8.992   4.821   1.00 91.85  ?  6   DG  C OP1   1 
ATOM   629 O  OP2   . DG  C 3 6  ? 20.460  8.589   2.582   1.00 97.46  -1 6   DG  C OP2   1 
ATOM   630 O  "O5'" . DG  C 3 6  ? 19.533  10.055  4.355   1.00 99.43  ?  6   DG  C "O5'" 1 
ATOM   631 C  "C5'" . DG  C 3 6  ? 19.642  11.096  5.292   1.00 98.33  ?  6   DG  C "C5'" 1 
ATOM   632 C  "C4'" . DG  C 3 6  ? 18.312  11.341  5.952   1.00 93.85  ?  6   DG  C "C4'" 1 
ATOM   633 O  "O4'" . DG  C 3 6  ? 17.525  12.223  5.121   1.00 84.60  ?  6   DG  C "O4'" 1 
ATOM   634 C  "C3'" . DG  C 3 6  ? 17.464  10.085  6.160   1.00 92.53  ?  6   DG  C "C3'" 1 
ATOM   635 O  "O3'" . DG  C 3 6  ? 16.812  10.167  7.402   1.00 100.84 ?  6   DG  C "O3'" 1 
ATOM   636 C  "C2'" . DG  C 3 6  ? 16.470  10.149  5.009   1.00 82.53  ?  6   DG  C "C2'" 1 
ATOM   637 C  "C1'" . DG  C 3 6  ? 16.267  11.646  4.898   1.00 76.78  ?  6   DG  C "C1'" 1 
ATOM   638 N  N9    . DG  C 3 6  ? 15.817  12.073  3.599   1.00 68.81  ?  6   DG  C N9    1 
ATOM   639 C  C8    . DG  C 3 6  ? 16.240  11.615  2.383   1.00 65.08  ?  6   DG  C C8    1 
ATOM   640 N  N7    . DG  C 3 6  ? 15.643  12.204  1.381   1.00 72.49  ?  6   DG  C N7    1 
ATOM   641 C  C5    . DG  C 3 6  ? 14.782  13.114  1.984   1.00 61.90  ?  6   DG  C C5    1 
ATOM   642 C  C6    . DG  C 3 6  ? 13.879  14.038  1.415   1.00 62.22  ?  6   DG  C C6    1 
ATOM   643 O  O6    . DG  C 3 6  ? 13.646  14.245  0.219   1.00 65.32  ?  6   DG  C O6    1 
ATOM   644 N  N1    . DG  C 3 6  ? 13.199  14.763  2.389   1.00 62.98  ?  6   DG  C N1    1 
ATOM   645 C  C2    . DG  C 3 6  ? 13.367  14.612  3.737   1.00 68.40  ?  6   DG  C C2    1 
ATOM   646 N  N2    . DG  C 3 6  ? 12.619  15.400  4.531   1.00 69.10  ?  6   DG  C N2    1 
ATOM   647 N  N3    . DG  C 3 6  ? 14.216  13.753  4.282   1.00 70.19  ?  6   DG  C N3    1 
ATOM   648 C  C4    . DG  C 3 6  ? 14.883  13.040  3.346   1.00 67.72  ?  6   DG  C C4    1 
ATOM   649 P  P     . DT  C 3 7  ? 16.164  8.860   8.064   1.00 105.16 ?  7   DT  C P     1 
ATOM   650 O  OP1   . DT  C 3 7  ? 16.971  8.534   9.268   1.00 103.60 ?  7   DT  C OP1   1 
ATOM   651 O  OP2   . DT  C 3 7  ? 15.983  7.857   6.987   1.00 90.82  -1 7   DT  C OP2   1 
ATOM   652 O  "O5'" . DT  C 3 7  ? 14.731  9.384   8.509   1.00 86.46  ?  7   DT  C "O5'" 1 
ATOM   653 C  "C5'" . DT  C 3 7  ? 14.565  10.758  8.768   1.00 82.37  ?  7   DT  C "C5'" 1 
ATOM   654 C  "C4'" . DT  C 3 7  ? 13.174  11.234  8.379   1.00 85.46  ?  7   DT  C "C4'" 1 
ATOM   655 O  "O4'" . DT  C 3 7  ? 13.119  11.539  6.974   1.00 77.73  ?  7   DT  C "O4'" 1 
ATOM   656 C  "C3'" . DT  C 3 7  ? 12.026  10.238  8.634   1.00 83.30  ?  7   DT  C "C3'" 1 
ATOM   657 O  "O3'" . DT  C 3 7  ? 11.172  10.747  9.648   1.00 84.82  ?  7   DT  C "O3'" 1 
ATOM   658 C  "C2'" . DT  C 3 7  ? 11.298  10.152  7.284   1.00 74.38  ?  7   DT  C "C2'" 1 
ATOM   659 C  "C1'" . DT  C 3 7  ? 11.784  11.414  6.588   1.00 74.61  ?  7   DT  C "C1'" 1 
ATOM   660 N  N1    . DT  C 3 7  ? 11.728  11.362  5.116   1.00 63.88  ?  7   DT  C N1    1 
ATOM   661 C  C2    . DT  C 3 7  ? 10.833  12.176  4.459   1.00 70.51  ?  7   DT  C C2    1 
ATOM   662 O  O2    . DT  C 3 7  ? 10.070  12.935  5.047   1.00 73.02  ?  7   DT  C O2    1 
ATOM   663 N  N3    . DT  C 3 7  ? 10.859  12.066  3.082   1.00 62.47  ?  7   DT  C N3    1 
ATOM   664 C  C4    . DT  C 3 7  ? 11.674  11.250  2.330   1.00 62.65  ?  7   DT  C C4    1 
ATOM   665 O  O4    . DT  C 3 7  ? 11.623  11.225  1.105   1.00 61.53  ?  7   DT  C O4    1 
ATOM   666 C  C5    . DT  C 3 7  ? 12.590  10.420  3.091   1.00 60.47  ?  7   DT  C C5    1 
ATOM   667 C  C7    . DT  C 3 7  ? 13.522  9.490   2.387   1.00 52.96  ?  7   DT  C C7    1 
ATOM   668 C  C6    . DT  C 3 7  ? 12.573  10.519  4.432   1.00 63.38  ?  7   DT  C C6    1 
ATOM   669 P  P     . DG  C 3 8  ? 10.004  9.837   10.268  1.00 87.04  ?  8   DG  C P     1 
ATOM   670 O  OP1   . DG  C 3 8  ? 9.882   10.282  11.678  1.00 85.10  ?  8   DG  C OP1   1 
ATOM   671 O  OP2   . DG  C 3 8  ? 10.271  8.416   9.952   1.00 81.28  -1 8   DG  C OP2   1 
ATOM   672 O  "O5'" . DG  C 3 8  ? 8.694   10.335  9.497   1.00 66.95  ?  8   DG  C "O5'" 1 
ATOM   673 C  "C5'" . DG  C 3 8  ? 8.256   11.667  9.723   1.00 68.59  ?  8   DG  C "C5'" 1 
ATOM   674 C  "C4'" . DG  C 3 8  ? 7.038   12.015  8.904   1.00 68.05  ?  8   DG  C "C4'" 1 
ATOM   675 O  "O4'" . DG  C 3 8  ? 7.372   12.036  7.486   1.00 69.82  ?  8   DG  C "O4'" 1 
ATOM   676 C  "C3'" . DG  C 3 8  ? 5.870   11.056  9.032   1.00 71.33  ?  8   DG  C "C3'" 1 
ATOM   677 O  "O3'" . DG  C 3 8  ? 4.712   11.775  8.820   1.00 66.48  ?  8   DG  C "O3'" 1 
ATOM   678 C  "C2'" . DG  C 3 8  ? 6.117   10.107  7.866   1.00 72.07  ?  8   DG  C "C2'" 1 
ATOM   679 C  "C1'" . DG  C 3 8  ? 6.553   11.106  6.805   1.00 71.49  ?  8   DG  C "C1'" 1 
ATOM   680 N  N9    . DG  C 3 8  ? 7.329   10.520  5.708   1.00 68.15  ?  8   DG  C N9    1 
ATOM   681 C  C8    . DG  C 3 8  ? 8.352   9.609   5.805   1.00 65.92  ?  8   DG  C C8    1 
ATOM   682 N  N7    . DG  C 3 8  ? 8.869   9.281   4.655   1.00 58.34  ?  8   DG  C N7    1 
ATOM   683 C  C5    . DG  C 3 8  ? 8.138   10.029  3.737   1.00 60.15  ?  8   DG  C C5    1 
ATOM   684 C  C6    . DG  C 3 8  ? 8.250   10.095  2.334   1.00 57.04  ?  8   DG  C C6    1 
ATOM   685 O  O6    . DG  C 3 8  ? 9.035   9.481   1.615   1.00 56.99  ?  8   DG  C O6    1 
ATOM   686 N  N1    . DG  C 3 8  ? 7.326   10.975  1.776   1.00 51.46  ?  8   DG  C N1    1 
ATOM   687 C  C2    . DG  C 3 8  ? 6.405   11.702  2.499   1.00 56.37  ?  8   DG  C C2    1 
ATOM   688 N  N2    . DG  C 3 8  ? 5.583   12.497  1.801   1.00 54.97  ?  8   DG  C N2    1 
ATOM   689 N  N3    . DG  C 3 8  ? 6.290   11.645  3.821   1.00 53.04  ?  8   DG  C N3    1 
ATOM   690 C  C4    . DG  C 3 8  ? 7.185   10.789  4.367   1.00 54.39  ?  8   DG  C C4    1 
ATOM   691 P  P     . DT  C 3 9  ? 3.354   11.373  9.560   1.00 73.24  ?  9   DT  C P     1 
ATOM   692 O  OP1   . DT  C 3 9  ? 3.158   12.474  10.526  1.00 90.10  ?  9   DT  C OP1   1 
ATOM   693 O  OP2   . DT  C 3 9  ? 3.406   9.980   10.056  1.00 63.43  -1 9   DT  C OP2   1 
ATOM   694 O  "O5'" . DT  C 3 9  ? 2.276   11.459  8.383   1.00 70.44  ?  9   DT  C "O5'" 1 
ATOM   695 C  "C5'" . DT  C 3 9  ? 2.509   12.332  7.298   1.00 58.80  ?  9   DT  C "C5'" 1 
ATOM   696 C  "C4'" . DT  C 3 9  ? 1.783   11.848  6.079   1.00 58.92  ?  9   DT  C "C4'" 1 
ATOM   697 O  "O4'" . DT  C 3 9  ? 2.724   11.352  5.079   1.00 67.23  ?  9   DT  C "O4'" 1 
ATOM   698 C  "C3'" . DT  C 3 9  ? 0.846   10.690  6.343   1.00 63.51  ?  9   DT  C "C3'" 1 
ATOM   699 O  "O3'" . DT  C 3 9  ? -0.253  10.827  5.517   1.00 61.53  ?  9   DT  C "O3'" 1 
ATOM   700 C  "C2'" . DT  C 3 9  ? 1.673   9.505   5.899   1.00 66.68  ?  9   DT  C "C2'" 1 
ATOM   701 C  "C1'" . DT  C 3 9  ? 2.270   10.099  4.650   1.00 55.67  ?  9   DT  C "C1'" 1 
ATOM   702 N  N1    . DT  C 3 9  ? 3.388   9.333   4.125   1.00 57.23  ?  9   DT  C N1    1 
ATOM   703 C  C2    . DT  C 3 9  ? 3.625   9.358   2.786   1.00 57.01  ?  9   DT  C C2    1 
ATOM   704 O  O2    . DT  C 3 9  ? 2.946   10.020  2.019   1.00 56.01  ?  9   DT  C O2    1 
ATOM   705 N  N3    . DT  C 3 9  ? 4.693   8.602   2.373   1.00 47.30  ?  9   DT  C N3    1 
ATOM   706 C  C4    . DT  C 3 9  ? 5.517   7.843   3.169   1.00 51.84  ?  9   DT  C C4    1 
ATOM   707 O  O4    . DT  C 3 9  ? 6.450   7.183   2.718   1.00 48.68  ?  9   DT  C O4    1 
ATOM   708 C  C5    . DT  C 3 9  ? 5.194   7.854   4.582   1.00 53.50  ?  9   DT  C C5    1 
ATOM   709 C  C7    . DT  C 3 9  ? 6.017   7.057   5.553   1.00 48.27  ?  9   DT  C C7    1 
ATOM   710 C  C6    . DT  C 3 9  ? 4.154   8.582   4.978   1.00 46.62  ?  9   DT  C C6    1 
ATOM   711 P  P     . DG  D 4 1  ? -3.040  -13.719 -9.431  1.00 72.01  ?  10  DG  D P     1 
ATOM   712 O  OP1   . DG  D 4 1  ? -2.337  -14.720 -10.261 1.00 68.38  ?  10  DG  D OP1   1 
ATOM   713 O  OP2   . DG  D 4 1  ? -3.847  -12.641 -10.032 1.00 55.92  -1 10  DG  D OP2   1 
ATOM   714 O  "O5'" . DG  D 4 1  ? -1.935  -12.883 -8.653  1.00 75.26  ?  10  DG  D "O5'" 1 
ATOM   715 C  "C5'" . DG  D 4 1  ? -0.642  -13.408 -8.483  1.00 76.02  ?  10  DG  D "C5'" 1 
ATOM   716 C  "C4'" . DG  D 4 1  ? -0.197  -13.235 -7.051  1.00 79.10  ?  10  DG  D "C4'" 1 
ATOM   717 O  "O4'" . DG  D 4 1  ? -0.301  -11.838 -6.683  1.00 83.21  ?  10  DG  D "O4'" 1 
ATOM   718 C  "C3'" . DG  D 4 1  ? -1.059  -13.957 -6.051  1.00 75.59  ?  10  DG  D "C3'" 1 
ATOM   719 O  "O3'" . DG  D 4 1  ? -0.596  -15.268 -5.916  1.00 75.75  ?  10  DG  D "O3'" 1 
ATOM   720 C  "C2'" . DG  D 4 1  ? -0.822  -13.147 -4.776  1.00 74.67  ?  10  DG  D "C2'" 1 
ATOM   721 C  "C1'" . DG  D 4 1  ? -0.604  -11.731 -5.313  1.00 73.74  ?  10  DG  D "C1'" 1 
ATOM   722 N  N9    . DG  D 4 1  ? -1.752  -10.834 -5.154  1.00 72.74  ?  10  DG  D N9    1 
ATOM   723 C  C8    . DG  D 4 1  ? -2.590  -10.353 -6.128  1.00 72.75  ?  10  DG  D C8    1 
ATOM   724 N  N7    . DG  D 4 1  ? -3.518  -9.552  -5.673  1.00 64.72  ?  10  DG  D N7    1 
ATOM   725 C  C5    . DG  D 4 1  ? -3.270  -9.502  -4.314  1.00 71.17  ?  10  DG  D C5    1 
ATOM   726 C  C6    . DG  D 4 1  ? -3.940  -8.796  -3.289  1.00 65.17  ?  10  DG  D C6    1 
ATOM   727 O  O6    . DG  D 4 1  ? -4.927  -8.052  -3.386  1.00 61.33  ?  10  DG  D O6    1 
ATOM   728 N  N1    . DG  D 4 1  ? -3.352  -9.011  -2.054  1.00 59.69  ?  10  DG  D N1    1 
ATOM   729 C  C2    . DG  D 4 1  ? -2.253  -9.822  -1.829  1.00 74.84  ?  10  DG  D C2    1 
ATOM   730 N  N2    . DG  D 4 1  ? -1.817  -9.924  -0.564  1.00 71.05  ?  10  DG  D N2    1 
ATOM   731 N  N3    . DG  D 4 1  ? -1.619  -10.482 -2.781  1.00 79.65  ?  10  DG  D N3    1 
ATOM   732 C  C4    . DG  D 4 1  ? -2.181  -10.280 -3.989  1.00 71.11  ?  10  DG  D C4    1 
ATOM   733 P  P     . DC  D 4 2  ? -1.588  -16.421 -5.411  1.00 86.94  ?  11  DC  D P     1 
ATOM   734 O  OP1   . DC  D 4 2  ? -0.785  -17.662 -5.352  1.00 78.72  ?  11  DC  D OP1   1 
ATOM   735 O  OP2   . DC  D 4 2  ? -2.844  -16.306 -6.192  1.00 72.47  -1 11  DC  D OP2   1 
ATOM   736 O  "O5'" . DC  D 4 2  ? -1.912  -16.021 -3.898  1.00 88.85  ?  11  DC  D "O5'" 1 
ATOM   737 C  "C5'" . DC  D 4 2  ? -0.908  -16.169 -2.894  1.00 82.06  ?  11  DC  D "C5'" 1 
ATOM   738 C  "C4'" . DC  D 4 2  ? -1.439  -15.700 -1.551  1.00 88.35  ?  11  DC  D "C4'" 1 
ATOM   739 O  "O4'" . DC  D 4 2  ? -1.997  -14.366 -1.688  1.00 81.18  ?  11  DC  D "O4'" 1 
ATOM   740 C  "C3'" . DC  D 4 2  ? -2.549  -16.578 -0.983  1.00 84.19  ?  11  DC  D "C3'" 1 
ATOM   741 O  "O3'" . DC  D 4 2  ? -2.245  -16.975 0.328   1.00 88.12  ?  11  DC  D "O3'" 1 
ATOM   742 C  "C2'" . DC  D 4 2  ? -3.798  -15.706 -1.023  1.00 72.42  ?  11  DC  D "C2'" 1 
ATOM   743 C  "C1'" . DC  D 4 2  ? -3.246  -14.297 -1.053  1.00 76.56  ?  11  DC  D "C1'" 1 
ATOM   744 N  N1    . DC  D 4 2  ? -4.104  -13.402 -1.830  1.00 76.52  ?  11  DC  D N1    1 
ATOM   745 C  C2    . DC  D 4 2  ? -4.757  -12.362 -1.192  1.00 69.68  ?  11  DC  D C2    1 
ATOM   746 O  O2    . DC  D 4 2  ? -4.568  -12.203 0.022   1.00 75.80  ?  11  DC  D O2    1 
ATOM   747 N  N3    . DC  D 4 2  ? -5.572  -11.553 -1.919  1.00 68.13  ?  11  DC  D N3    1 
ATOM   748 C  C4    . DC  D 4 2  ? -5.736  -11.775 -3.231  1.00 68.26  ?  11  DC  D C4    1 
ATOM   749 N  N4    . DC  D 4 2  ? -6.549  -10.960 -3.915  1.00 59.59  ?  11  DC  D N4    1 
ATOM   750 C  C5    . DC  D 4 2  ? -5.086  -12.844 -3.893  1.00 64.65  ?  11  DC  D C5    1 
ATOM   751 C  C6    . DC  D 4 2  ? -4.290  -13.631 -3.162  1.00 75.34  ?  11  DC  D C6    1 
ATOM   752 P  P     . DA  D 4 3  ? -3.095  -18.161 0.993   1.00 105.95 ?  12  DA  D P     1 
ATOM   753 O  OP1   . DA  D 4 3  ? -2.116  -19.092 1.603   1.00 104.53 ?  12  DA  D OP1   1 
ATOM   754 O  OP2   . DA  D 4 3  ? -4.087  -18.630 -0.012  1.00 79.19  -1 12  DA  D OP2   1 
ATOM   755 O  "O5'" . DA  D 4 3  ? -3.949  -17.445 2.138   1.00 93.31  ?  12  DA  D "O5'" 1 
ATOM   756 C  "C5'" . DA  D 4 3  ? -3.506  -16.252 2.719   1.00 78.80  ?  12  DA  D "C5'" 1 
ATOM   757 C  "C4'" . DA  D 4 3  ? -4.682  -15.534 3.334   1.00 82.80  ?  12  DA  D "C4'" 1 
ATOM   758 O  "O4'" . DA  D 4 3  ? -5.312  -14.683 2.346   1.00 81.12  ?  12  DA  D "O4'" 1 
ATOM   759 C  "C3'" . DA  D 4 3  ? -5.789  -16.454 3.853   1.00 87.87  ?  12  DA  D "C3'" 1 
ATOM   760 O  "O3'" . DA  D 4 3  ? -6.258  -15.950 5.081   1.00 94.15  ?  12  DA  D "O3'" 1 
ATOM   761 C  "C2'" . DA  D 4 3  ? -6.861  -16.348 2.770   1.00 78.13  ?  12  DA  D "C2'" 1 
ATOM   762 C  "C1'" . DA  D 4 3  ? -6.705  -14.896 2.380   1.00 80.99  ?  12  DA  D "C1'" 1 
ATOM   763 N  N9    . DA  D 4 3  ? -7.243  -14.574 1.072   1.00 73.69  ?  12  DA  D N9    1 
ATOM   764 C  C8    . DA  D 4 3  ? -6.963  -15.200 -0.105  1.00 73.32  ?  12  DA  D C8    1 
ATOM   765 N  N7    . DA  D 4 3  ? -7.574  -14.675 -1.141  1.00 74.20  ?  12  DA  D N7    1 
ATOM   766 C  C5    . DA  D 4 3  ? -8.301  -13.628 -0.602  1.00 66.17  ?  12  DA  D C5    1 
ATOM   767 C  C6    . DA  D 4 3  ? -9.171  -12.677 -1.179  1.00 70.17  ?  12  DA  D C6    1 
ATOM   768 N  N6    . DA  D 4 3  ? -9.451  -12.641 -2.474  1.00 62.88  ?  12  DA  D N6    1 
ATOM   769 N  N1    . DA  D 4 3  ? -9.745  -11.769 -0.359  1.00 66.69  ?  12  DA  D N1    1 
ATOM   770 C  C2    . DA  D 4 3  ? -9.451  -11.814 0.946   1.00 71.86  ?  12  DA  D C2    1 
ATOM   771 N  N3    . DA  D 4 3  ? -8.647  -12.664 1.601   1.00 66.85  ?  12  DA  D N3    1 
ATOM   772 C  C4    . DA  D 4 3  ? -8.107  -13.553 0.761   1.00 62.87  ?  12  DA  D C4    1 
ATOM   773 P  P     . DA  D 4 4  ? -6.930  -16.914 6.174   1.00 106.31 ?  13  DA  D P     1 
ATOM   774 O  OP1   . DA  D 4 4  ? -5.991  -16.911 7.330   1.00 84.83  ?  13  DA  D OP1   1 
ATOM   775 O  OP2   . DA  D 4 4  ? -7.339  -18.199 5.561   1.00 88.46  -1 13  DA  D OP2   1 
ATOM   776 O  "O5'" . DA  D 4 4  ? -8.258  -16.120 6.548   1.00 77.27  ?  13  DA  D "O5'" 1 
ATOM   777 C  "C5'" . DA  D 4 4  ? -8.130  -14.813 7.001   1.00 77.69  ?  13  DA  D "C5'" 1 
ATOM   778 C  "C4'" . DA  D 4 4  ? -9.348  -14.027 6.649   1.00 78.67  ?  13  DA  D "C4'" 1 
ATOM   779 O  "O4'" . DA  D 4 4  ? -9.493  -13.984 5.212   1.00 83.61  ?  13  DA  D "O4'" 1 
ATOM   780 C  "C3'" . DA  D 4 4  ? -10.651 -14.610 7.178   1.00 83.20  ?  13  DA  D "C3'" 1 
ATOM   781 O  "O3'" . DA  D 4 4  ? -11.427 -13.556 7.690   1.00 92.14  ?  13  DA  D "O3'" 1 
ATOM   782 C  "C2'" . DA  D 4 4  ? -11.291 -15.201 5.921   1.00 86.32  ?  13  DA  D "C2'" 1 
ATOM   783 C  "C1'" . DA  D 4 4  ? -10.843 -14.182 4.906   1.00 78.84  ?  13  DA  D "C1'" 1 
ATOM   784 N  N9    . DA  D 4 4  ? -10.943 -14.627 3.526   1.00 76.97  ?  13  DA  D N9    1 
ATOM   785 C  C8    . DA  D 4 4  ? -10.339 -15.713 2.970   1.00 74.42  ?  13  DA  D C8    1 
ATOM   786 N  N7    . DA  D 4 4  ? -10.601 -15.856 1.693   1.00 79.43  ?  13  DA  D N7    1 
ATOM   787 C  C5    . DA  D 4 4  ? -11.428 -14.783 1.395   1.00 69.35  ?  13  DA  D C5    1 
ATOM   788 C  C6    . DA  D 4 4  ? -12.048 -14.360 0.204   1.00 69.91  ?  13  DA  D C6    1 
ATOM   789 N  N6    . DA  D 4 4  ? -11.925 -15.011 -0.946  1.00 66.38  ?  13  DA  D N6    1 
ATOM   790 N  N1    . DA  D 4 4  ? -12.802 -13.245 0.242   1.00 71.60  ?  13  DA  D N1    1 
ATOM   791 C  C2    . DA  D 4 4  ? -12.917 -12.595 1.397   1.00 71.25  ?  13  DA  D C2    1 
ATOM   792 N  N3    . DA  D 4 4  ? -12.383 -12.897 2.581   1.00 74.70  ?  13  DA  D N3    1 
ATOM   793 C  C4    . DA  D 4 4  ? -11.644 -14.013 2.510   1.00 69.49  ?  13  DA  D C4    1 
ATOM   794 P  P     . DT  D 4 5  ? -12.786 -13.845 8.492   1.00 95.73  ?  14  DT  D P     1 
ATOM   795 O  OP1   . DT  D 4 5  ? -12.430 -13.917 9.924   1.00 80.89  ?  14  DT  D OP1   1 
ATOM   796 O  OP2   . DT  D 4 5  ? -13.495 -14.986 7.867   1.00 101.41 -1 14  DT  D OP2   1 
ATOM   797 O  "O5'" . DT  D 4 5  ? -13.665 -12.551 8.194   1.00 71.14  ?  14  DT  D "O5'" 1 
ATOM   798 C  "C5'" . DT  D 4 5  ? -15.035 -12.690 7.952   1.00 75.75  ?  14  DT  D "C5'" 1 
ATOM   799 C  "C4'" . DT  D 4 5  ? -15.367 -12.223 6.566   1.00 82.43  ?  14  DT  D "C4'" 1 
ATOM   800 O  "O4'" . DT  D 4 5  ? -14.809 -13.118 5.609   1.00 90.57  ?  14  DT  D "O4'" 1 
ATOM   801 C  "C3'" . DT  D 4 5  ? -16.849 -12.204 6.237   1.00 89.15  ?  14  DT  D "C3'" 1 
ATOM   802 O  "O3'" . DT  D 4 5  ? -17.310 -10.949 6.381   1.00 95.89  ?  14  DT  D "O3'" 1 
ATOM   803 C  "C2'" . DT  D 4 5  ? -16.946 -12.636 4.773   1.00 83.26  ?  14  DT  D "C2'" 1 
ATOM   804 C  "C1'" . DT  D 4 5  ? -15.495 -12.881 4.406   1.00 84.61  ?  14  DT  D "C1'" 1 
ATOM   805 N  N1    . DT  D 4 5  ? -15.259 -14.003 3.496   1.00 75.12  ?  14  DT  D N1    1 
ATOM   806 C  C2    . DT  D 4 5  ? -15.727 -13.921 2.209   1.00 77.56  ?  14  DT  D C2    1 
ATOM   807 O  O2    . DT  D 4 5  ? -16.382 -12.978 1.793   1.00 69.10  ?  14  DT  D O2    1 
ATOM   808 N  N3    . DT  D 4 5  ? -15.407 -14.992 1.418   1.00 79.29  ?  14  DT  D N3    1 
ATOM   809 C  C4    . DT  D 4 5  ? -14.678 -16.110 1.782   1.00 83.41  ?  14  DT  D C4    1 
ATOM   810 O  O4    . DT  D 4 5  ? -14.449 -17.022 0.992   1.00 83.07  ?  14  DT  D O4    1 
ATOM   811 C  C5    . DT  D 4 5  ? -14.208 -16.123 3.156   1.00 81.58  ?  14  DT  D C5    1 
ATOM   812 C  C7    . DT  D 4 5  ? -13.410 -17.278 3.674   1.00 81.10  ?  14  DT  D C7    1 
ATOM   813 C  C6    . DT  D 4 5  ? -14.515 -15.078 3.933   1.00 73.91  ?  14  DT  D C6    1 
ATOM   814 P  P     . DT  D 4 6  ? -18.626 -10.759 7.240   1.00 103.72 ?  15  DT  D P     1 
ATOM   815 O  OP1   . DT  D 4 6  ? -18.824 -9.312  7.487   1.00 112.11 ?  15  DT  D OP1   1 
ATOM   816 O  OP2   . DT  D 4 6  ? -18.441 -11.727 8.348   1.00 78.91  -1 15  DT  D OP2   1 
ATOM   817 O  "O5'" . DT  D 4 6  ? -19.774 -11.230 6.250   1.00 84.28  ?  15  DT  D "O5'" 1 
ATOM   818 C  "C5'" . DT  D 4 6  ? -20.201 -10.356 5.254   1.00 83.53  ?  15  DT  D "C5'" 1 
ATOM   819 C  "C4'" . DT  D 4 6  ? -20.759 -11.138 4.109   1.00 87.48  ?  15  DT  D "C4'" 1 
ATOM   820 O  "O4'" . DT  D 4 6  ? -19.759 -12.046 3.627   1.00 83.95  ?  15  DT  D "O4'" 1 
ATOM   821 C  "C3'" . DT  D 4 6  ? -21.901 -12.061 4.488   1.00 100.04 ?  15  DT  D "C3'" 1 
ATOM   822 O  "O3'" . DT  D 4 6  ? -23.193 -11.363 4.525   1.00 101.82 ?  15  DT  D "O3'" 1 
ATOM   823 C  "C2'" . DT  D 4 6  ? -21.828 -13.171 3.422   1.00 94.25  ?  15  DT  D "C2'" 1 
ATOM   824 C  "C1'" . DT  D 4 6  ? -20.428 -12.996 2.823   1.00 89.31  ?  15  DT  D "C1'" 1 
ATOM   825 N  N1    . DT  D 4 6  ? -19.605 -14.248 2.741   1.00 80.52  ?  15  DT  D N1    1 
ATOM   826 C  C2    . DT  D 4 6  ? -19.362 -14.810 1.508   1.00 77.00  ?  15  DT  D C2    1 
ATOM   827 O  O2    . DT  D 4 6  ? -19.804 -14.352 0.467   1.00 74.21  ?  15  DT  D O2    1 
ATOM   828 N  N3    . DT  D 4 6  ? -18.583 -15.938 1.534   1.00 72.04  ?  15  DT  D N3    1 
ATOM   829 C  C4    . DT  D 4 6  ? -18.028 -16.546 2.646   1.00 76.61  ?  15  DT  D C4    1 
ATOM   830 O  O4    . DT  D 4 6  ? -17.338 -17.558 2.574   1.00 73.76  ?  15  DT  D O4    1 
ATOM   831 C  C5    . DT  D 4 6  ? -18.315 -15.908 3.900   1.00 81.97  ?  15  DT  D C5    1 
ATOM   832 C  C7    . DT  D 4 6  ? -17.762 -16.482 5.170   1.00 80.06  ?  15  DT  D C7    1 
ATOM   833 C  C6    . DT  D 4 6  ? -19.090 -14.805 3.890   1.00 83.01  ?  15  DT  D C6    1 
ATOM   834 P  P     . DG  D 4 7  ? -23.833 -10.616 3.243   1.00 113.53 ?  16  DG  D P     1 
ATOM   835 O  OP1   . DG  D 4 7  ? -22.903 -9.595  2.705   1.00 111.22 ?  16  DG  D OP1   1 
ATOM   836 O  OP2   . DG  D 4 7  ? -25.173 -10.175 3.670   1.00 123.94 -1 16  DG  D OP2   1 
ATOM   837 O  "O5'" . DG  D 4 7  ? -24.102 -11.768 2.169   1.00 95.31  ?  16  DG  D "O5'" 1 
ATOM   838 C  "C5'" . DG  D 4 7  ? -24.367 -11.412 0.818   1.00 96.26  ?  16  DG  D "C5'" 1 
ATOM   839 C  "C4'" . DG  D 4 7  ? -24.650 -12.644 -0.011  1.00 101.71 ?  16  DG  D "C4'" 1 
ATOM   840 O  "O4'" . DG  D 4 7  ? -23.589 -13.626 0.172   1.00 104.16 ?  16  DG  D "O4'" 1 
ATOM   841 C  "C3'" . DG  D 4 7  ? -25.950 -13.365 0.347   1.00 104.98 ?  16  DG  D "C3'" 1 
ATOM   842 O  "O3'" . DG  D 4 7  ? -26.671 -13.651 -0.844  1.00 114.68 ?  16  DG  D "O3'" 1 
ATOM   843 C  "C2'" . DG  D 4 7  ? -25.466 -14.648 1.037   1.00 91.18  ?  16  DG  D "C2'" 1 
ATOM   844 C  "C1'" . DG  D 4 7  ? -24.182 -14.896 0.277   1.00 95.27  ?  16  DG  D "C1'" 1 
ATOM   845 N  N9    . DG  D 4 7  ? -23.252 -15.810 0.932   1.00 88.18  ?  16  DG  D N9    1 
ATOM   846 C  C8    . DG  D 4 7  ? -22.915 -15.854 2.257   1.00 84.82  ?  16  DG  D C8    1 
ATOM   847 N  N7    . DG  D 4 7  ? -22.043 -16.780 2.545   1.00 79.70  ?  16  DG  D N7    1 
ATOM   848 C  C5    . DG  D 4 7  ? -21.796 -17.396 1.331   1.00 74.51  ?  16  DG  D C5    1 
ATOM   849 C  C6    . DG  D 4 7  ? -20.943 -18.468 1.021   1.00 81.64  ?  16  DG  D C6    1 
ATOM   850 O  O6    . DG  D 4 7  ? -20.209 -19.102 1.792   1.00 78.82  ?  16  DG  D O6    1 
ATOM   851 N  N1    . DG  D 4 7  ? -20.987 -18.793 -0.338  1.00 75.74  ?  16  DG  D N1    1 
ATOM   852 C  C2    . DG  D 4 7  ? -21.763 -18.144 -1.274  1.00 86.94  ?  16  DG  D C2    1 
ATOM   853 N  N2    . DG  D 4 7  ? -21.678 -18.584 -2.541  1.00 87.03  ?  16  DG  D N2    1 
ATOM   854 N  N3    . DG  D 4 7  ? -22.570 -17.128 -0.988  1.00 89.22  ?  16  DG  D N3    1 
ATOM   855 C  C4    . DG  D 4 7  ? -22.534 -16.812 0.327   1.00 80.60  ?  16  DG  D C4    1 
HETATM 856 C  C1    . NT  E 5 .  ? -21.765 -14.957 -4.362  1.00 94.99  ?  101 NT  A C1    1 
HETATM 857 N  N1    . NT  E 5 .  ? -21.106 -16.080 -4.667  1.00 87.81  ?  101 NT  A N1    1 
HETATM 858 N  N2    . NT  E 5 .  ? -22.587 -14.381 -5.249  1.00 91.62  ?  101 NT  A N2    1 
HETATM 859 N  N3    . NT  E 5 .  ? -21.588 -14.397 -3.167  1.00 91.54  ?  101 NT  A N3    1 
HETATM 860 C  C2    . NT  E 5 .  ? -20.587 -13.365 -3.026  1.00 91.28  ?  101 NT  A C2    1 
HETATM 861 C  C3    . NT  E 5 .  ? -20.997 -12.253 -2.095  1.00 90.54  ?  101 NT  A C3    1 
HETATM 862 O  O1    . NT  E 5 .  ? -21.920 -11.272 -2.507  1.00 83.38  ?  101 NT  A O1    1 
HETATM 863 N  N4    . NT  E 5 .  ? -20.414 -12.286 -0.900  1.00 91.17  ?  101 NT  A N4    1 
HETATM 864 C  C4    . NT  E 5 .  ? -19.991 -11.116 -0.262  1.00 90.14  ?  101 NT  A C4    1 
HETATM 865 C  C5    . NT  E 5 .  ? -18.864 -10.958 0.547   1.00 80.38  ?  101 NT  A C5    1 
HETATM 866 C  C6    . NT  E 5 .  ? -18.858 -9.637  0.983   1.00 85.41  ?  101 NT  A C6    1 
HETATM 867 N  N5    . NT  E 5 .  ? -19.943 -9.005  0.446   1.00 96.53  ?  101 NT  A N5    1 
HETATM 868 C  C8    . NT  E 5 .  ? -20.344 -7.568  0.629   1.00 98.74  ?  101 NT  A C8    1 
HETATM 869 C  C7    . NT  E 5 .  ? -20.650 -9.896  -0.316  1.00 90.51  ?  101 NT  A C7    1 
HETATM 870 C  C9    . NT  E 5 .  ? -17.889 -9.057  1.976   1.00 82.74  ?  101 NT  A C9    1 
HETATM 871 O  O2    . NT  E 5 .  ? -18.344 -8.146  2.950   1.00 100.36 ?  101 NT  A O2    1 
HETATM 872 N  N6    . NT  E 5 .  ? -16.615 -9.417  1.908   1.00 80.41  ?  101 NT  A N6    1 
HETATM 873 C  C10   . NT  E 5 .  ? -15.665 -9.166  2.920   1.00 85.76  ?  101 NT  A C10   1 
HETATM 874 C  C11   . NT  E 5 .  ? -14.299 -9.364  2.776   1.00 79.93  ?  101 NT  A C11   1 
HETATM 875 C  C12   . NT  E 5 .  ? -13.657 -9.063  3.968   1.00 80.97  ?  101 NT  A C12   1 
HETATM 876 N  N7    . NT  E 5 .  ? -14.623 -8.635  4.825   1.00 90.08  ?  101 NT  A N7    1 
HETATM 877 C  C14   . NT  E 5 .  ? -14.385 -8.193  6.237   1.00 89.95  ?  101 NT  A C14   1 
HETATM 878 C  C13   . NT  E 5 .  ? -15.858 -8.706  4.218   1.00 87.54  ?  101 NT  A C13   1 
HETATM 879 C  C15   . NT  E 5 .  ? -12.402 -9.795  4.387   1.00 76.47  ?  101 NT  A C15   1 
HETATM 880 O  O3    . NT  E 5 .  ? -12.470 -11.125 4.837   1.00 89.12  ?  101 NT  A O3    1 
HETATM 881 N  N8    . NT  E 5 .  ? -11.212 -9.218  4.347   1.00 84.19  ?  101 NT  A N8    1 
HETATM 882 C  C16   . NT  E 5 .  ? -10.141 -9.723  5.180   1.00 74.77  ?  101 NT  A C16   1 
HETATM 883 C  C17   . NT  E 5 .  ? -9.286  -10.734 4.438   1.00 69.03  ?  101 NT  A C17   1 
HETATM 884 C  C18   . NT  E 5 .  ? -8.054  -11.004 5.265   1.00 79.40  ?  101 NT  A C18   1 
HETATM 885 N  N9    . NT  E 5 .  ? -8.095  -10.671 6.554   1.00 80.35  ?  101 NT  A N9    1 
HETATM 886 N  N10   . NT  E 5 .  ? -6.973  -11.547 4.684   1.00 77.88  ?  101 NT  A N10   1 
HETATM 887 AS AS    . CAC F 6 .  ? 0.311   0.610   3.422   1.00 126.66 ?  101 CAC B AS    1 
HETATM 888 AS AS    . CAC G 6 .  ? 22.704  28.464  8.102   1.00 190.18 ?  101 CAC C AS    1 
HETATM 889 AS AS    . CAC H 6 .  ? 23.829  19.539  0.355   1.00 164.86 ?  102 CAC C AS    1 
HETATM 890 AS AS    . CAC I 6 .  ? -6.564  -6.848  -6.384  1.00 192.43 ?  101 CAC D AS    1 
HETATM 891 O  O     . HOH J 7 .  ? -21.318 -24.475 7.819   1.00 93.04  ?  201 HOH A O     1 
HETATM 892 O  O     . HOH J 7 .  ? -20.420 -31.813 -1.263  1.00 99.89  ?  202 HOH A O     1 
HETATM 893 O  O     . HOH K 7 .  ? 19.259  20.946  -10.135 0.50 98.34  ?  201 HOH C O     1 
# 
loop_
_pdbx_poly_seq_scheme.asym_id 
_pdbx_poly_seq_scheme.entity_id 
_pdbx_poly_seq_scheme.seq_id 
_pdbx_poly_seq_scheme.mon_id 
_pdbx_poly_seq_scheme.ndb_seq_num 
_pdbx_poly_seq_scheme.pdb_seq_num 
_pdbx_poly_seq_scheme.auth_seq_num 
_pdbx_poly_seq_scheme.pdb_mon_id 
_pdbx_poly_seq_scheme.auth_mon_id 
_pdbx_poly_seq_scheme.pdb_strand_id 
_pdbx_poly_seq_scheme.pdb_ins_code 
_pdbx_poly_seq_scheme.hetero 
A 1 1  DG 1  1  1  DG DG A . n 
A 1 2  DA 2  2  2  DA DA A . n 
A 1 3  DC 3  3  3  DC DC A . n 
A 1 4  DA 4  4  4  DA DA A . n 
A 1 5  DA 5  5  5  DA DA A . n 
A 1 6  DT 6  6  6  DT DT A . n 
A 1 7  DT 7  7  7  DT DT A . n 
A 1 8  DG 8  8  8  DG DG A . n 
A 1 9  DC 9  9  9  DC DC A . n 
A 1 10 DT 10 10 10 DT DT A . n 
A 1 11 DG 11 11 11 DG DG A . n 
A 1 12 DA 12 12 12 DA DA A . n 
A 1 13 DC 13 13 13 DC DC A . n 
A 1 14 DG 14 14 14 DG DG A . n 
A 1 15 DA 15 15 15 DA DA A . n 
A 1 16 DC 16 16 16 DC DC A . n 
A 1 17 DA 17 17 17 DA DA A . n 
A 1 18 DC 18 18 18 DC DC A . n 
A 1 19 DT 19 19 19 DT DT A . n 
A 1 20 DC 20 20 20 DC DC A . n 
A 1 21 DA 21 21 21 DA DA A . n 
B 2 1  DC 1  1  1  DC DC B . n 
B 2 2  DG 2  2  2  DG DG B . n 
B 2 3  DT 3  3  3  DT DT B . n 
B 2 4  DC 4  4  4  DC DC B . n 
B 2 5  DA 5  5  5  DA DA B . n 
C 3 1  DT 1  1  1  DT DT C . n 
C 3 2  DC 2  2  2  DC DC C . n 
C 3 3  DT 3  3  3  DT DT C . n 
C 3 4  DG 4  4  4  DG DG C . n 
C 3 5  DA 5  5  5  DA DA C . n 
C 3 6  DG 6  6  6  DG DG C . n 
C 3 7  DT 7  7  7  DT DT C . n 
C 3 8  DG 8  8  8  DG DG C . n 
C 3 9  DT 9  9  9  DT DT C . n 
D 4 1  DG 1  10 10 DG DG D . n 
D 4 2  DC 2  11 11 DC DC D . n 
D 4 3  DA 3  12 12 DA DA D . n 
D 4 4  DA 4  13 13 DA DA D . n 
D 4 5  DT 5  14 14 DT DT D . n 
D 4 6  DT 6  15 15 DT DT D . n 
D 4 7  DG 7  16 16 DG DG D . n 
# 
_pdbx_contact_author.id                 2 
_pdbx_contact_author.email              hao.yan@asu.edu 
_pdbx_contact_author.name_first         Hao 
_pdbx_contact_author.name_last          Yan 
_pdbx_contact_author.name_mi            ? 
_pdbx_contact_author.role               'principal investigator/group leader' 
_pdbx_contact_author.identifier_ORCID   0000-0001-7397-9852 
# 
loop_
_pdbx_nonpoly_scheme.asym_id 
_pdbx_nonpoly_scheme.entity_id 
_pdbx_nonpoly_scheme.mon_id 
_pdbx_nonpoly_scheme.ndb_seq_num 
_pdbx_nonpoly_scheme.pdb_seq_num 
_pdbx_nonpoly_scheme.auth_seq_num 
_pdbx_nonpoly_scheme.pdb_mon_id 
_pdbx_nonpoly_scheme.auth_mon_id 
_pdbx_nonpoly_scheme.pdb_strand_id 
_pdbx_nonpoly_scheme.pdb_ins_code 
E 5 NT  1 101 25 NT  NT  A . 
F 6 CAC 1 101 3  CAC AS  B . 
G 6 CAC 1 101 1  CAC AS  C . 
H 6 CAC 1 102 8  CAC AS  C . 
I 6 CAC 1 101 6  CAC AS  D . 
J 7 HOH 1 201 2  HOH HOH A . 
J 7 HOH 2 202 3  HOH HOH A . 
K 7 HOH 1 201 4  HOH HOH C . 
# 
_pdbx_struct_assembly.id                   1 
_pdbx_struct_assembly.details              author_defined_assembly 
_pdbx_struct_assembly.method_details       ? 
_pdbx_struct_assembly.oligomeric_details   tetrameric 
_pdbx_struct_assembly.oligomeric_count     4 
# 
_pdbx_struct_assembly_gen.assembly_id       1 
_pdbx_struct_assembly_gen.oper_expression   1 
_pdbx_struct_assembly_gen.asym_id_list      A,B,C,D,E,F,G,H,I,J,K 
# 
_pdbx_struct_oper_list.id                   1 
_pdbx_struct_oper_list.type                 'identity operation' 
_pdbx_struct_oper_list.name                 1_555 
_pdbx_struct_oper_list.symmetry_operation   x,y,z 
_pdbx_struct_oper_list.matrix[1][1]         1.0000000000 
_pdbx_struct_oper_list.matrix[1][2]         0.0000000000 
_pdbx_struct_oper_list.matrix[1][3]         0.0000000000 
_pdbx_struct_oper_list.vector[1]            0.0000000000 
_pdbx_struct_oper_list.matrix[2][1]         0.0000000000 
_pdbx_struct_oper_list.matrix[2][2]         1.0000000000 
_pdbx_struct_oper_list.matrix[2][3]         0.0000000000 
_pdbx_struct_oper_list.vector[2]            0.0000000000 
_pdbx_struct_oper_list.matrix[3][1]         0.0000000000 
_pdbx_struct_oper_list.matrix[3][2]         0.0000000000 
_pdbx_struct_oper_list.matrix[3][3]         1.0000000000 
_pdbx_struct_oper_list.vector[3]            0.0000000000 
# 
_pdbx_struct_special_symmetry.id              1 
_pdbx_struct_special_symmetry.PDB_model_num   1 
_pdbx_struct_special_symmetry.auth_asym_id    C 
_pdbx_struct_special_symmetry.auth_comp_id    HOH 
_pdbx_struct_special_symmetry.auth_seq_id     201 
_pdbx_struct_special_symmetry.PDB_ins_code    ? 
_pdbx_struct_special_symmetry.label_asym_id   K 
_pdbx_struct_special_symmetry.label_comp_id   HOH 
_pdbx_struct_special_symmetry.label_seq_id    . 
# 
_pdbx_audit_revision_history.ordinal             1 
_pdbx_audit_revision_history.data_content_type   'Structure model' 
_pdbx_audit_revision_history.major_revision      1 
_pdbx_audit_revision_history.minor_revision      0 
_pdbx_audit_revision_history.revision_date       2023-12-20 
# 
_pdbx_audit_revision_details.ordinal             1 
_pdbx_audit_revision_details.revision_ordinal    1 
_pdbx_audit_revision_details.data_content_type   'Structure model' 
_pdbx_audit_revision_details.provider            repository 
_pdbx_audit_revision_details.type                'Initial release' 
_pdbx_audit_revision_details.description         ? 
_pdbx_audit_revision_details.details             ? 
# 
loop_
_software.citation_id 
_software.classification 
_software.compiler_name 
_software.compiler_version 
_software.contact_author 
_software.contact_author_email 
_software.date 
_software.description 
_software.dependencies 
_software.hardware 
_software.language 
_software.location 
_software.mods 
_software.name 
_software.os 
_software.os_version 
_software.type 
_software.version 
_software.pdbx_ordinal 
? refinement       ? ? ? ? ? ? ? ? ? ? ? PHENIX   ? ? ? '(1.10_2152: ???)' 1 
? 'data scaling'   ? ? ? ? ? ? ? ? ? ? ? HKL-2000 ? ? ? .                  2 
? 'data reduction' ? ? ? ? ? ? ? ? ? ? ? HKL-2000 ? ? ? .                  3 
? phasing          ? ? ? ? ? ? ? ? ? ? ? PHASER   ? ? ? .                  4 
# 
_pdbx_entry_details.entry_id                 8TBO 
_pdbx_entry_details.has_ligand_of_interest   N 
_pdbx_entry_details.compound_details         ? 
_pdbx_entry_details.source_details           ? 
_pdbx_entry_details.nonpolymer_details       ? 
_pdbx_entry_details.sequence_details         ? 
# 
loop_
_pdbx_validate_rmsd_bond.id 
_pdbx_validate_rmsd_bond.PDB_model_num 
_pdbx_validate_rmsd_bond.auth_atom_id_1 
_pdbx_validate_rmsd_bond.auth_asym_id_1 
_pdbx_validate_rmsd_bond.auth_comp_id_1 
_pdbx_validate_rmsd_bond.auth_seq_id_1 
_pdbx_validate_rmsd_bond.PDB_ins_code_1 
_pdbx_validate_rmsd_bond.label_alt_id_1 
_pdbx_validate_rmsd_bond.auth_atom_id_2 
_pdbx_validate_rmsd_bond.auth_asym_id_2 
_pdbx_validate_rmsd_bond.auth_comp_id_2 
_pdbx_validate_rmsd_bond.auth_seq_id_2 
_pdbx_validate_rmsd_bond.PDB_ins_code_2 
_pdbx_validate_rmsd_bond.label_alt_id_2 
_pdbx_validate_rmsd_bond.bond_value 
_pdbx_validate_rmsd_bond.bond_target_value 
_pdbx_validate_rmsd_bond.bond_deviation 
_pdbx_validate_rmsd_bond.bond_standard_deviation 
_pdbx_validate_rmsd_bond.linker_flag 
1 1 "O3'" C DG 8  ? ? "C3'" C DG 8  ? ? 1.379 1.419 -0.040 0.006 N 
2 1 "O3'" C DT 9  ? ? "C3'" C DT 9  ? ? 1.381 1.419 -0.038 0.006 N 
3 1 "O3'" D DT 14 ? ? "C3'" D DT 14 ? ? 1.345 1.419 -0.074 0.006 N 
# 
loop_
_pdbx_validate_rmsd_angle.id 
_pdbx_validate_rmsd_angle.PDB_model_num 
_pdbx_validate_rmsd_angle.auth_atom_id_1 
_pdbx_validate_rmsd_angle.auth_asym_id_1 
_pdbx_validate_rmsd_angle.auth_comp_id_1 
_pdbx_validate_rmsd_angle.auth_seq_id_1 
_pdbx_validate_rmsd_angle.PDB_ins_code_1 
_pdbx_validate_rmsd_angle.label_alt_id_1 
_pdbx_validate_rmsd_angle.auth_atom_id_2 
_pdbx_validate_rmsd_angle.auth_asym_id_2 
_pdbx_validate_rmsd_angle.auth_comp_id_2 
_pdbx_validate_rmsd_angle.auth_seq_id_2 
_pdbx_validate_rmsd_angle.PDB_ins_code_2 
_pdbx_validate_rmsd_angle.label_alt_id_2 
_pdbx_validate_rmsd_angle.auth_atom_id_3 
_pdbx_validate_rmsd_angle.auth_asym_id_3 
_pdbx_validate_rmsd_angle.auth_comp_id_3 
_pdbx_validate_rmsd_angle.auth_seq_id_3 
_pdbx_validate_rmsd_angle.PDB_ins_code_3 
_pdbx_validate_rmsd_angle.label_alt_id_3 
_pdbx_validate_rmsd_angle.angle_value 
_pdbx_validate_rmsd_angle.angle_target_value 
_pdbx_validate_rmsd_angle.angle_deviation 
_pdbx_validate_rmsd_angle.angle_standard_deviation 
_pdbx_validate_rmsd_angle.linker_flag 
1 1 "O4'" A DC 13 ? ? "C1'" A DC 13 ? ? N1    A DC 13 ? ? 110.56 108.30 2.26  0.30 N 
2 1 "O4'" A DC 20 ? ? "C1'" A DC 20 ? ? N1    A DC 20 ? ? 110.52 108.30 2.22  0.30 N 
3 1 "C3'" B DA 5  ? ? "C2'" B DA 5  ? ? "C1'" B DA 5  ? ? 97.43  102.40 -4.97 0.80 N 
4 1 "O4'" B DA 5  ? ? "C1'" B DA 5  ? ? N9    B DA 5  ? ? 110.68 108.30 2.38  0.30 N 
# 
loop_
_pdbx_unobs_or_zero_occ_atoms.id 
_pdbx_unobs_or_zero_occ_atoms.PDB_model_num 
_pdbx_unobs_or_zero_occ_atoms.polymer_flag 
_pdbx_unobs_or_zero_occ_atoms.occupancy_flag 
_pdbx_unobs_or_zero_occ_atoms.auth_asym_id 
_pdbx_unobs_or_zero_occ_atoms.auth_comp_id 
_pdbx_unobs_or_zero_occ_atoms.auth_seq_id 
_pdbx_unobs_or_zero_occ_atoms.PDB_ins_code 
_pdbx_unobs_or_zero_occ_atoms.auth_atom_id 
_pdbx_unobs_or_zero_occ_atoms.label_alt_id 
_pdbx_unobs_or_zero_occ_atoms.label_asym_id 
_pdbx_unobs_or_zero_occ_atoms.label_comp_id 
_pdbx_unobs_or_zero_occ_atoms.label_seq_id 
_pdbx_unobs_or_zero_occ_atoms.label_atom_id 
1  1 N 1 B CAC 101 ? O1 ? F CAC 1 O1 
2  1 N 1 B CAC 101 ? O2 ? F CAC 1 O2 
3  1 N 1 B CAC 101 ? C1 ? F CAC 1 C1 
4  1 N 1 B CAC 101 ? C2 ? F CAC 1 C2 
5  1 N 1 C CAC 101 ? O1 ? G CAC 1 O1 
6  1 N 1 C CAC 101 ? O2 ? G CAC 1 O2 
7  1 N 1 C CAC 101 ? C1 ? G CAC 1 C1 
8  1 N 1 C CAC 101 ? C2 ? G CAC 1 C2 
9  1 N 1 C CAC 102 ? O1 ? H CAC 1 O1 
10 1 N 1 C CAC 102 ? O2 ? H CAC 1 O2 
11 1 N 1 C CAC 102 ? C1 ? H CAC 1 C1 
12 1 N 1 C CAC 102 ? C2 ? H CAC 1 C2 
13 1 N 1 D CAC 101 ? O1 ? I CAC 1 O1 
14 1 N 1 D CAC 101 ? O2 ? I CAC 1 O2 
15 1 N 1 D CAC 101 ? C1 ? I CAC 1 C1 
16 1 N 1 D CAC 101 ? C2 ? I CAC 1 C2 
# 
loop_
_chem_comp_atom.comp_id 
_chem_comp_atom.atom_id 
_chem_comp_atom.type_symbol 
_chem_comp_atom.pdbx_aromatic_flag 
_chem_comp_atom.pdbx_stereo_config 
_chem_comp_atom.pdbx_ordinal 
CAC AS     AS N N 1   
CAC O1     O  N N 2   
CAC O2     O  N N 3   
CAC C1     C  N N 4   
CAC C2     C  N N 5   
CAC H11    H  N N 6   
CAC H12    H  N N 7   
CAC H13    H  N N 8   
CAC H21    H  N N 9   
CAC H22    H  N N 10  
CAC H23    H  N N 11  
DA  OP3    O  N N 12  
DA  P      P  N N 13  
DA  OP1    O  N N 14  
DA  OP2    O  N N 15  
DA  "O5'"  O  N N 16  
DA  "C5'"  C  N N 17  
DA  "C4'"  C  N R 18  
DA  "O4'"  O  N N 19  
DA  "C3'"  C  N S 20  
DA  "O3'"  O  N N 21  
DA  "C2'"  C  N N 22  
DA  "C1'"  C  N R 23  
DA  N9     N  Y N 24  
DA  C8     C  Y N 25  
DA  N7     N  Y N 26  
DA  C5     C  Y N 27  
DA  C6     C  Y N 28  
DA  N6     N  N N 29  
DA  N1     N  Y N 30  
DA  C2     C  Y N 31  
DA  N3     N  Y N 32  
DA  C4     C  Y N 33  
DA  HOP3   H  N N 34  
DA  HOP2   H  N N 35  
DA  "H5'"  H  N N 36  
DA  "H5''" H  N N 37  
DA  "H4'"  H  N N 38  
DA  "H3'"  H  N N 39  
DA  "HO3'" H  N N 40  
DA  "H2'"  H  N N 41  
DA  "H2''" H  N N 42  
DA  "H1'"  H  N N 43  
DA  H8     H  N N 44  
DA  H61    H  N N 45  
DA  H62    H  N N 46  
DA  H2     H  N N 47  
DC  OP3    O  N N 48  
DC  P      P  N N 49  
DC  OP1    O  N N 50  
DC  OP2    O  N N 51  
DC  "O5'"  O  N N 52  
DC  "C5'"  C  N N 53  
DC  "C4'"  C  N R 54  
DC  "O4'"  O  N N 55  
DC  "C3'"  C  N S 56  
DC  "O3'"  O  N N 57  
DC  "C2'"  C  N N 58  
DC  "C1'"  C  N R 59  
DC  N1     N  N N 60  
DC  C2     C  N N 61  
DC  O2     O  N N 62  
DC  N3     N  N N 63  
DC  C4     C  N N 64  
DC  N4     N  N N 65  
DC  C5     C  N N 66  
DC  C6     C  N N 67  
DC  HOP3   H  N N 68  
DC  HOP2   H  N N 69  
DC  "H5'"  H  N N 70  
DC  "H5''" H  N N 71  
DC  "H4'"  H  N N 72  
DC  "H3'"  H  N N 73  
DC  "HO3'" H  N N 74  
DC  "H2'"  H  N N 75  
DC  "H2''" H  N N 76  
DC  "H1'"  H  N N 77  
DC  H41    H  N N 78  
DC  H42    H  N N 79  
DC  H5     H  N N 80  
DC  H6     H  N N 81  
DG  OP3    O  N N 82  
DG  P      P  N N 83  
DG  OP1    O  N N 84  
DG  OP2    O  N N 85  
DG  "O5'"  O  N N 86  
DG  "C5'"  C  N N 87  
DG  "C4'"  C  N R 88  
DG  "O4'"  O  N N 89  
DG  "C3'"  C  N S 90  
DG  "O3'"  O  N N 91  
DG  "C2'"  C  N N 92  
DG  "C1'"  C  N R 93  
DG  N9     N  Y N 94  
DG  C8     C  Y N 95  
DG  N7     N  Y N 96  
DG  C5     C  Y N 97  
DG  C6     C  N N 98  
DG  O6     O  N N 99  
DG  N1     N  N N 100 
DG  C2     C  N N 101 
DG  N2     N  N N 102 
DG  N3     N  N N 103 
DG  C4     C  Y N 104 
DG  HOP3   H  N N 105 
DG  HOP2   H  N N 106 
DG  "H5'"  H  N N 107 
DG  "H5''" H  N N 108 
DG  "H4'"  H  N N 109 
DG  "H3'"  H  N N 110 
DG  "HO3'" H  N N 111 
DG  "H2'"  H  N N 112 
DG  "H2''" H  N N 113 
DG  "H1'"  H  N N 114 
DG  H8     H  N N 115 
DG  H1     H  N N 116 
DG  H21    H  N N 117 
DG  H22    H  N N 118 
DT  OP3    O  N N 119 
DT  P      P  N N 120 
DT  OP1    O  N N 121 
DT  OP2    O  N N 122 
DT  "O5'"  O  N N 123 
DT  "C5'"  C  N N 124 
DT  "C4'"  C  N R 125 
DT  "O4'"  O  N N 126 
DT  "C3'"  C  N S 127 
DT  "O3'"  O  N N 128 
DT  "C2'"  C  N N 129 
DT  "C1'"  C  N R 130 
DT  N1     N  N N 131 
DT  C2     C  N N 132 
DT  O2     O  N N 133 
DT  N3     N  N N 134 
DT  C4     C  N N 135 
DT  O4     O  N N 136 
DT  C5     C  N N 137 
DT  C7     C  N N 138 
DT  C6     C  N N 139 
DT  HOP3   H  N N 140 
DT  HOP2   H  N N 141 
DT  "H5'"  H  N N 142 
DT  "H5''" H  N N 143 
DT  "H4'"  H  N N 144 
DT  "H3'"  H  N N 145 
DT  "HO3'" H  N N 146 
DT  "H2'"  H  N N 147 
DT  "H2''" H  N N 148 
DT  "H1'"  H  N N 149 
DT  H3     H  N N 150 
DT  H71    H  N N 151 
DT  H72    H  N N 152 
DT  H73    H  N N 153 
DT  H6     H  N N 154 
HOH O      O  N N 155 
HOH H1     H  N N 156 
HOH H2     H  N N 157 
NT  C1     C  N N 158 
NT  N1     N  N N 159 
NT  N2     N  N N 160 
NT  N3     N  N N 161 
NT  C2     C  N N 162 
NT  C3     C  N N 163 
NT  O1     O  N N 164 
NT  N4     N  N N 165 
NT  C4     C  Y N 166 
NT  C5     C  Y N 167 
NT  C6     C  Y N 168 
NT  N5     N  Y N 169 
NT  C8     C  N N 170 
NT  C7     C  Y N 171 
NT  C9     C  N N 172 
NT  O2     O  N N 173 
NT  N6     N  N N 174 
NT  C10    C  Y N 175 
NT  C11    C  Y N 176 
NT  C12    C  Y N 177 
NT  N7     N  Y N 178 
NT  C14    C  N N 179 
NT  C13    C  Y N 180 
NT  C15    C  N N 181 
NT  O3     O  N N 182 
NT  N8     N  N N 183 
NT  C16    C  N N 184 
NT  C17    C  N N 185 
NT  C18    C  N N 186 
NT  N9     N  N N 187 
NT  N10    N  N N 188 
NT  HN1    H  N N 189 
NT  HN21   H  N N 190 
NT  HN22   H  N N 191 
NT  HN3    H  N N 192 
NT  H21    H  N N 193 
NT  H22    H  N N 194 
NT  HN4    H  N N 195 
NT  H5     H  N N 196 
NT  H81    H  N N 197 
NT  H82    H  N N 198 
NT  H83    H  N N 199 
NT  H7     H  N N 200 
NT  HN6    H  N N 201 
NT  H11    H  N N 202 
NT  H141   H  N N 203 
NT  H142   H  N N 204 
NT  H143   H  N N 205 
NT  H13    H  N N 206 
NT  HN8    H  N N 207 
NT  H161   H  N N 208 
NT  H162   H  N N 209 
NT  H171   H  N N 210 
NT  H172   H  N N 211 
NT  HN9    H  N N 212 
NT  HN01   H  N N 213 
NT  HN02   H  N N 214 
# 
loop_
_chem_comp_bond.comp_id 
_chem_comp_bond.atom_id_1 
_chem_comp_bond.atom_id_2 
_chem_comp_bond.value_order 
_chem_comp_bond.pdbx_aromatic_flag 
_chem_comp_bond.pdbx_stereo_config 
_chem_comp_bond.pdbx_ordinal 
CAC AS    O1     doub N N 1   
CAC AS    O2     sing N N 2   
CAC AS    C1     sing N N 3   
CAC AS    C2     sing N N 4   
CAC C1    H11    sing N N 5   
CAC C1    H12    sing N N 6   
CAC C1    H13    sing N N 7   
CAC C2    H21    sing N N 8   
CAC C2    H22    sing N N 9   
CAC C2    H23    sing N N 10  
DA  OP3   P      sing N N 11  
DA  OP3   HOP3   sing N N 12  
DA  P     OP1    doub N N 13  
DA  P     OP2    sing N N 14  
DA  P     "O5'"  sing N N 15  
DA  OP2   HOP2   sing N N 16  
DA  "O5'" "C5'"  sing N N 17  
DA  "C5'" "C4'"  sing N N 18  
DA  "C5'" "H5'"  sing N N 19  
DA  "C5'" "H5''" sing N N 20  
DA  "C4'" "O4'"  sing N N 21  
DA  "C4'" "C3'"  sing N N 22  
DA  "C4'" "H4'"  sing N N 23  
DA  "O4'" "C1'"  sing N N 24  
DA  "C3'" "O3'"  sing N N 25  
DA  "C3'" "C2'"  sing N N 26  
DA  "C3'" "H3'"  sing N N 27  
DA  "O3'" "HO3'" sing N N 28  
DA  "C2'" "C1'"  sing N N 29  
DA  "C2'" "H2'"  sing N N 30  
DA  "C2'" "H2''" sing N N 31  
DA  "C1'" N9     sing N N 32  
DA  "C1'" "H1'"  sing N N 33  
DA  N9    C8     sing Y N 34  
DA  N9    C4     sing Y N 35  
DA  C8    N7     doub Y N 36  
DA  C8    H8     sing N N 37  
DA  N7    C5     sing Y N 38  
DA  C5    C6     sing Y N 39  
DA  C5    C4     doub Y N 40  
DA  C6    N6     sing N N 41  
DA  C6    N1     doub Y N 42  
DA  N6    H61    sing N N 43  
DA  N6    H62    sing N N 44  
DA  N1    C2     sing Y N 45  
DA  C2    N3     doub Y N 46  
DA  C2    H2     sing N N 47  
DA  N3    C4     sing Y N 48  
DC  OP3   P      sing N N 49  
DC  OP3   HOP3   sing N N 50  
DC  P     OP1    doub N N 51  
DC  P     OP2    sing N N 52  
DC  P     "O5'"  sing N N 53  
DC  OP2   HOP2   sing N N 54  
DC  "O5'" "C5'"  sing N N 55  
DC  "C5'" "C4'"  sing N N 56  
DC  "C5'" "H5'"  sing N N 57  
DC  "C5'" "H5''" sing N N 58  
DC  "C4'" "O4'"  sing N N 59  
DC  "C4'" "C3'"  sing N N 60  
DC  "C4'" "H4'"  sing N N 61  
DC  "O4'" "C1'"  sing N N 62  
DC  "C3'" "O3'"  sing N N 63  
DC  "C3'" "C2'"  sing N N 64  
DC  "C3'" "H3'"  sing N N 65  
DC  "O3'" "HO3'" sing N N 66  
DC  "C2'" "C1'"  sing N N 67  
DC  "C2'" "H2'"  sing N N 68  
DC  "C2'" "H2''" sing N N 69  
DC  "C1'" N1     sing N N 70  
DC  "C1'" "H1'"  sing N N 71  
DC  N1    C2     sing N N 72  
DC  N1    C6     sing N N 73  
DC  C2    O2     doub N N 74  
DC  C2    N3     sing N N 75  
DC  N3    C4     doub N N 76  
DC  C4    N4     sing N N 77  
DC  C4    C5     sing N N 78  
DC  N4    H41    sing N N 79  
DC  N4    H42    sing N N 80  
DC  C5    C6     doub N N 81  
DC  C5    H5     sing N N 82  
DC  C6    H6     sing N N 83  
DG  OP3   P      sing N N 84  
DG  OP3   HOP3   sing N N 85  
DG  P     OP1    doub N N 86  
DG  P     OP2    sing N N 87  
DG  P     "O5'"  sing N N 88  
DG  OP2   HOP2   sing N N 89  
DG  "O5'" "C5'"  sing N N 90  
DG  "C5'" "C4'"  sing N N 91  
DG  "C5'" "H5'"  sing N N 92  
DG  "C5'" "H5''" sing N N 93  
DG  "C4'" "O4'"  sing N N 94  
DG  "C4'" "C3'"  sing N N 95  
DG  "C4'" "H4'"  sing N N 96  
DG  "O4'" "C1'"  sing N N 97  
DG  "C3'" "O3'"  sing N N 98  
DG  "C3'" "C2'"  sing N N 99  
DG  "C3'" "H3'"  sing N N 100 
DG  "O3'" "HO3'" sing N N 101 
DG  "C2'" "C1'"  sing N N 102 
DG  "C2'" "H2'"  sing N N 103 
DG  "C2'" "H2''" sing N N 104 
DG  "C1'" N9     sing N N 105 
DG  "C1'" "H1'"  sing N N 106 
DG  N9    C8     sing Y N 107 
DG  N9    C4     sing Y N 108 
DG  C8    N7     doub Y N 109 
DG  C8    H8     sing N N 110 
DG  N7    C5     sing Y N 111 
DG  C5    C6     sing N N 112 
DG  C5    C4     doub Y N 113 
DG  C6    O6     doub N N 114 
DG  C6    N1     sing N N 115 
DG  N1    C2     sing N N 116 
DG  N1    H1     sing N N 117 
DG  C2    N2     sing N N 118 
DG  C2    N3     doub N N 119 
DG  N2    H21    sing N N 120 
DG  N2    H22    sing N N 121 
DG  N3    C4     sing N N 122 
DT  OP3   P      sing N N 123 
DT  OP3   HOP3   sing N N 124 
DT  P     OP1    doub N N 125 
DT  P     OP2    sing N N 126 
DT  P     "O5'"  sing N N 127 
DT  OP2   HOP2   sing N N 128 
DT  "O5'" "C5'"  sing N N 129 
DT  "C5'" "C4'"  sing N N 130 
DT  "C5'" "H5'"  sing N N 131 
DT  "C5'" "H5''" sing N N 132 
DT  "C4'" "O4'"  sing N N 133 
DT  "C4'" "C3'"  sing N N 134 
DT  "C4'" "H4'"  sing N N 135 
DT  "O4'" "C1'"  sing N N 136 
DT  "C3'" "O3'"  sing N N 137 
DT  "C3'" "C2'"  sing N N 138 
DT  "C3'" "H3'"  sing N N 139 
DT  "O3'" "HO3'" sing N N 140 
DT  "C2'" "C1'"  sing N N 141 
DT  "C2'" "H2'"  sing N N 142 
DT  "C2'" "H2''" sing N N 143 
DT  "C1'" N1     sing N N 144 
DT  "C1'" "H1'"  sing N N 145 
DT  N1    C2     sing N N 146 
DT  N1    C6     sing N N 147 
DT  C2    O2     doub N N 148 
DT  C2    N3     sing N N 149 
DT  N3    C4     sing N N 150 
DT  N3    H3     sing N N 151 
DT  C4    O4     doub N N 152 
DT  C4    C5     sing N N 153 
DT  C5    C7     sing N N 154 
DT  C5    C6     doub N N 155 
DT  C7    H71    sing N N 156 
DT  C7    H72    sing N N 157 
DT  C7    H73    sing N N 158 
DT  C6    H6     sing N N 159 
HOH O     H1     sing N N 160 
HOH O     H2     sing N N 161 
NT  C1    N1     doub N N 162 
NT  C1    N2     sing N N 163 
NT  C1    N3     sing N N 164 
NT  N1    HN1    sing N N 165 
NT  N2    HN21   sing N N 166 
NT  N2    HN22   sing N N 167 
NT  N3    C2     sing N N 168 
NT  N3    HN3    sing N N 169 
NT  C2    C3     sing N N 170 
NT  C2    H21    sing N N 171 
NT  C2    H22    sing N N 172 
NT  C3    O1     doub N N 173 
NT  C3    N4     sing N N 174 
NT  N4    C4     sing N N 175 
NT  N4    HN4    sing N N 176 
NT  C4    C5     sing Y N 177 
NT  C4    C7     doub Y N 178 
NT  C5    C6     doub Y N 179 
NT  C5    H5     sing N N 180 
NT  C6    N5     sing Y N 181 
NT  C6    C9     sing N N 182 
NT  N5    C8     sing N N 183 
NT  N5    C7     sing Y N 184 
NT  C8    H81    sing N N 185 
NT  C8    H82    sing N N 186 
NT  C8    H83    sing N N 187 
NT  C7    H7     sing N N 188 
NT  C9    O2     doub N N 189 
NT  C9    N6     sing N N 190 
NT  N6    C10    sing N N 191 
NT  N6    HN6    sing N N 192 
NT  C10   C11    sing Y N 193 
NT  C10   C13    doub Y N 194 
NT  C11   C12    doub Y N 195 
NT  C11   H11    sing N N 196 
NT  C12   N7     sing Y N 197 
NT  C12   C15    sing N N 198 
NT  N7    C14    sing N N 199 
NT  N7    C13    sing Y N 200 
NT  C14   H141   sing N N 201 
NT  C14   H142   sing N N 202 
NT  C14   H143   sing N N 203 
NT  C13   H13    sing N N 204 
NT  C15   O3     doub N N 205 
NT  C15   N8     sing N N 206 
NT  N8    C16    sing N N 207 
NT  N8    HN8    sing N N 208 
NT  C16   C17    sing N N 209 
NT  C16   H161   sing N N 210 
NT  C16   H162   sing N N 211 
NT  C17   C18    sing N N 212 
NT  C17   H171   sing N N 213 
NT  C17   H172   sing N N 214 
NT  C18   N9     doub N N 215 
NT  C18   N10    sing N N 216 
NT  N9    HN9    sing N N 217 
NT  N10   HN01   sing N N 218 
NT  N10   HN02   sing N N 219 
# 
loop_
_ndb_struct_conf_na.entry_id 
_ndb_struct_conf_na.feature 
8TBO 'double helix'        
8TBO 'a-form double helix' 
8TBO 'b-form double helix' 
# 
loop_
_ndb_struct_na_base_pair.model_number 
_ndb_struct_na_base_pair.i_label_asym_id 
_ndb_struct_na_base_pair.i_label_comp_id 
_ndb_struct_na_base_pair.i_label_seq_id 
_ndb_struct_na_base_pair.i_symmetry 
_ndb_struct_na_base_pair.j_label_asym_id 
_ndb_struct_na_base_pair.j_label_comp_id 
_ndb_struct_na_base_pair.j_label_seq_id 
_ndb_struct_na_base_pair.j_symmetry 
_ndb_struct_na_base_pair.shear 
_ndb_struct_na_base_pair.stretch 
_ndb_struct_na_base_pair.stagger 
_ndb_struct_na_base_pair.buckle 
_ndb_struct_na_base_pair.propeller 
_ndb_struct_na_base_pair.opening 
_ndb_struct_na_base_pair.pair_number 
_ndb_struct_na_base_pair.pair_name 
_ndb_struct_na_base_pair.i_auth_asym_id 
_ndb_struct_na_base_pair.i_auth_seq_id 
_ndb_struct_na_base_pair.i_PDB_ins_code 
_ndb_struct_na_base_pair.j_auth_asym_id 
_ndb_struct_na_base_pair.j_auth_seq_id 
_ndb_struct_na_base_pair.j_PDB_ins_code 
_ndb_struct_na_base_pair.hbond_type_28 
_ndb_struct_na_base_pair.hbond_type_12 
1 A DC 3  1_555 D DG 7 1_555 0.153  -0.195 -0.019 0.711  -5.454  -0.232 1  A_DC3:DG16_D A 3  ? D 16 ? 19 1 
1 A DA 4  1_555 D DT 6 1_555 0.160  0.162  -0.085 4.532  -8.632  9.277  2  A_DA4:DT15_D A 4  ? D 15 ? 20 1 
1 A DA 5  1_555 D DT 5 1_555 0.121  -0.202 0.442  11.150 -16.180 3.059  3  A_DA5:DT14_D A 5  ? D 14 ? 20 1 
1 A DT 6  1_555 D DA 4 1_555 -0.129 -0.286 0.355  -0.723 -15.912 -0.188 4  A_DT6:DA13_D A 6  ? D 13 ? 20 1 
1 A DT 7  1_555 D DA 3 1_555 -0.209 -0.302 0.208  -2.697 -7.326  -2.336 5  A_DT7:DA12_D A 7  ? D 12 ? 20 1 
1 A DG 8  1_555 D DC 2 1_555 -0.239 -0.191 -0.256 -6.349 -4.565  0.124  6  A_DG8:DC11_D A 8  ? D 11 ? 19 1 
1 A DC 9  1_555 D DG 1 1_555 0.252  -0.149 0.414  -4.495 -7.879  1.610  7  A_DC9:DG10_D A 9  ? D 10 ? 19 1 
1 A DT 10 1_555 B DA 5 1_555 -0.129 -0.183 0.327  -3.231 -3.059  -1.194 8  A_DT10:DA5_B A 10 ? B 5  ? 20 1 
1 A DG 11 1_555 B DC 4 1_555 -0.110 -0.074 0.537  8.325  -6.757  1.227  9  A_DG11:DC4_B A 11 ? B 4  ? 19 1 
1 A DA 12 1_555 B DT 3 1_555 0.249  -0.220 0.127  4.559  -7.775  -1.877 10 A_DA12:DT3_B A 12 ? B 3  ? 20 1 
1 A DC 13 1_555 B DG 2 1_555 0.202  -0.260 0.238  7.004  -8.011  1.038  11 A_DC13:DG2_B A 13 ? B 2  ? 19 1 
1 A DG 14 1_555 B DC 1 1_555 -0.255 -0.180 0.047  1.169  -8.599  0.359  12 A_DG14:DC1_B A 14 ? B 1  ? 19 1 
1 A DA 15 1_555 C DT 9 1_555 0.087  -0.078 0.280  -0.730 -2.386  -2.030 13 A_DA15:DT9_C A 15 ? C 9  ? 20 1 
1 A DC 16 1_555 C DG 8 1_555 0.195  -0.146 0.279  2.616  -2.515  1.010  14 A_DC16:DG8_C A 16 ? C 8  ? 19 1 
1 A DA 17 1_555 C DT 7 1_555 0.331  -0.194 0.471  4.431  -7.715  -5.298 15 A_DA17:DT7_C A 17 ? C 7  ? 20 1 
1 A DC 18 1_555 C DG 6 1_555 0.112  -0.248 0.016  -0.322 -8.317  0.270  16 A_DC18:DG6_C A 18 ? C 6  ? 19 1 
1 A DT 19 1_555 C DA 5 1_555 -0.087 -0.119 0.053  -0.397 -8.294  0.543  17 A_DT19:DA5_C A 19 ? C 5  ? 20 1 
1 A DC 20 1_555 C DG 4 1_555 0.335  -0.053 0.290  4.091  -6.269  0.738  18 A_DC20:DG4_C A 20 ? C 4  ? 19 1 
1 A DA 21 1_555 C DT 3 1_555 0.037  0.276  0.440  9.068  -12.721 5.575  19 A_DA21:DT3_C A 21 ? C 3  ? 20 1 
# 
loop_
_ndb_struct_na_base_pair_step.model_number 
_ndb_struct_na_base_pair_step.i_label_asym_id_1 
_ndb_struct_na_base_pair_step.i_label_comp_id_1 
_ndb_struct_na_base_pair_step.i_label_seq_id_1 
_ndb_struct_na_base_pair_step.i_symmetry_1 
_ndb_struct_na_base_pair_step.j_label_asym_id_1 
_ndb_struct_na_base_pair_step.j_label_comp_id_1 
_ndb_struct_na_base_pair_step.j_label_seq_id_1 
_ndb_struct_na_base_pair_step.j_symmetry_1 
_ndb_struct_na_base_pair_step.i_label_asym_id_2 
_ndb_struct_na_base_pair_step.i_label_comp_id_2 
_ndb_struct_na_base_pair_step.i_label_seq_id_2 
_ndb_struct_na_base_pair_step.i_symmetry_2 
_ndb_struct_na_base_pair_step.j_label_asym_id_2 
_ndb_struct_na_base_pair_step.j_label_comp_id_2 
_ndb_struct_na_base_pair_step.j_label_seq_id_2 
_ndb_struct_na_base_pair_step.j_symmetry_2 
_ndb_struct_na_base_pair_step.shift 
_ndb_struct_na_base_pair_step.slide 
_ndb_struct_na_base_pair_step.rise 
_ndb_struct_na_base_pair_step.tilt 
_ndb_struct_na_base_pair_step.roll 
_ndb_struct_na_base_pair_step.twist 
_ndb_struct_na_base_pair_step.x_displacement 
_ndb_struct_na_base_pair_step.y_displacement 
_ndb_struct_na_base_pair_step.helical_rise 
_ndb_struct_na_base_pair_step.inclination 
_ndb_struct_na_base_pair_step.tip 
_ndb_struct_na_base_pair_step.helical_twist 
_ndb_struct_na_base_pair_step.step_number 
_ndb_struct_na_base_pair_step.step_name 
_ndb_struct_na_base_pair_step.i_auth_asym_id_1 
_ndb_struct_na_base_pair_step.i_auth_seq_id_1 
_ndb_struct_na_base_pair_step.i_PDB_ins_code_1 
_ndb_struct_na_base_pair_step.j_auth_asym_id_1 
_ndb_struct_na_base_pair_step.j_auth_seq_id_1 
_ndb_struct_na_base_pair_step.j_PDB_ins_code_1 
_ndb_struct_na_base_pair_step.i_auth_asym_id_2 
_ndb_struct_na_base_pair_step.i_auth_seq_id_2 
_ndb_struct_na_base_pair_step.i_PDB_ins_code_2 
_ndb_struct_na_base_pair_step.j_auth_asym_id_2 
_ndb_struct_na_base_pair_step.j_auth_seq_id_2 
_ndb_struct_na_base_pair_step.j_PDB_ins_code_2 
1 A DC 3  1_555 D DG 7 1_555 A DA 4  1_555 D DT 6 1_555 0.210  0.105  3.251 2.788  6.643  34.628 -0.808 0.065  3.222 11.014 -4.621 
35.347 1  AA_DC3DA4:DT15DG16_DD A 3  ? D 16 ? A 4  ? D 15 ? 
1 A DA 4  1_555 D DT 6 1_555 A DA 5  1_555 D DT 5 1_555 -0.403 0.043  2.976 -4.719 2.611  36.524 -0.257 0.051  2.999 4.138  7.480  
36.907 2  AA_DA4DA5:DT14DT15_DD A 4  ? D 15 ? A 5  ? D 14 ? 
1 A DA 5  1_555 D DT 5 1_555 A DT 6  1_555 D DA 4 1_555 -0.076 -1.010 3.484 -0.160 -4.840 34.006 -0.887 0.102  3.590 -8.224 0.271  
34.339 3  AA_DA5DT6:DA13DT14_DD A 5  ? D 14 ? A 6  ? D 13 ? 
1 A DT 6  1_555 D DA 4 1_555 A DT 7  1_555 D DA 3 1_555 0.355  -0.306 3.350 1.375  -2.290 34.064 -0.148 -0.380 3.374 -3.902 -2.343 
34.165 4  AA_DT6DT7:DA12DA13_DD A 6  ? D 13 ? A 7  ? D 12 ? 
1 A DT 7  1_555 D DA 3 1_555 A DG 8  1_555 D DC 2 1_555 -0.031 -0.584 3.400 0.817  3.199  33.581 -1.542 0.189  3.330 5.520  -1.410 
33.738 5  AA_DT7DG8:DC11DA12_DD A 7  ? D 12 ? A 8  ? D 11 ? 
1 A DG 8  1_555 D DC 2 1_555 A DC 9  1_555 D DG 1 1_555 -0.489 -0.839 3.258 -9.947 3.521  40.656 -1.540 -0.358 3.206 4.967  14.032 
41.946 6  AA_DG8DC9:DG10DC11_DD A 8  ? D 11 ? A 9  ? D 10 ? 
1 A DC 9  1_555 D DG 1 1_555 A DT 10 1_555 B DA 5 1_555 -1.030 -0.964 3.229 -1.257 -1.581 24.897 -1.757 2.005  3.330 -3.660 2.910  
24.978 7  AA_DC9DT10:DA5DG10_BD A 9  ? D 10 ? A 10 ? B 5  ? 
1 A DT 10 1_555 B DA 5 1_555 A DG 11 1_555 B DC 4 1_555 -0.289 0.908  3.087 -3.808 8.115  29.289 0.135  -0.197 3.228 15.594 7.317  
30.602 8  AA_DT10DG11:DC4DA5_BB A 10 ? B 5  ? A 11 ? B 4  ? 
1 A DG 11 1_555 B DC 4 1_555 A DA 12 1_555 B DT 3 1_555 -0.253 -0.095 3.362 0.371  4.692  38.825 -0.721 0.423  3.326 7.027  -0.556 
39.098 9  AA_DG11DA12:DT3DC4_BB A 11 ? B 4  ? A 12 ? B 3  ? 
1 A DA 12 1_555 B DT 3 1_555 A DC 13 1_555 B DG 2 1_555 0.896  -0.917 3.305 -2.259 1.279  30.140 -2.014 -2.171 3.191 2.454  4.335  
30.249 10 AA_DA12DC13:DG2DT3_BB A 12 ? B 3  ? A 13 ? B 2  ? 
1 A DC 13 1_555 B DG 2 1_555 A DG 14 1_555 B DC 1 1_555 -0.347 -1.199 3.352 -2.819 6.294  32.987 -3.090 0.141  3.095 10.936 4.898  
33.680 11 AA_DC13DG14:DC1DG2_BB A 13 ? B 2  ? A 14 ? B 1  ? 
1 A DG 14 1_555 B DC 1 1_555 A DA 15 1_555 C DT 9 1_555 -1.172 -0.674 3.234 -3.775 -3.711 35.152 -0.553 1.359  3.389 -6.102 6.208  
35.536 12 AA_DG14DA15:DT9DC1_CB A 14 ? B 1  ? A 15 ? C 9  ? 
1 A DA 15 1_555 C DT 9 1_555 A DC 16 1_555 C DG 8 1_555 0.320  -0.470 3.299 -0.358 3.771  28.936 -1.753 -0.713 3.209 7.506  0.713  
29.178 13 AA_DA15DC16:DG8DT9_CC A 15 ? C 9  ? A 16 ? C 8  ? 
1 A DC 16 1_555 C DG 8 1_555 A DA 17 1_555 C DT 7 1_555 -0.304 0.107  3.197 -2.564 4.547  37.707 -0.404 0.147  3.201 6.994  3.944  
38.054 14 AA_DC16DA17:DT7DG8_CC A 16 ? C 8  ? A 17 ? C 7  ? 
1 A DA 17 1_555 C DT 7 1_555 A DC 18 1_555 C DG 6 1_555 0.385  -0.938 3.425 2.612  -0.244 29.323 -1.791 -0.169 3.453 -0.480 -5.147 
29.437 15 AA_DA17DC18:DG6DT7_CC A 17 ? C 7  ? A 18 ? C 6  ? 
1 A DC 18 1_555 C DG 6 1_555 A DT 19 1_555 C DA 5 1_555 -0.144 -0.524 3.320 1.448  5.906  32.694 -1.904 0.494  3.170 10.380 -2.544 
33.240 16 AA_DC18DT19:DA5DG6_CC A 18 ? C 6  ? A 19 ? C 5  ? 
1 A DT 19 1_555 C DA 5 1_555 A DC 20 1_555 C DG 4 1_555 0.581  1.004  3.362 1.509  4.471  35.321 0.958  -0.719 3.480 7.329  -2.474 
35.625 17 AA_DT19DC20:DG4DA5_CC A 19 ? C 5  ? A 20 ? C 4  ? 
1 A DC 20 1_555 C DG 4 1_555 A DA 21 1_555 C DT 3 1_555 -0.235 1.887  3.221 -0.682 -4.529 42.684 3.009  0.256  3.018 -6.200 0.934  
42.917 18 AA_DC20DA21:DT3DG4_CC A 20 ? C 4  ? A 21 ? C 3  ? 
# 
loop_
_pdbx_audit_support.funding_organization 
_pdbx_audit_support.country 
_pdbx_audit_support.grant_number 
_pdbx_audit_support.ordinal 
'National Science Foundation (NSF, United States)'                                         'United States' 1360635     1 
'National Institutes of Health/National Institute of General Medical Sciences (NIH/NIGMS)' 'United States' R01GM104960 2 
'National Science Foundation (NSF, United States)'                                         'United States' NSF2004250  3 
# 
loop_
_pdbx_entity_nonpoly.entity_id 
_pdbx_entity_nonpoly.name 
_pdbx_entity_nonpoly.comp_id 
5 NETROPSIN        NT  
6 'CACODYLATE ION' CAC 
7 water            HOH 
# 
_pdbx_initial_refinement_model.id               1 
_pdbx_initial_refinement_model.entity_id_list   ? 
_pdbx_initial_refinement_model.type             'experimental model' 
_pdbx_initial_refinement_model.source_name      PDB 
_pdbx_initial_refinement_model.accession_code   5KEK 
_pdbx_initial_refinement_model.details          ? 
# 
